data_6NFP
#
_entry.id   6NFP
#
_cell.length_a   81.414
_cell.length_b   143.989
_cell.length_c   85.515
_cell.angle_alpha   90.00
_cell.angle_beta   109.35
_cell.angle_gamma   90.00
#
_symmetry.space_group_name_H-M   'P 1 21 1'
#
loop_
_entity.id
_entity.type
_entity.pdbx_description
1 polymer Arginase
2 non-polymer 'CHLORIDE ION'
3 non-polymer 'SODIUM ION'
4 non-polymer 'MAGNESIUM ION'
5 non-polymer 'FORMIC ACID'
6 non-polymer UREA
7 non-polymer 1,2-ETHANEDIOL
8 non-polymer 'SULFATE ION'
9 non-polymer DI(HYDROXYETHYL)ETHER
10 non-polymer 'GLYCOLIC ACID'
11 water water
#
_entity_poly.entity_id   1
_entity_poly.type   'polypeptide(L)'
_entity_poly.pdbx_seq_one_letter_code
;SNAMDKTISVIGMPMDLGQARRGVDMGPSAIRYAHLIERLSDMGYTVEDLGDIPINREKIKNDEELKNLNSVLAGNEKLA
QKVNKVIEEKKFPLVLGGDHSIAIGTLAGTAKHYDNLGVIWYDAHGDLNTLETSPSGNIHGMPLAVSLGIGHESLVNLEG
YAPKIKPENVVIIGARSLDEGERKYIKESGMKVYTMHEIDRLGMTKVIEETLDYLSACDGVHLSLDLDGLDPNDAPGVGT
PVVGGISYRESHLAMEMLYDAGIITSAEFVEVNPILDHKNKTGKTAVELVESLLGKKLL
;
_entity_poly.pdbx_strand_id   A,B,C,D,E,F
#
# COMPACT_ATOMS: atom_id res chain seq x y z
N LYS A 6 34.22 -4.16 -25.28
N LYS A 6 34.46 -3.77 -25.28
CA LYS A 6 33.35 -3.92 -26.46
CA LYS A 6 33.47 -3.82 -26.39
C LYS A 6 32.39 -2.76 -26.19
C LYS A 6 32.41 -2.74 -26.18
N THR A 7 31.92 -2.12 -27.26
CA THR A 7 30.86 -1.10 -27.16
C THR A 7 29.57 -1.87 -26.82
N ILE A 8 28.70 -1.28 -26.00
CA ILE A 8 27.38 -1.91 -25.69
C ILE A 8 26.33 -1.29 -26.61
N SER A 9 25.64 -2.11 -27.41
CA SER A 9 24.59 -1.62 -28.32
C SER A 9 23.22 -1.92 -27.70
N VAL A 10 22.50 -0.87 -27.31
CA VAL A 10 21.19 -1.06 -26.64
C VAL A 10 20.08 -0.97 -27.68
N ILE A 11 19.19 -1.98 -27.67
CA ILE A 11 18.05 -2.05 -28.64
C ILE A 11 16.77 -2.25 -27.82
N GLY A 12 15.82 -1.34 -27.99
CA GLY A 12 14.53 -1.47 -27.29
C GLY A 12 13.49 -2.17 -28.15
N MET A 13 12.66 -3.00 -27.53
CA MET A 13 11.57 -3.74 -28.22
C MET A 13 10.29 -3.50 -27.44
N PRO A 14 9.55 -2.42 -27.75
CA PRO A 14 8.32 -2.10 -27.04
C PRO A 14 7.16 -2.95 -27.57
N MET A 15 7.28 -4.27 -27.41
CA MET A 15 6.31 -5.26 -27.90
C MET A 15 5.46 -5.77 -26.73
N ASP A 16 4.14 -5.72 -26.90
CA ASP A 16 3.18 -6.23 -25.87
C ASP A 16 2.04 -6.88 -26.64
N LEU A 17 2.31 -8.06 -27.17
CA LEU A 17 1.33 -8.75 -28.05
C LEU A 17 0.86 -10.06 -27.40
N GLY A 18 -0.16 -10.68 -27.97
CA GLY A 18 -0.74 -11.89 -27.37
C GLY A 18 -2.24 -11.75 -27.23
N GLN A 19 -2.87 -12.65 -26.47
CA GLN A 19 -4.36 -12.64 -26.34
C GLN A 19 -4.81 -11.36 -25.66
N ALA A 20 -4.01 -10.87 -24.72
CA ALA A 20 -4.32 -9.61 -24.02
C ALA A 20 -3.02 -8.86 -23.75
N ARG A 21 -3.08 -7.54 -23.66
CA ARG A 21 -1.89 -6.76 -23.31
C ARG A 21 -1.56 -7.01 -21.84
N ARG A 22 -0.28 -6.90 -21.50
CA ARG A 22 0.23 -7.11 -20.12
C ARG A 22 1.05 -5.89 -19.67
N GLY A 23 1.25 -4.87 -20.50
CA GLY A 23 1.94 -3.61 -20.14
C GLY A 23 3.43 -3.62 -20.40
N VAL A 24 3.96 -4.70 -20.97
CA VAL A 24 5.43 -4.87 -21.10
C VAL A 24 6.01 -4.04 -22.25
N ASP A 25 5.18 -3.41 -23.09
CA ASP A 25 5.74 -2.54 -24.15
C ASP A 25 6.40 -1.32 -23.52
N MET A 26 6.01 -0.99 -22.28
CA MET A 26 6.59 0.16 -21.56
C MET A 26 7.90 -0.23 -20.85
N GLY A 27 8.29 -1.51 -20.87
CA GLY A 27 9.53 -1.97 -20.25
C GLY A 27 10.77 -1.18 -20.67
N PRO A 28 11.06 -1.04 -21.97
CA PRO A 28 12.28 -0.31 -22.39
C PRO A 28 12.32 1.12 -21.85
N SER A 29 11.18 1.81 -21.86
CA SER A 29 11.11 3.21 -21.37
C SER A 29 11.45 3.25 -19.87
N ALA A 30 10.90 2.30 -19.10
CA ALA A 30 11.09 2.26 -17.64
C ALA A 30 12.55 1.95 -17.29
N ILE A 31 13.15 1.01 -18.03
CA ILE A 31 14.59 0.65 -17.82
C ILE A 31 15.45 1.87 -18.15
N ARG A 32 15.14 2.58 -19.24
CA ARG A 32 15.92 3.82 -19.55
C ARG A 32 15.66 4.88 -18.49
N TYR A 33 14.46 4.91 -17.92
CA TYR A 33 14.08 5.92 -16.89
C TYR A 33 14.97 5.73 -15.65
N ALA A 34 15.39 4.49 -15.40
CA ALA A 34 16.28 4.15 -14.27
C ALA A 34 17.75 4.42 -14.64
N HIS A 35 18.01 5.18 -15.72
CA HIS A 35 19.37 5.69 -16.07
C HIS A 35 20.30 4.59 -16.60
N LEU A 36 19.75 3.62 -17.33
CA LEU A 36 20.59 2.53 -17.88
C LEU A 36 21.81 3.10 -18.63
N ILE A 37 21.59 4.01 -19.58
CA ILE A 37 22.70 4.49 -20.45
C ILE A 37 23.77 5.20 -19.59
N GLU A 38 23.34 6.10 -18.72
CA GLU A 38 24.29 6.86 -17.88
C GLU A 38 25.09 5.87 -17.01
N ARG A 39 24.42 4.88 -16.41
CA ARG A 39 25.10 3.93 -15.50
C ARG A 39 26.17 3.15 -16.27
N LEU A 40 25.87 2.70 -17.49
CA LEU A 40 26.88 1.91 -18.25
C LEU A 40 28.03 2.82 -18.68
N SER A 41 27.72 4.05 -19.09
N SER A 41 27.71 4.06 -19.08
CA SER A 41 28.76 5.04 -19.49
CA SER A 41 28.73 5.07 -19.48
C SER A 41 29.67 5.34 -18.30
C SER A 41 29.67 5.35 -18.30
N ASP A 42 29.09 5.47 -17.10
CA ASP A 42 29.88 5.76 -15.87
C ASP A 42 30.83 4.60 -15.55
N MET A 43 30.51 3.39 -16.00
CA MET A 43 31.36 2.20 -15.75
C MET A 43 32.51 2.15 -16.78
N GLY A 44 32.53 3.07 -17.74
CA GLY A 44 33.63 3.16 -18.72
C GLY A 44 33.30 2.54 -20.08
N TYR A 45 32.08 2.03 -20.27
CA TYR A 45 31.74 1.46 -21.59
C TYR A 45 31.36 2.55 -22.59
N THR A 46 31.64 2.29 -23.86
CA THR A 46 31.10 3.13 -24.95
C THR A 46 29.67 2.60 -25.14
N VAL A 47 28.67 3.45 -25.03
CA VAL A 47 27.28 2.91 -25.15
C VAL A 47 26.58 3.57 -26.32
N GLU A 48 25.98 2.74 -27.17
N GLU A 48 25.96 2.76 -27.18
CA GLU A 48 25.19 3.22 -28.33
CA GLU A 48 25.21 3.33 -28.33
C GLU A 48 23.73 2.84 -28.07
C GLU A 48 23.76 2.89 -28.21
N ASP A 49 22.87 3.84 -27.90
CA ASP A 49 21.41 3.56 -27.75
C ASP A 49 20.86 3.62 -29.17
N LEU A 50 20.53 2.44 -29.73
CA LEU A 50 20.01 2.37 -31.11
C LEU A 50 18.51 2.67 -31.11
N GLY A 51 17.97 3.04 -29.95
CA GLY A 51 16.55 3.40 -29.81
C GLY A 51 15.63 2.19 -29.82
N ASP A 52 14.35 2.44 -30.09
CA ASP A 52 13.33 1.36 -30.07
C ASP A 52 12.93 0.97 -31.49
N ILE A 53 12.84 -0.33 -31.72
CA ILE A 53 12.34 -0.83 -33.01
C ILE A 53 10.84 -0.60 -33.03
N PRO A 54 10.31 -0.01 -34.12
CA PRO A 54 8.86 0.24 -34.24
C PRO A 54 8.09 -1.08 -34.29
N ILE A 55 7.01 -1.21 -33.51
CA ILE A 55 6.21 -2.47 -33.52
C ILE A 55 4.87 -2.21 -34.22
N ASN A 56 4.61 -2.93 -35.31
CA ASN A 56 3.39 -2.78 -36.15
C ASN A 56 2.13 -2.96 -35.30
N ARG A 57 1.22 -1.99 -35.40
CA ARG A 57 -0.10 -2.03 -34.71
C ARG A 57 -1.07 -2.68 -35.69
N GLU A 58 -1.95 -3.57 -35.20
N GLU A 58 -1.95 -3.55 -35.19
CA GLU A 58 -2.93 -4.22 -36.12
CA GLU A 58 -2.92 -4.26 -36.08
C GLU A 58 -4.29 -4.35 -35.43
C GLU A 58 -4.30 -4.29 -35.41
N LYS A 59 -5.35 -4.25 -36.24
CA LYS A 59 -6.79 -4.26 -35.81
C LYS A 59 -7.11 -5.28 -34.71
N ILE A 60 -8.17 -4.97 -33.96
CA ILE A 60 -8.71 -5.79 -32.83
C ILE A 60 -10.21 -6.02 -33.08
N ASP A 63 -10.22 -16.26 -31.35
CA ASP A 63 -10.37 -15.92 -32.80
C ASP A 63 -9.10 -16.34 -33.55
N GLU A 64 -8.06 -15.50 -33.49
CA GLU A 64 -6.77 -15.79 -34.17
C GLU A 64 -6.08 -16.94 -33.42
N GLU A 65 -5.46 -17.89 -34.13
CA GLU A 65 -4.78 -19.03 -33.44
C GLU A 65 -3.51 -18.50 -32.74
N LEU A 66 -2.50 -18.11 -33.52
CA LEU A 66 -1.28 -17.51 -32.94
C LEU A 66 -1.52 -16.00 -32.83
N LYS A 67 -1.57 -15.49 -31.60
CA LYS A 67 -1.99 -14.09 -31.35
C LYS A 67 -1.00 -13.08 -31.93
N ASN A 68 -1.51 -12.18 -32.78
CA ASN A 68 -0.70 -11.08 -33.38
C ASN A 68 0.49 -11.67 -34.14
N LEU A 69 0.31 -12.80 -34.82
CA LEU A 69 1.45 -13.46 -35.53
C LEU A 69 2.16 -12.49 -36.47
N ASN A 70 1.43 -11.79 -37.35
CA ASN A 70 2.10 -10.92 -38.35
C ASN A 70 3.01 -9.88 -37.69
N SER A 71 2.52 -9.24 -36.62
N SER A 71 2.54 -9.19 -36.64
CA SER A 71 3.26 -8.18 -35.90
CA SER A 71 3.38 -8.16 -35.98
C SER A 71 4.46 -8.76 -35.14
C SER A 71 4.49 -8.82 -35.17
N VAL A 72 4.34 -9.97 -34.61
N VAL A 72 4.17 -9.88 -34.43
CA VAL A 72 5.48 -10.60 -33.87
CA VAL A 72 5.20 -10.61 -33.63
C VAL A 72 6.55 -10.99 -34.89
C VAL A 72 6.35 -10.97 -34.58
N LEU A 73 6.14 -11.58 -36.02
N LEU A 73 6.00 -11.50 -35.76
CA LEU A 73 7.17 -11.96 -37.00
CA LEU A 73 7.01 -11.87 -36.80
C LEU A 73 7.87 -10.69 -37.51
C LEU A 73 7.80 -10.64 -37.24
N ALA A 74 7.10 -9.65 -37.80
CA ALA A 74 7.68 -8.40 -38.35
C ALA A 74 8.64 -7.76 -37.35
N GLY A 75 8.23 -7.66 -36.09
CA GLY A 75 9.11 -7.04 -35.08
C GLY A 75 10.38 -7.85 -34.89
N ASN A 76 10.24 -9.17 -34.88
CA ASN A 76 11.39 -10.09 -34.69
C ASN A 76 12.29 -10.07 -35.93
N GLU A 77 11.75 -9.82 -37.12
CA GLU A 77 12.63 -9.73 -38.31
C GLU A 77 13.50 -8.46 -38.18
N LYS A 78 12.88 -7.34 -37.82
CA LYS A 78 13.61 -6.06 -37.64
C LYS A 78 14.67 -6.24 -36.57
N LEU A 79 14.32 -6.93 -35.47
CA LEU A 79 15.28 -7.13 -34.36
C LEU A 79 16.44 -8.03 -34.78
N ALA A 80 16.16 -9.16 -35.44
CA ALA A 80 17.24 -10.07 -35.88
C ALA A 80 18.22 -9.32 -36.79
N GLN A 81 17.71 -8.49 -37.70
CA GLN A 81 18.60 -7.73 -38.62
C GLN A 81 19.46 -6.74 -37.83
N LYS A 82 18.89 -6.07 -36.83
CA LYS A 82 19.70 -5.08 -36.07
C LYS A 82 20.74 -5.82 -35.21
N VAL A 83 20.33 -6.90 -34.52
CA VAL A 83 21.25 -7.70 -33.65
C VAL A 83 22.38 -8.28 -34.52
N ASN A 84 22.05 -8.77 -35.72
CA ASN A 84 23.09 -9.31 -36.63
C ASN A 84 24.14 -8.23 -36.92
N LYS A 85 23.69 -7.03 -37.25
CA LYS A 85 24.58 -5.89 -37.59
C LYS A 85 25.49 -5.58 -36.39
N VAL A 86 24.92 -5.50 -35.20
CA VAL A 86 25.69 -5.24 -33.95
C VAL A 86 26.80 -6.29 -33.79
N ILE A 87 26.47 -7.56 -33.98
CA ILE A 87 27.50 -8.64 -33.82
C ILE A 87 28.55 -8.52 -34.93
N GLU A 88 28.14 -8.23 -36.16
CA GLU A 88 29.10 -8.08 -37.28
C GLU A 88 30.12 -6.97 -36.95
N GLU A 89 29.68 -5.96 -36.18
CA GLU A 89 30.51 -4.79 -35.79
C GLU A 89 31.32 -5.09 -34.52
N LYS A 90 31.25 -6.33 -34.03
N LYS A 90 31.25 -6.34 -34.05
CA LYS A 90 32.00 -6.79 -32.82
CA LYS A 90 31.98 -6.80 -32.84
C LYS A 90 31.55 -6.02 -31.58
C LYS A 90 31.56 -5.95 -31.63
N LYS A 91 30.25 -5.68 -31.51
CA LYS A 91 29.67 -4.94 -30.36
C LYS A 91 28.78 -5.91 -29.57
N PHE A 92 28.49 -5.57 -28.33
CA PHE A 92 27.69 -6.44 -27.45
C PHE A 92 26.23 -6.03 -27.59
N PRO A 93 25.33 -6.93 -28.06
CA PRO A 93 23.91 -6.61 -28.13
C PRO A 93 23.21 -6.75 -26.75
N LEU A 94 22.61 -5.65 -26.31
CA LEU A 94 21.80 -5.62 -25.08
C LEU A 94 20.37 -5.24 -25.49
N VAL A 95 19.48 -6.23 -25.50
CA VAL A 95 18.08 -5.99 -25.92
C VAL A 95 17.17 -5.81 -24.69
N LEU A 96 16.28 -4.81 -24.76
CA LEU A 96 15.32 -4.51 -23.68
C LEU A 96 13.92 -4.87 -24.16
N GLY A 97 13.19 -5.66 -23.38
CA GLY A 97 11.79 -5.99 -23.70
C GLY A 97 10.83 -5.29 -22.74
N GLY A 98 9.53 -5.40 -23.01
CA GLY A 98 8.99 -6.13 -24.14
C GLY A 98 8.63 -7.55 -23.76
N ASP A 99 7.73 -8.18 -24.51
CA ASP A 99 7.31 -9.57 -24.17
C ASP A 99 8.45 -10.53 -24.57
N HIS A 100 8.48 -11.71 -23.97
CA HIS A 100 9.61 -12.65 -24.19
C HIS A 100 9.63 -13.19 -25.62
N SER A 101 8.61 -12.91 -26.46
CA SER A 101 8.68 -13.44 -27.84
C SER A 101 9.86 -12.80 -28.58
N ILE A 102 10.41 -11.71 -28.05
CA ILE A 102 11.55 -11.02 -28.73
C ILE A 102 12.80 -11.91 -28.71
N ALA A 103 12.84 -12.95 -27.87
CA ALA A 103 13.99 -13.87 -27.88
C ALA A 103 14.08 -14.56 -29.25
N ILE A 104 12.96 -14.67 -29.95
CA ILE A 104 12.96 -15.30 -31.30
C ILE A 104 13.87 -14.48 -32.22
N GLY A 105 13.68 -13.16 -32.23
CA GLY A 105 14.51 -12.30 -33.09
C GLY A 105 15.93 -12.16 -32.57
N THR A 106 16.09 -12.08 -31.24
CA THR A 106 17.46 -11.94 -30.69
C THR A 106 18.29 -13.16 -31.06
N LEU A 107 17.73 -14.36 -30.85
CA LEU A 107 18.47 -15.60 -31.16
C LEU A 107 18.62 -15.77 -32.68
N ALA A 108 17.65 -15.29 -33.47
CA ALA A 108 17.79 -15.46 -34.93
C ALA A 108 18.98 -14.62 -35.42
N GLY A 109 19.20 -13.45 -34.82
CA GLY A 109 20.30 -12.56 -35.24
C GLY A 109 21.63 -12.98 -34.63
N THR A 110 21.60 -13.82 -33.60
CA THR A 110 22.84 -14.18 -32.86
C THR A 110 23.39 -15.59 -33.18
N ALA A 111 22.52 -16.60 -33.20
CA ALA A 111 22.95 -18.02 -33.23
C ALA A 111 23.81 -18.35 -34.46
N LYS A 112 23.53 -17.72 -35.60
CA LYS A 112 24.30 -18.03 -36.84
C LYS A 112 25.76 -17.56 -36.72
N HIS A 113 26.10 -16.81 -35.68
CA HIS A 113 27.49 -16.31 -35.48
C HIS A 113 28.31 -17.27 -34.61
N TYR A 114 27.69 -18.36 -34.17
CA TYR A 114 28.32 -19.37 -33.27
C TYR A 114 28.02 -20.78 -33.78
N ASP A 115 28.88 -21.73 -33.41
CA ASP A 115 28.66 -23.15 -33.80
C ASP A 115 27.84 -23.85 -32.73
N ASN A 116 28.00 -23.38 -31.48
N ASN A 116 27.97 -23.38 -31.48
CA ASN A 116 27.32 -23.97 -30.31
CA ASN A 116 27.30 -24.05 -30.33
C ASN A 116 26.96 -22.86 -29.32
C ASN A 116 26.87 -22.97 -29.31
N LEU A 117 25.93 -22.09 -29.68
CA LEU A 117 25.49 -21.00 -28.78
C LEU A 117 24.77 -21.59 -27.57
N GLY A 118 25.25 -21.24 -26.38
CA GLY A 118 24.56 -21.67 -25.16
C GLY A 118 23.50 -20.63 -24.79
N VAL A 119 22.50 -21.03 -24.03
CA VAL A 119 21.41 -20.08 -23.64
C VAL A 119 21.10 -20.29 -22.17
N ILE A 120 21.20 -19.22 -21.38
CA ILE A 120 20.78 -19.29 -19.95
C ILE A 120 19.41 -18.61 -19.93
N TRP A 121 18.38 -19.41 -19.68
CA TRP A 121 16.98 -18.95 -19.74
C TRP A 121 16.53 -18.72 -18.30
N TYR A 122 16.57 -17.47 -17.89
CA TYR A 122 16.33 -17.06 -16.47
C TYR A 122 14.89 -16.55 -16.43
N ASP A 123 14.01 -17.39 -15.88
CA ASP A 123 12.57 -17.12 -16.09
C ASP A 123 11.73 -18.03 -15.19
N ALA A 124 10.55 -17.54 -14.79
CA ALA A 124 9.58 -18.35 -14.04
C ALA A 124 8.97 -19.38 -14.99
N HIS A 125 8.97 -19.03 -16.28
CA HIS A 125 8.32 -19.85 -17.33
C HIS A 125 9.35 -20.52 -18.24
N GLY A 126 9.01 -21.71 -18.75
CA GLY A 126 9.91 -22.37 -19.70
C GLY A 126 9.75 -21.81 -21.12
N ASP A 127 8.58 -21.25 -21.44
CA ASP A 127 8.30 -20.67 -22.79
C ASP A 127 8.63 -21.71 -23.88
N LEU A 128 8.23 -22.97 -23.63
CA LEU A 128 8.48 -24.11 -24.54
C LEU A 128 7.18 -24.57 -25.20
N ASN A 129 6.17 -23.69 -25.25
CA ASN A 129 4.87 -24.12 -25.85
C ASN A 129 4.88 -24.04 -27.38
N THR A 130 3.94 -24.81 -27.93
CA THR A 130 3.51 -24.74 -29.34
C THR A 130 2.02 -24.41 -29.28
N LEU A 131 1.39 -24.17 -30.43
CA LEU A 131 -0.06 -23.86 -30.37
C LEU A 131 -0.79 -25.04 -29.72
N GLU A 132 -0.32 -26.27 -29.99
CA GLU A 132 -0.96 -27.50 -29.46
C GLU A 132 -0.91 -27.55 -27.92
N THR A 133 0.09 -26.94 -27.30
CA THR A 133 0.22 -27.04 -25.81
C THR A 133 -0.18 -25.72 -25.15
N SER A 134 -0.45 -24.68 -25.93
CA SER A 134 -0.75 -23.34 -25.38
C SER A 134 -2.25 -23.11 -25.25
N PRO A 135 -2.76 -22.76 -24.05
CA PRO A 135 -4.19 -22.49 -23.89
C PRO A 135 -4.57 -21.07 -24.36
N SER A 136 -3.59 -20.28 -24.82
CA SER A 136 -3.81 -18.86 -25.21
C SER A 136 -3.42 -18.54 -26.65
N GLY A 137 -2.47 -19.28 -27.22
CA GLY A 137 -1.88 -18.91 -28.52
C GLY A 137 -0.88 -17.77 -28.35
N ASN A 138 -0.44 -17.49 -27.11
CA ASN A 138 0.52 -16.39 -26.87
C ASN A 138 1.90 -16.82 -27.38
N ILE A 139 2.44 -16.10 -28.36
CA ILE A 139 3.78 -16.44 -28.89
C ILE A 139 4.85 -16.15 -27.83
N HIS A 140 4.58 -15.28 -26.86
CA HIS A 140 5.60 -15.01 -25.81
C HIS A 140 5.78 -16.22 -24.89
N GLY A 141 4.88 -17.22 -24.99
CA GLY A 141 5.03 -18.49 -24.25
C GLY A 141 5.67 -19.56 -25.11
N MET A 142 6.20 -19.20 -26.28
CA MET A 142 6.76 -20.20 -27.23
C MET A 142 8.19 -19.90 -27.71
N PRO A 143 8.88 -18.80 -27.33
CA PRO A 143 10.16 -18.48 -27.98
C PRO A 143 11.27 -19.52 -27.82
N LEU A 144 11.33 -20.22 -26.68
CA LEU A 144 12.43 -21.21 -26.52
C LEU A 144 12.15 -22.39 -27.46
N ALA A 145 10.91 -22.87 -27.49
CA ALA A 145 10.52 -23.95 -28.44
C ALA A 145 10.82 -23.51 -29.88
N VAL A 146 10.38 -22.30 -30.25
CA VAL A 146 10.64 -21.81 -31.63
C VAL A 146 12.14 -21.84 -31.95
N SER A 147 12.97 -21.37 -31.02
CA SER A 147 14.43 -21.27 -31.25
C SER A 147 15.08 -22.66 -31.33
N LEU A 148 14.43 -23.67 -30.73
CA LEU A 148 14.88 -25.08 -30.76
C LEU A 148 14.37 -25.74 -32.05
N GLY A 149 13.64 -25.00 -32.90
CA GLY A 149 13.14 -25.51 -34.20
C GLY A 149 11.77 -26.18 -34.11
N ILE A 150 11.01 -25.91 -33.05
CA ILE A 150 9.69 -26.57 -32.80
C ILE A 150 8.60 -25.50 -32.77
N GLY A 151 7.67 -25.54 -33.73
CA GLY A 151 6.59 -24.54 -33.74
C GLY A 151 6.23 -24.07 -35.13
N HIS A 152 5.62 -22.89 -35.20
CA HIS A 152 5.09 -22.33 -36.47
C HIS A 152 6.23 -22.09 -37.46
N GLU A 153 6.06 -22.55 -38.72
CA GLU A 153 7.13 -22.50 -39.74
C GLU A 153 7.77 -21.11 -39.87
N SER A 154 6.98 -20.05 -40.01
CA SER A 154 7.57 -18.70 -40.24
C SER A 154 8.39 -18.24 -39.03
N LEU A 155 8.03 -18.68 -37.83
CA LEU A 155 8.80 -18.28 -36.62
C LEU A 155 10.07 -19.12 -36.52
N VAL A 156 9.95 -20.42 -36.75
CA VAL A 156 11.10 -21.36 -36.66
C VAL A 156 12.15 -21.03 -37.74
N ASN A 157 11.70 -20.63 -38.93
CA ASN A 157 12.62 -20.39 -40.07
C ASN A 157 13.00 -18.90 -40.20
N LEU A 158 12.80 -18.11 -39.15
CA LEU A 158 13.21 -16.68 -39.24
C LEU A 158 14.70 -16.58 -39.62
N GLU A 159 15.01 -15.73 -40.61
CA GLU A 159 16.39 -15.42 -41.10
C GLU A 159 16.95 -16.59 -41.94
N GLY A 160 16.09 -17.53 -42.32
CA GLY A 160 16.43 -18.60 -43.28
C GLY A 160 17.25 -19.74 -42.73
N TYR A 161 17.19 -20.03 -41.43
CA TYR A 161 17.94 -21.19 -40.89
C TYR A 161 17.21 -21.68 -39.64
N ALA A 162 17.39 -22.96 -39.33
CA ALA A 162 16.76 -23.61 -38.15
C ALA A 162 17.44 -24.95 -37.90
N PRO A 163 17.58 -25.38 -36.63
CA PRO A 163 17.17 -24.59 -35.47
C PRO A 163 18.25 -23.57 -35.09
N LYS A 164 17.89 -22.58 -34.26
CA LYS A 164 18.92 -21.61 -33.80
C LYS A 164 19.79 -22.24 -32.71
N ILE A 165 19.16 -22.98 -31.79
CA ILE A 165 19.89 -23.58 -30.66
C ILE A 165 19.55 -25.07 -30.52
N LYS A 166 20.41 -25.78 -29.80
CA LYS A 166 20.26 -27.23 -29.51
C LYS A 166 19.81 -27.38 -28.07
N PRO A 167 18.94 -28.36 -27.75
CA PRO A 167 18.47 -28.52 -26.37
C PRO A 167 19.59 -28.78 -25.36
N GLU A 168 20.68 -29.43 -25.78
CA GLU A 168 21.79 -29.73 -24.83
C GLU A 168 22.56 -28.45 -24.44
N ASN A 169 22.28 -27.33 -25.12
CA ASN A 169 23.01 -26.06 -24.87
C ASN A 169 22.14 -25.07 -24.08
N VAL A 170 21.01 -25.53 -23.52
CA VAL A 170 20.09 -24.63 -22.77
C VAL A 170 20.13 -24.98 -21.28
N VAL A 171 20.19 -23.94 -20.46
CA VAL A 171 19.98 -24.14 -18.99
C VAL A 171 18.85 -23.20 -18.57
N ILE A 172 17.75 -23.74 -18.07
CA ILE A 172 16.64 -22.92 -17.51
C ILE A 172 16.90 -22.76 -16.00
N ILE A 173 16.82 -21.52 -15.55
CA ILE A 173 16.99 -21.19 -14.10
C ILE A 173 15.77 -20.41 -13.61
N GLY A 174 15.11 -20.92 -12.56
CA GLY A 174 13.99 -20.23 -11.87
C GLY A 174 12.61 -20.76 -12.22
N ALA A 175 12.55 -21.82 -13.02
CA ALA A 175 11.25 -22.31 -13.54
C ALA A 175 10.32 -22.71 -12.39
N ARG A 176 9.07 -22.27 -12.48
CA ARG A 176 8.05 -22.61 -11.46
C ARG A 176 6.64 -22.55 -12.07
N SER A 177 6.53 -22.42 -13.40
CA SER A 177 5.22 -22.40 -14.09
C SER A 177 5.40 -23.11 -15.45
N LEU A 178 5.26 -24.43 -15.44
CA LEU A 178 5.42 -25.28 -16.65
C LEU A 178 4.15 -26.09 -16.86
N ASP A 179 3.59 -26.10 -18.09
CA ASP A 179 2.38 -26.92 -18.36
C ASP A 179 2.83 -28.35 -18.71
N GLU A 180 1.88 -29.28 -18.86
CA GLU A 180 2.24 -30.71 -19.05
C GLU A 180 3.06 -30.89 -20.32
N GLY A 181 2.71 -30.17 -21.40
CA GLY A 181 3.44 -30.31 -22.68
C GLY A 181 4.89 -29.90 -22.54
N GLU A 182 5.13 -28.82 -21.79
CA GLU A 182 6.51 -28.31 -21.55
C GLU A 182 7.27 -29.31 -20.68
N ARG A 183 6.63 -29.83 -19.63
CA ARG A 183 7.29 -30.82 -18.76
C ARG A 183 7.67 -32.06 -19.56
N LYS A 184 6.75 -32.54 -20.40
CA LYS A 184 7.08 -33.76 -21.19
C LYS A 184 8.28 -33.47 -22.09
N TYR A 185 8.31 -32.30 -22.73
CA TYR A 185 9.42 -31.97 -23.64
C TYR A 185 10.75 -31.90 -22.88
N ILE A 186 10.73 -31.26 -21.70
CA ILE A 186 11.98 -31.17 -20.90
C ILE A 186 12.50 -32.57 -20.55
N LYS A 187 11.60 -33.47 -20.18
CA LYS A 187 12.02 -34.85 -19.80
C LYS A 187 12.48 -35.62 -21.03
N GLU A 188 11.77 -35.48 -22.15
CA GLU A 188 12.16 -36.22 -23.38
C GLU A 188 13.51 -35.74 -23.92
N SER A 189 13.73 -34.42 -23.90
CA SER A 189 14.95 -33.79 -24.48
C SER A 189 16.15 -33.86 -23.53
N GLY A 190 15.92 -34.13 -22.24
CA GLY A 190 17.02 -34.16 -21.26
C GLY A 190 17.51 -32.75 -20.97
N MET A 191 16.66 -31.76 -21.19
CA MET A 191 17.08 -30.35 -20.99
C MET A 191 17.42 -30.08 -19.51
N LYS A 192 18.49 -29.32 -19.30
CA LYS A 192 18.95 -28.95 -17.93
C LYS A 192 18.04 -27.84 -17.36
N VAL A 193 17.34 -28.14 -16.27
CA VAL A 193 16.40 -27.15 -15.68
C VAL A 193 16.59 -27.10 -14.17
N TYR A 194 16.84 -25.91 -13.65
CA TYR A 194 16.92 -25.64 -12.20
C TYR A 194 15.60 -24.99 -11.80
N THR A 195 14.67 -25.79 -11.31
CA THR A 195 13.41 -25.21 -10.79
C THR A 195 13.74 -24.54 -9.44
N MET A 196 12.77 -23.83 -8.87
CA MET A 196 12.99 -23.19 -7.55
C MET A 196 13.40 -24.25 -6.52
N HIS A 197 12.88 -25.47 -6.65
CA HIS A 197 13.23 -26.55 -5.69
C HIS A 197 14.75 -26.79 -5.73
N GLU A 198 15.35 -26.84 -6.93
CA GLU A 198 16.80 -27.11 -7.05
C GLU A 198 17.59 -25.90 -6.55
N ILE A 199 17.12 -24.68 -6.82
CA ILE A 199 17.81 -23.47 -6.32
C ILE A 199 17.79 -23.48 -4.79
N ASP A 200 16.65 -23.84 -4.20
CA ASP A 200 16.53 -23.86 -2.71
C ASP A 200 17.52 -24.89 -2.13
N ARG A 201 17.56 -26.07 -2.74
CA ARG A 201 18.38 -27.20 -2.24
C ARG A 201 19.88 -26.95 -2.47
N LEU A 202 20.25 -26.45 -3.65
CA LEU A 202 21.70 -26.32 -3.99
C LEU A 202 22.26 -24.94 -3.64
N GLY A 203 21.45 -23.88 -3.68
CA GLY A 203 21.98 -22.52 -3.52
C GLY A 203 22.38 -21.98 -4.89
N MET A 204 22.21 -20.68 -5.09
CA MET A 204 22.52 -20.06 -6.41
C MET A 204 24.02 -20.21 -6.76
N THR A 205 24.93 -20.15 -5.77
CA THR A 205 26.37 -20.31 -6.11
C THR A 205 26.62 -21.63 -6.87
N LYS A 206 26.12 -22.74 -6.32
N LYS A 206 26.14 -22.76 -6.32
CA LYS A 206 26.29 -24.09 -6.92
CA LYS A 206 26.34 -24.09 -6.95
C LYS A 206 25.56 -24.16 -8.26
C LYS A 206 25.57 -24.17 -8.27
N VAL A 207 24.37 -23.57 -8.33
CA VAL A 207 23.57 -23.57 -9.59
C VAL A 207 24.40 -22.92 -10.71
N ILE A 208 24.98 -21.74 -10.44
CA ILE A 208 25.78 -21.05 -11.50
C ILE A 208 27.07 -21.86 -11.80
N GLU A 209 27.76 -22.36 -10.78
CA GLU A 209 28.98 -23.19 -11.01
C GLU A 209 28.62 -24.38 -11.91
N GLU A 210 27.52 -25.07 -11.61
CA GLU A 210 27.10 -26.22 -12.45
C GLU A 210 26.73 -25.75 -13.87
N THR A 211 26.03 -24.61 -13.98
CA THR A 211 25.65 -24.05 -15.30
C THR A 211 26.92 -23.76 -16.13
N LEU A 212 27.92 -23.14 -15.51
CA LEU A 212 29.17 -22.81 -16.24
C LEU A 212 29.85 -24.09 -16.74
N ASP A 213 29.88 -25.12 -15.90
CA ASP A 213 30.49 -26.42 -16.28
C ASP A 213 29.68 -27.03 -17.44
N TYR A 214 28.35 -27.00 -17.33
CA TYR A 214 27.49 -27.63 -18.35
C TYR A 214 27.64 -26.97 -19.71
N LEU A 215 27.88 -25.66 -19.75
CA LEU A 215 27.94 -24.93 -21.05
C LEU A 215 29.40 -24.66 -21.43
N SER A 216 30.34 -25.40 -20.83
CA SER A 216 31.80 -25.18 -21.05
C SER A 216 32.24 -25.49 -22.48
N ALA A 217 31.38 -26.13 -23.28
CA ALA A 217 31.74 -26.50 -24.67
C ALA A 217 31.02 -25.57 -25.66
N CYS A 218 30.40 -24.49 -25.16
CA CYS A 218 29.74 -23.50 -26.05
C CYS A 218 30.74 -22.41 -26.45
N ASP A 219 30.66 -21.88 -27.68
CA ASP A 219 31.58 -20.82 -28.17
C ASP A 219 31.02 -19.43 -27.86
N GLY A 220 29.77 -19.36 -27.42
CA GLY A 220 29.15 -18.10 -26.97
C GLY A 220 28.00 -18.44 -26.05
N VAL A 221 27.59 -17.51 -25.19
CA VAL A 221 26.42 -17.80 -24.32
C VAL A 221 25.50 -16.57 -24.27
N HIS A 222 24.24 -16.78 -24.65
CA HIS A 222 23.22 -15.70 -24.58
C HIS A 222 22.47 -15.79 -23.24
N LEU A 223 22.33 -14.65 -22.54
CA LEU A 223 21.50 -14.63 -21.32
C LEU A 223 20.14 -14.05 -21.68
N SER A 224 19.08 -14.81 -21.48
CA SER A 224 17.71 -14.30 -21.71
C SER A 224 17.08 -14.14 -20.32
N LEU A 225 17.14 -12.93 -19.79
CA LEU A 225 16.66 -12.72 -18.40
C LEU A 225 15.28 -12.06 -18.39
N ASP A 226 14.34 -12.82 -17.90
CA ASP A 226 12.95 -12.37 -17.71
C ASP A 226 12.87 -11.89 -16.28
N LEU A 227 12.52 -10.63 -16.07
CA LEU A 227 12.43 -10.13 -14.68
C LEU A 227 11.43 -10.97 -13.88
N ASP A 228 10.53 -11.72 -14.54
CA ASP A 228 9.57 -12.56 -13.77
C ASP A 228 10.27 -13.79 -13.15
N GLY A 229 11.57 -13.96 -13.40
CA GLY A 229 12.30 -15.04 -12.72
C GLY A 229 12.46 -14.66 -11.26
N LEU A 230 12.53 -13.37 -11.00
CA LEU A 230 12.65 -12.90 -9.60
C LEU A 230 11.29 -12.97 -8.90
N ASP A 231 11.32 -13.06 -7.58
CA ASP A 231 10.07 -13.08 -6.79
C ASP A 231 9.36 -11.75 -6.97
N PRO A 232 8.01 -11.74 -7.08
CA PRO A 232 7.24 -10.50 -7.18
C PRO A 232 7.52 -9.52 -6.02
N ASN A 233 8.02 -10.01 -4.89
CA ASN A 233 8.37 -9.09 -3.77
C ASN A 233 9.52 -8.17 -4.21
N ASP A 234 10.42 -8.69 -5.06
CA ASP A 234 11.61 -7.94 -5.53
C ASP A 234 11.37 -7.33 -6.91
N ALA A 235 10.55 -7.98 -7.74
CA ALA A 235 10.28 -7.53 -9.12
C ALA A 235 8.77 -7.58 -9.34
N PRO A 236 8.00 -6.68 -8.70
CA PRO A 236 6.54 -6.70 -8.85
C PRO A 236 6.06 -6.32 -10.26
N GLY A 237 6.84 -5.48 -10.93
CA GLY A 237 6.44 -4.95 -12.25
C GLY A 237 6.85 -5.85 -13.38
N VAL A 238 6.12 -6.96 -13.53
CA VAL A 238 6.39 -7.90 -14.64
C VAL A 238 5.08 -8.25 -15.34
N GLY A 239 5.19 -8.76 -16.57
CA GLY A 239 3.97 -9.07 -17.34
C GLY A 239 3.12 -10.17 -16.68
N THR A 240 3.77 -11.21 -16.16
CA THR A 240 3.02 -12.35 -15.58
C THR A 240 3.74 -12.81 -14.33
N PRO A 241 3.46 -12.17 -13.18
CA PRO A 241 4.13 -12.54 -11.95
C PRO A 241 3.75 -13.94 -11.45
N VAL A 242 4.75 -14.63 -10.89
CA VAL A 242 4.57 -15.98 -10.28
C VAL A 242 5.23 -15.99 -8.89
N VAL A 243 4.44 -16.31 -7.88
CA VAL A 243 4.95 -16.37 -6.47
C VAL A 243 6.15 -17.32 -6.34
N GLY A 244 7.00 -17.07 -5.32
CA GLY A 244 8.10 -17.96 -4.95
C GLY A 244 9.28 -17.96 -5.90
N GLY A 245 9.80 -16.78 -6.21
CA GLY A 245 10.89 -16.67 -7.19
C GLY A 245 12.23 -16.36 -6.55
N ILE A 246 13.21 -16.15 -7.41
CA ILE A 246 14.62 -15.86 -7.07
C ILE A 246 14.70 -14.47 -6.42
N SER A 247 15.48 -14.34 -5.35
CA SER A 247 15.61 -13.00 -4.72
C SER A 247 16.48 -12.06 -5.56
N TYR A 248 16.37 -10.78 -5.26
CA TYR A 248 17.29 -9.77 -5.87
C TYR A 248 18.73 -10.17 -5.55
N ARG A 249 19.06 -10.47 -4.28
CA ARG A 249 20.46 -10.81 -3.93
C ARG A 249 20.95 -12.05 -4.69
N GLU A 250 20.14 -13.09 -4.84
CA GLU A 250 20.58 -14.28 -5.60
C GLU A 250 20.84 -13.91 -7.06
N SER A 251 19.97 -13.04 -7.60
CA SER A 251 20.10 -12.64 -9.03
C SER A 251 21.36 -11.77 -9.19
N HIS A 252 21.61 -10.89 -8.22
CA HIS A 252 22.80 -10.00 -8.26
C HIS A 252 24.07 -10.84 -8.21
N LEU A 253 24.11 -11.83 -7.30
CA LEU A 253 25.26 -12.75 -7.20
C LEU A 253 25.39 -13.52 -8.53
N ALA A 254 24.27 -13.97 -9.09
CA ALA A 254 24.36 -14.74 -10.36
C ALA A 254 25.00 -13.86 -11.44
N MET A 255 24.57 -12.60 -11.55
CA MET A 255 25.16 -11.74 -12.61
C MET A 255 26.64 -11.51 -12.35
N GLU A 256 27.05 -11.27 -11.10
CA GLU A 256 28.49 -11.07 -10.79
C GLU A 256 29.29 -12.32 -11.18
N MET A 257 28.76 -13.51 -10.88
CA MET A 257 29.46 -14.77 -11.23
C MET A 257 29.55 -14.94 -12.75
N LEU A 258 28.49 -14.58 -13.48
CA LEU A 258 28.52 -14.69 -14.97
C LEU A 258 29.55 -13.71 -15.52
N TYR A 259 29.59 -12.49 -14.97
CA TYR A 259 30.63 -11.53 -15.44
C TYR A 259 32.03 -12.13 -15.22
N ASP A 260 32.30 -12.63 -14.01
CA ASP A 260 33.63 -13.19 -13.69
C ASP A 260 34.01 -14.34 -14.62
N ALA A 261 33.02 -15.13 -15.06
CA ALA A 261 33.27 -16.28 -15.97
C ALA A 261 33.61 -15.78 -17.38
N GLY A 262 33.12 -14.60 -17.78
CA GLY A 262 33.43 -13.98 -19.09
C GLY A 262 32.78 -14.69 -20.25
N ILE A 263 31.74 -15.49 -20.00
CA ILE A 263 31.10 -16.32 -21.07
C ILE A 263 29.94 -15.60 -21.78
N ILE A 264 29.38 -14.55 -21.20
CA ILE A 264 28.12 -13.95 -21.80
C ILE A 264 28.49 -13.04 -22.97
N THR A 265 27.98 -13.40 -24.16
CA THR A 265 28.31 -12.67 -25.42
C THR A 265 27.11 -11.86 -25.92
N SER A 266 25.94 -12.06 -25.32
CA SER A 266 24.73 -11.25 -25.66
C SER A 266 23.71 -11.37 -24.52
N ALA A 267 22.81 -10.39 -24.41
CA ALA A 267 21.81 -10.50 -23.33
C ALA A 267 20.55 -9.72 -23.67
N GLU A 268 19.44 -10.17 -23.11
CA GLU A 268 18.14 -9.46 -23.21
C GLU A 268 17.52 -9.49 -21.81
N PHE A 269 16.95 -8.35 -21.42
CA PHE A 269 16.26 -8.13 -20.13
C PHE A 269 14.83 -7.77 -20.51
N VAL A 270 13.90 -8.66 -20.19
CA VAL A 270 12.53 -8.53 -20.76
C VAL A 270 11.42 -8.64 -19.72
N GLU A 271 10.20 -8.30 -20.15
CA GLU A 271 8.96 -8.49 -19.36
C GLU A 271 8.79 -7.48 -18.22
N VAL A 272 9.52 -6.36 -18.27
CA VAL A 272 9.27 -5.29 -17.27
C VAL A 272 7.92 -4.65 -17.60
N ASN A 273 7.06 -4.53 -16.59
CA ASN A 273 5.68 -4.01 -16.75
C ASN A 273 5.44 -2.90 -15.75
N PRO A 274 5.52 -1.62 -16.15
CA PRO A 274 5.28 -0.52 -15.21
C PRO A 274 3.90 -0.52 -14.54
N ILE A 275 2.90 -1.17 -15.16
CA ILE A 275 1.51 -1.16 -14.59
C ILE A 275 1.49 -1.80 -13.19
N LEU A 276 2.25 -2.88 -12.97
CA LEU A 276 2.23 -3.59 -11.66
C LEU A 276 3.45 -3.19 -10.82
N ASP A 277 4.30 -2.29 -11.30
CA ASP A 277 5.53 -1.92 -10.56
C ASP A 277 5.26 -0.90 -9.44
N HIS A 278 6.22 -0.78 -8.53
CA HIS A 278 6.13 0.20 -7.41
C HIS A 278 7.27 1.21 -7.59
N LYS A 279 6.95 2.40 -8.07
N LYS A 279 6.93 2.40 -8.10
CA LYS A 279 7.95 3.49 -8.29
CA LYS A 279 7.85 3.53 -8.37
C LYS A 279 9.19 2.93 -9.00
C LYS A 279 9.13 3.06 -9.08
N ASN A 280 8.98 2.22 -10.11
CA ASN A 280 10.06 1.70 -10.97
C ASN A 280 11.03 0.78 -10.21
N LYS A 281 10.58 0.10 -9.17
CA LYS A 281 11.48 -0.86 -8.47
C LYS A 281 12.04 -1.88 -9.47
N THR A 282 11.21 -2.34 -10.40
CA THR A 282 11.63 -3.41 -11.32
C THR A 282 12.52 -2.83 -12.43
N GLY A 283 12.23 -1.62 -12.91
CA GLY A 283 13.14 -1.00 -13.91
C GLY A 283 14.50 -0.74 -13.27
N LYS A 284 14.51 -0.26 -12.02
CA LYS A 284 15.81 -0.04 -11.34
C LYS A 284 16.55 -1.37 -11.13
N THR A 285 15.80 -2.41 -10.76
CA THR A 285 16.40 -3.75 -10.55
C THR A 285 17.02 -4.23 -11.86
N ALA A 286 16.30 -4.05 -12.98
CA ALA A 286 16.85 -4.46 -14.27
C ALA A 286 18.20 -3.76 -14.52
N VAL A 287 18.27 -2.45 -14.29
CA VAL A 287 19.55 -1.72 -14.48
C VAL A 287 20.63 -2.27 -13.56
N GLU A 288 20.32 -2.49 -12.28
CA GLU A 288 21.33 -3.02 -11.32
C GLU A 288 21.89 -4.37 -11.82
N LEU A 289 21.02 -5.23 -12.32
CA LEU A 289 21.41 -6.57 -12.81
C LEU A 289 22.28 -6.44 -14.06
N VAL A 290 21.94 -5.49 -14.95
CA VAL A 290 22.76 -5.24 -16.16
C VAL A 290 24.14 -4.73 -15.71
N GLU A 291 24.16 -3.82 -14.73
CA GLU A 291 25.46 -3.29 -14.24
C GLU A 291 26.33 -4.44 -13.71
N SER A 292 25.73 -5.36 -12.94
CA SER A 292 26.51 -6.48 -12.35
C SER A 292 26.99 -7.42 -13.47
N LEU A 293 26.13 -7.66 -14.43
CA LEU A 293 26.50 -8.57 -15.54
C LEU A 293 27.68 -7.97 -16.32
N LEU A 294 27.76 -6.65 -16.37
CA LEU A 294 28.81 -5.96 -17.15
C LEU A 294 29.99 -5.55 -16.26
N GLY A 295 30.05 -6.08 -15.03
CA GLY A 295 31.30 -5.94 -14.24
C GLY A 295 31.23 -5.00 -13.06
N LYS A 296 30.09 -4.37 -12.79
CA LYS A 296 30.03 -3.47 -11.60
C LYS A 296 30.29 -4.32 -10.35
N LYS A 297 31.09 -3.80 -9.41
CA LYS A 297 31.39 -4.51 -8.14
C LYS A 297 31.01 -3.57 -7.00
N LEU A 298 30.73 -4.13 -5.82
CA LEU A 298 30.41 -3.33 -4.61
C LEU A 298 31.69 -2.78 -3.98
N LEU A 299 32.84 -3.41 -4.25
CA LEU A 299 34.15 -2.96 -3.73
C LEU A 299 35.20 -3.14 -4.82
N ASN B 2 28.62 -15.07 31.20
CA ASN B 2 27.96 -14.62 29.93
C ASN B 2 26.87 -13.60 30.27
N ALA B 3 26.21 -13.76 31.43
CA ALA B 3 25.15 -12.82 31.88
C ALA B 3 25.77 -11.44 32.16
N MET B 4 25.31 -10.40 31.46
CA MET B 4 25.88 -9.05 31.70
C MET B 4 25.10 -8.38 32.83
N ASP B 5 25.67 -8.39 34.04
CA ASP B 5 25.05 -7.79 35.26
C ASP B 5 25.42 -6.30 35.28
N LYS B 6 25.10 -5.61 34.19
CA LYS B 6 25.36 -4.16 34.06
C LYS B 6 24.05 -3.43 33.80
N THR B 7 23.97 -2.21 34.30
CA THR B 7 22.80 -1.37 34.01
C THR B 7 22.96 -0.82 32.59
N ILE B 8 21.85 -0.75 31.85
CA ILE B 8 21.86 -0.21 30.46
C ILE B 8 21.53 1.27 30.56
N SER B 9 22.36 2.13 29.98
CA SER B 9 22.09 3.59 29.98
C SER B 9 21.69 3.94 28.55
N VAL B 10 20.44 4.37 28.36
CA VAL B 10 19.92 4.69 27.00
C VAL B 10 20.09 6.21 26.78
N ILE B 11 20.69 6.58 25.64
CA ILE B 11 20.90 8.01 25.31
C ILE B 11 20.34 8.26 23.92
N GLY B 12 19.41 9.21 23.81
CA GLY B 12 18.86 9.54 22.47
C GLY B 12 19.61 10.71 21.85
N MET B 13 19.79 10.65 20.54
CA MET B 13 20.46 11.71 19.75
C MET B 13 19.57 12.08 18.58
N PRO B 14 18.62 13.01 18.77
CA PRO B 14 17.69 13.41 17.71
C PRO B 14 18.36 14.37 16.71
N MET B 15 19.40 13.89 16.05
CA MET B 15 20.21 14.71 15.11
C MET B 15 19.85 14.36 13.66
N ASP B 16 19.51 15.37 12.86
CA ASP B 16 19.17 15.19 11.42
C ASP B 16 19.80 16.36 10.66
N LEU B 17 21.11 16.27 10.46
CA LEU B 17 21.86 17.39 9.84
C LEU B 17 22.44 16.94 8.49
N GLY B 18 22.92 17.89 7.70
CA GLY B 18 23.43 17.56 6.35
C GLY B 18 22.88 18.53 5.33
N GLN B 19 23.08 18.25 4.04
CA GLN B 19 22.62 19.19 2.98
C GLN B 19 21.10 19.33 3.07
N ALA B 20 20.41 18.26 3.48
CA ALA B 20 18.94 18.31 3.64
C ALA B 20 18.53 17.38 4.77
N ARG B 21 17.41 17.67 5.41
CA ARG B 21 16.91 16.75 6.47
C ARG B 21 16.48 15.43 5.83
N ARG B 22 16.57 14.34 6.59
CA ARG B 22 16.16 13.00 6.10
C ARG B 22 15.12 12.39 7.05
N GLY B 23 14.79 13.05 8.19
CA GLY B 23 13.74 12.56 9.10
C GLY B 23 14.28 11.70 10.23
N VAL B 24 15.60 11.53 10.31
CA VAL B 24 16.20 10.58 11.31
C VAL B 24 16.22 11.18 12.71
N ASP B 25 15.92 12.46 12.86
CA ASP B 25 15.88 13.02 14.26
C ASP B 25 14.73 12.35 15.04
N MET B 26 13.74 11.82 14.34
CA MET B 26 12.59 11.17 15.00
C MET B 26 12.91 9.72 15.37
N GLY B 27 14.10 9.26 15.02
CA GLY B 27 14.49 7.86 15.27
C GLY B 27 14.39 7.46 16.74
N PRO B 28 15.02 8.21 17.67
CA PRO B 28 14.94 7.82 19.07
C PRO B 28 13.48 7.70 19.58
N SER B 29 12.63 8.64 19.19
CA SER B 29 11.21 8.59 19.62
C SER B 29 10.53 7.32 19.08
N ALA B 30 10.75 7.00 17.80
CA ALA B 30 10.13 5.82 17.16
C ALA B 30 10.64 4.52 17.82
N ILE B 31 11.92 4.48 18.18
CA ILE B 31 12.49 3.26 18.84
C ILE B 31 11.85 3.12 20.22
N ARG B 32 11.76 4.23 20.96
CA ARG B 32 11.08 4.18 22.28
C ARG B 32 9.60 3.81 22.11
N TYR B 33 8.94 4.25 21.03
CA TYR B 33 7.50 3.98 20.78
C TYR B 33 7.28 2.46 20.67
N ALA B 34 8.29 1.75 20.16
CA ALA B 34 8.29 0.27 20.04
C ALA B 34 8.62 -0.41 21.38
N HIS B 35 8.54 0.33 22.50
CA HIS B 35 8.67 -0.24 23.87
C HIS B 35 10.08 -0.71 24.22
N LEU B 36 11.10 -0.04 23.70
CA LEU B 36 12.49 -0.41 24.02
C LEU B 36 12.71 -0.61 25.53
N ILE B 37 12.36 0.40 26.32
CA ILE B 37 12.67 0.34 27.78
C ILE B 37 11.93 -0.82 28.47
N GLU B 38 10.63 -0.96 28.22
CA GLU B 38 9.83 -2.05 28.82
C GLU B 38 10.39 -3.40 28.38
N ARG B 39 10.78 -3.55 27.11
CA ARG B 39 11.27 -4.87 26.62
C ARG B 39 12.55 -5.26 27.35
N LEU B 40 13.49 -4.32 27.51
CA LEU B 40 14.77 -4.61 28.20
C LEU B 40 14.53 -4.86 29.70
N SER B 41 13.58 -4.12 30.28
CA SER B 41 13.21 -4.32 31.71
C SER B 41 12.61 -5.71 31.92
N ASP B 42 11.73 -6.13 31.00
CA ASP B 42 11.08 -7.47 31.07
C ASP B 42 12.13 -8.58 30.95
N MET B 43 13.25 -8.32 30.27
CA MET B 43 14.34 -9.32 30.09
C MET B 43 15.14 -9.41 31.40
N GLY B 44 14.89 -8.50 32.34
CA GLY B 44 15.58 -8.53 33.64
C GLY B 44 16.67 -7.47 33.81
N TYR B 45 16.89 -6.65 32.78
CA TYR B 45 17.90 -5.58 32.88
C TYR B 45 17.39 -4.39 33.70
N THR B 46 18.32 -3.76 34.39
CA THR B 46 18.09 -2.45 35.01
C THR B 46 18.39 -1.46 33.89
N VAL B 47 17.42 -0.60 33.57
CA VAL B 47 17.54 0.33 32.42
C VAL B 47 17.32 1.77 32.89
N GLU B 48 18.22 2.67 32.54
N GLU B 48 18.24 2.64 32.54
CA GLU B 48 18.03 4.10 32.90
CA GLU B 48 18.11 4.08 32.84
C GLU B 48 17.99 4.90 31.60
C GLU B 48 17.93 4.77 31.48
N ASP B 49 16.83 5.51 31.32
CA ASP B 49 16.66 6.31 30.08
C ASP B 49 17.18 7.71 30.44
N LEU B 50 18.34 8.06 29.88
CA LEU B 50 18.93 9.38 30.21
C LEU B 50 18.30 10.47 29.35
N GLY B 51 17.34 10.09 28.51
CA GLY B 51 16.62 11.04 27.65
C GLY B 51 17.39 11.40 26.40
N ASP B 52 17.07 12.57 25.84
CA ASP B 52 17.70 13.01 24.58
C ASP B 52 18.67 14.16 24.84
N ILE B 53 19.83 14.10 24.19
CA ILE B 53 20.80 15.22 24.19
C ILE B 53 20.16 16.32 23.37
N PRO B 54 20.14 17.59 23.83
CA PRO B 54 19.55 18.65 23.02
C PRO B 54 20.41 18.93 21.78
N ILE B 55 19.77 18.92 20.60
CA ILE B 55 20.49 19.17 19.33
C ILE B 55 20.05 20.55 18.84
N ASN B 56 20.76 21.59 19.30
CA ASN B 56 20.47 23.02 19.02
C ASN B 56 21.02 23.41 17.63
N GLU B 65 31.15 24.49 3.90
CA GLU B 65 31.36 23.28 3.04
C GLU B 65 30.98 22.04 3.86
N LEU B 66 31.46 21.91 5.10
CA LEU B 66 30.99 20.78 5.94
C LEU B 66 29.63 21.21 6.49
N LYS B 67 28.58 20.50 6.05
CA LYS B 67 27.18 20.84 6.37
C LYS B 67 26.93 20.80 7.89
N ASN B 68 26.52 21.95 8.45
CA ASN B 68 26.13 22.05 9.88
C ASN B 68 27.25 21.61 10.82
N LEU B 69 28.50 21.93 10.47
CA LEU B 69 29.67 21.53 11.28
C LEU B 69 29.48 21.93 12.76
N ASN B 70 29.10 23.17 13.02
CA ASN B 70 29.02 23.66 14.43
C ASN B 70 27.99 22.85 15.22
N SER B 71 26.81 22.59 14.63
CA SER B 71 25.76 21.81 15.31
C SER B 71 26.19 20.34 15.48
N VAL B 72 26.87 19.77 14.48
CA VAL B 72 27.37 18.37 14.60
C VAL B 72 28.40 18.30 15.73
N LEU B 73 29.32 19.27 15.78
CA LEU B 73 30.36 19.31 16.84
C LEU B 73 29.71 19.46 18.23
N ALA B 74 28.81 20.44 18.39
CA ALA B 74 28.18 20.70 19.71
C ALA B 74 27.44 19.45 20.21
N GLY B 75 26.64 18.82 19.35
CA GLY B 75 25.88 17.65 19.77
C GLY B 75 26.78 16.47 20.10
N ASN B 76 27.84 16.26 19.32
CA ASN B 76 28.76 15.10 19.53
C ASN B 76 29.57 15.34 20.81
N GLU B 77 29.87 16.60 21.10
CA GLU B 77 30.61 16.97 22.34
C GLU B 77 29.75 16.56 23.56
N LYS B 78 28.46 16.92 23.54
CA LYS B 78 27.55 16.56 24.66
C LYS B 78 27.39 15.05 24.75
N LEU B 79 27.26 14.37 23.59
CA LEU B 79 27.10 12.90 23.59
C LEU B 79 28.36 12.24 24.17
N ALA B 80 29.53 12.70 23.74
CA ALA B 80 30.81 12.09 24.20
C ALA B 80 30.92 12.24 25.72
N GLN B 81 30.56 13.40 26.25
CA GLN B 81 30.64 13.59 27.73
C GLN B 81 29.65 12.63 28.41
N LYS B 82 28.43 12.48 27.87
CA LYS B 82 27.45 11.58 28.53
C LYS B 82 27.90 10.11 28.46
N VAL B 83 28.38 9.66 27.29
CA VAL B 83 28.86 8.26 27.12
C VAL B 83 30.05 8.01 28.05
N ASN B 84 30.97 8.97 28.12
CA ASN B 84 32.16 8.84 29.00
C ASN B 84 31.73 8.62 30.46
N LYS B 85 30.73 9.37 30.92
CA LYS B 85 30.25 9.25 32.32
C LYS B 85 29.59 7.87 32.52
N VAL B 86 28.87 7.37 31.51
CA VAL B 86 28.19 6.06 31.63
C VAL B 86 29.26 4.98 31.77
N ILE B 87 30.33 5.06 30.96
CA ILE B 87 31.42 4.05 31.02
C ILE B 87 32.18 4.18 32.34
N GLU B 88 32.40 5.40 32.83
CA GLU B 88 33.08 5.56 34.14
C GLU B 88 32.23 4.89 35.23
N GLU B 89 30.90 4.87 35.06
CA GLU B 89 29.98 4.28 36.06
C GLU B 89 29.84 2.77 35.86
N LYS B 90 30.58 2.20 34.90
CA LYS B 90 30.57 0.73 34.63
C LYS B 90 29.18 0.30 34.15
N LYS B 91 28.53 1.18 33.38
CA LYS B 91 27.21 0.89 32.78
C LYS B 91 27.42 0.69 31.28
N PHE B 92 26.43 0.11 30.63
CA PHE B 92 26.48 -0.19 29.16
C PHE B 92 25.81 0.94 28.41
N PRO B 93 26.53 1.69 27.55
CA PRO B 93 25.91 2.76 26.79
C PRO B 93 25.21 2.22 25.54
N LEU B 94 23.93 2.56 25.41
CA LEU B 94 23.08 2.21 24.25
C LEU B 94 22.59 3.52 23.67
N VAL B 95 23.14 3.90 22.51
CA VAL B 95 22.82 5.22 21.91
C VAL B 95 21.82 5.03 20.76
N LEU B 96 20.82 5.88 20.71
CA LEU B 96 19.78 5.83 19.65
C LEU B 96 19.97 7.01 18.73
N GLY B 97 19.95 6.76 17.41
CA GLY B 97 20.07 7.86 16.42
C GLY B 97 18.76 7.99 15.64
N GLY B 98 18.63 9.06 14.83
CA GLY B 98 19.67 10.05 14.66
C GLY B 98 20.59 9.69 13.48
N ASP B 99 21.24 10.71 12.91
CA ASP B 99 22.12 10.45 11.74
C ASP B 99 23.40 9.74 12.23
N HIS B 100 24.08 9.05 11.32
CA HIS B 100 25.25 8.22 11.70
C HIS B 100 26.43 9.11 12.12
N SER B 101 26.32 10.43 12.00
CA SER B 101 27.44 11.29 12.44
C SER B 101 27.58 11.14 13.96
N ILE B 102 26.54 10.62 14.62
CA ILE B 102 26.63 10.53 16.12
C ILE B 102 27.68 9.50 16.56
N ALA B 103 28.11 8.62 15.68
CA ALA B 103 29.19 7.66 16.00
C ALA B 103 30.47 8.44 16.38
N ILE B 104 30.65 9.65 15.86
CA ILE B 104 31.83 10.48 16.21
C ILE B 104 31.80 10.70 17.73
N GLY B 105 30.67 11.18 18.27
CA GLY B 105 30.56 11.40 19.73
C GLY B 105 30.59 10.09 20.53
N THR B 106 29.92 9.05 20.03
CA THR B 106 29.89 7.77 20.80
C THR B 106 31.32 7.22 20.93
N LEU B 107 32.04 7.13 19.82
CA LEU B 107 33.42 6.60 19.85
C LEU B 107 34.35 7.57 20.61
N ALA B 108 34.07 8.88 20.58
CA ALA B 108 34.94 9.82 21.34
C ALA B 108 34.78 9.55 22.84
N GLY B 109 33.58 9.23 23.28
CA GLY B 109 33.40 9.00 24.73
C GLY B 109 33.82 7.60 25.15
N THR B 110 33.97 6.68 24.20
CA THR B 110 34.24 5.25 24.50
C THR B 110 35.70 4.82 24.27
N ALA B 111 36.30 5.23 23.16
CA ALA B 111 37.61 4.65 22.76
C ALA B 111 38.71 4.82 23.81
N LYS B 112 38.74 5.97 24.49
CA LYS B 112 39.82 6.24 25.49
C LYS B 112 39.75 5.27 26.67
N HIS B 113 38.67 4.50 26.80
CA HIS B 113 38.54 3.54 27.94
C HIS B 113 39.09 2.16 27.60
N TYR B 114 39.60 1.96 26.37
CA TYR B 114 40.11 0.64 25.92
C TYR B 114 41.48 0.77 25.27
N ASP B 115 42.29 -0.28 25.38
CA ASP B 115 43.62 -0.29 24.75
C ASP B 115 43.46 -0.53 23.25
N ASN B 116 42.46 -1.35 22.89
CA ASN B 116 42.24 -1.74 21.48
C ASN B 116 40.75 -1.93 21.25
N LEU B 117 40.03 -0.82 21.07
CA LEU B 117 38.56 -0.94 20.82
C LEU B 117 38.30 -1.47 19.42
N GLY B 118 37.52 -2.54 19.32
CA GLY B 118 37.09 -3.05 18.01
C GLY B 118 35.81 -2.34 17.59
N VAL B 119 35.53 -2.26 16.30
CA VAL B 119 34.25 -1.63 15.84
C VAL B 119 33.64 -2.50 14.76
N ILE B 120 32.38 -2.90 14.98
CA ILE B 120 31.59 -3.62 13.94
C ILE B 120 30.68 -2.55 13.34
N TRP B 121 30.93 -2.21 12.07
CA TRP B 121 30.22 -1.14 11.35
C TRP B 121 29.18 -1.82 10.44
N TYR B 122 27.95 -1.91 10.92
CA TYR B 122 26.86 -2.65 10.26
C TYR B 122 26.04 -1.63 9.49
N ASP B 123 26.28 -1.57 8.17
CA ASP B 123 25.77 -0.42 7.39
C ASP B 123 25.85 -0.70 5.89
N ALA B 124 24.92 -0.15 5.12
CA ALA B 124 24.99 -0.21 3.64
C ALA B 124 26.16 0.67 3.17
N HIS B 125 26.55 1.64 4.00
CA HIS B 125 27.58 2.65 3.64
C HIS B 125 28.83 2.44 4.48
N GLY B 126 29.97 2.80 3.93
CA GLY B 126 31.21 2.69 4.71
C GLY B 126 31.40 3.93 5.58
N ASP B 127 30.81 5.06 5.18
CA ASP B 127 30.96 6.34 5.93
C ASP B 127 32.45 6.66 6.15
N LEU B 128 33.26 6.43 5.12
CA LEU B 128 34.74 6.65 5.12
C LEU B 128 35.08 7.88 4.30
N ASN B 129 34.13 8.78 4.12
CA ASN B 129 34.40 9.98 3.30
C ASN B 129 35.10 11.10 4.07
N THR B 130 35.74 11.97 3.29
CA THR B 130 36.27 13.29 3.73
C THR B 130 35.58 14.31 2.81
N LEU B 131 35.78 15.59 3.08
CA LEU B 131 35.19 16.61 2.18
C LEU B 131 35.65 16.35 0.73
N GLU B 132 36.89 15.88 0.57
CA GLU B 132 37.50 15.65 -0.77
C GLU B 132 36.77 14.53 -1.52
N THR B 133 36.28 13.51 -0.82
CA THR B 133 35.66 12.34 -1.50
C THR B 133 34.13 12.42 -1.40
N SER B 134 33.58 13.41 -0.72
CA SER B 134 32.09 13.47 -0.55
C SER B 134 31.44 14.44 -1.54
N PRO B 135 30.46 13.96 -2.35
CA PRO B 135 29.74 14.83 -3.27
C PRO B 135 28.70 15.73 -2.56
N SER B 136 28.54 15.58 -1.24
CA SER B 136 27.50 16.34 -0.48
C SER B 136 28.10 17.22 0.64
N GLY B 137 29.21 16.77 1.24
CA GLY B 137 29.74 17.49 2.42
C GLY B 137 28.98 17.04 3.66
N ASN B 138 28.19 15.96 3.52
CA ASN B 138 27.40 15.41 4.65
C ASN B 138 28.34 14.76 5.65
N ILE B 139 28.35 15.29 6.87
CA ILE B 139 29.24 14.68 7.90
C ILE B 139 28.74 13.28 8.27
N HIS B 140 27.46 12.97 8.04
CA HIS B 140 26.96 11.60 8.39
C HIS B 140 27.53 10.54 7.44
N GLY B 141 28.23 10.96 6.37
CA GLY B 141 28.92 10.04 5.46
C GLY B 141 30.41 9.99 5.76
N MET B 142 30.82 10.52 6.93
CA MET B 142 32.25 10.62 7.29
C MET B 142 32.61 10.09 8.68
N PRO B 143 31.69 9.57 9.53
CA PRO B 143 32.08 9.30 10.91
C PRO B 143 33.14 8.19 11.11
N LEU B 144 33.17 7.19 10.24
CA LEU B 144 34.20 6.13 10.41
C LEU B 144 35.56 6.73 10.06
N ALA B 145 35.65 7.52 8.98
CA ALA B 145 36.95 8.15 8.63
C ALA B 145 37.38 9.06 9.80
N VAL B 146 36.46 9.90 10.25
CA VAL B 146 36.77 10.84 11.35
C VAL B 146 37.33 10.04 12.54
N SER B 147 36.67 8.93 12.87
CA SER B 147 37.06 8.13 14.06
C SER B 147 38.44 7.48 13.86
N LEU B 148 38.82 7.23 12.60
CA LEU B 148 40.16 6.67 12.25
C LEU B 148 41.21 7.78 12.19
N GLY B 149 40.82 9.02 12.47
CA GLY B 149 41.78 10.15 12.46
C GLY B 149 41.89 10.84 11.11
N ILE B 150 40.96 10.58 10.19
CA ILE B 150 41.04 11.17 8.82
C ILE B 150 39.85 12.11 8.60
N GLY B 151 40.13 13.41 8.46
CA GLY B 151 39.04 14.37 8.23
C GLY B 151 39.30 15.72 8.86
N HIS B 152 38.24 16.48 9.05
CA HIS B 152 38.31 17.84 9.62
C HIS B 152 38.87 17.77 11.04
N GLU B 153 39.87 18.61 11.33
CA GLU B 153 40.61 18.56 12.62
C GLU B 153 39.67 18.61 13.84
N SER B 154 38.71 19.54 13.88
CA SER B 154 37.81 19.64 15.08
C SER B 154 36.96 18.37 15.29
N LEU B 155 36.65 17.63 14.21
CA LEU B 155 35.85 16.38 14.36
C LEU B 155 36.79 15.25 14.78
N VAL B 156 37.96 15.18 14.15
CA VAL B 156 38.98 14.14 14.42
C VAL B 156 39.48 14.24 15.87
N ASN B 157 39.63 15.47 16.38
N ASN B 157 39.65 15.47 16.37
CA ASN B 157 40.22 15.75 17.71
CA ASN B 157 40.24 15.68 17.72
C ASN B 157 39.15 15.89 18.80
C ASN B 157 39.13 15.97 18.74
N LEU B 158 37.91 15.47 18.53
CA LEU B 158 36.83 15.63 19.53
C LEU B 158 37.27 14.99 20.86
N GLU B 159 37.10 15.72 21.97
CA GLU B 159 37.48 15.24 23.33
C GLU B 159 39.01 15.24 23.51
N GLY B 160 39.75 15.89 22.61
CA GLY B 160 41.20 16.13 22.80
C GLY B 160 42.11 14.92 22.56
N TYR B 161 41.67 13.94 21.76
CA TYR B 161 42.58 12.81 21.45
C TYR B 161 42.21 12.23 20.08
N ALA B 162 43.19 11.58 19.46
CA ALA B 162 42.96 10.99 18.12
C ALA B 162 44.13 10.06 17.80
N PRO B 163 43.92 9.00 17.01
CA PRO B 163 42.60 8.63 16.48
C PRO B 163 41.84 7.82 17.54
N LYS B 164 40.52 7.71 17.40
CA LYS B 164 39.75 6.87 18.36
C LYS B 164 40.01 5.39 18.09
N ILE B 165 40.07 4.98 16.81
CA ILE B 165 40.20 3.54 16.46
C ILE B 165 41.28 3.36 15.40
N LYS B 166 41.78 2.12 15.29
CA LYS B 166 42.80 1.70 14.31
C LYS B 166 42.09 0.95 13.21
N PRO B 167 42.53 1.08 11.94
CA PRO B 167 41.86 0.41 10.82
C PRO B 167 41.83 -1.13 10.91
N GLU B 168 42.83 -1.72 11.56
CA GLU B 168 42.88 -3.20 11.70
C GLU B 168 41.84 -3.70 12.71
N ASN B 169 41.20 -2.77 13.45
CA ASN B 169 40.20 -3.14 14.49
C ASN B 169 38.76 -2.89 14.00
N VAL B 170 38.62 -2.62 12.69
CA VAL B 170 37.28 -2.36 12.09
C VAL B 170 36.83 -3.55 11.23
N VAL B 171 35.56 -3.91 11.38
CA VAL B 171 34.95 -4.87 10.43
C VAL B 171 33.67 -4.20 9.92
N ILE B 172 33.59 -3.97 8.60
CA ILE B 172 32.35 -3.42 7.99
C ILE B 172 31.52 -4.60 7.51
N ILE B 173 30.23 -4.61 7.86
CA ILE B 173 29.30 -5.68 7.44
C ILE B 173 28.08 -5.07 6.73
N GLY B 174 27.84 -5.46 5.47
CA GLY B 174 26.63 -5.04 4.73
C GLY B 174 26.86 -3.99 3.65
N ALA B 175 28.12 -3.57 3.46
CA ALA B 175 28.48 -2.49 2.53
C ALA B 175 27.99 -2.77 1.11
N ARG B 176 27.37 -1.78 0.48
CA ARG B 176 26.90 -1.90 -0.91
C ARG B 176 26.82 -0.52 -1.54
N SER B 177 27.33 0.50 -0.86
CA SER B 177 27.37 1.87 -1.43
C SER B 177 28.68 2.53 -1.00
N LEU B 178 29.76 2.25 -1.74
CA LEU B 178 31.11 2.78 -1.48
C LEU B 178 31.57 3.59 -2.69
N ASP B 179 31.96 4.87 -2.49
CA ASP B 179 32.44 5.70 -3.63
C ASP B 179 33.91 5.37 -3.92
N GLU B 180 34.47 5.95 -4.98
CA GLU B 180 35.86 5.57 -5.39
C GLU B 180 36.88 5.89 -4.28
N GLY B 181 36.75 7.03 -3.61
CA GLY B 181 37.70 7.36 -2.53
C GLY B 181 37.63 6.34 -1.40
N GLU B 182 36.43 5.89 -1.04
CA GLU B 182 36.27 4.89 0.04
C GLU B 182 36.88 3.55 -0.38
N ARG B 183 36.61 3.13 -1.61
CA ARG B 183 37.17 1.84 -2.08
C ARG B 183 38.70 1.88 -2.04
N LYS B 184 39.29 2.97 -2.56
CA LYS B 184 40.77 3.12 -2.58
C LYS B 184 41.32 2.97 -1.15
N TYR B 185 40.68 3.64 -0.17
CA TYR B 185 41.15 3.60 1.23
C TYR B 185 41.03 2.19 1.82
N ILE B 186 39.90 1.52 1.54
CA ILE B 186 39.70 0.14 2.09
C ILE B 186 40.82 -0.77 1.57
N LYS B 187 41.14 -0.70 0.27
CA LYS B 187 42.19 -1.55 -0.34
C LYS B 187 43.58 -1.16 0.16
N GLU B 188 43.88 0.14 0.29
CA GLU B 188 45.23 0.58 0.75
C GLU B 188 45.44 0.27 2.24
N SER B 189 44.40 0.40 3.06
CA SER B 189 44.51 0.15 4.53
C SER B 189 44.39 -1.35 4.86
N GLY B 190 43.87 -2.17 3.94
CA GLY B 190 43.66 -3.60 4.21
C GLY B 190 42.48 -3.81 5.16
N MET B 191 41.59 -2.82 5.24
CA MET B 191 40.42 -2.92 6.15
C MET B 191 39.55 -4.14 5.80
N LYS B 192 39.05 -4.80 6.84
CA LYS B 192 38.20 -6.00 6.65
C LYS B 192 36.78 -5.55 6.32
N VAL B 193 36.31 -5.91 5.12
CA VAL B 193 34.95 -5.47 4.70
C VAL B 193 34.18 -6.66 4.13
N TYR B 194 32.99 -6.89 4.68
CA TYR B 194 32.07 -7.91 4.14
C TYR B 194 30.99 -7.18 3.36
N THR B 195 31.18 -7.09 2.05
CA THR B 195 30.12 -6.46 1.22
C THR B 195 28.95 -7.44 1.15
N MET B 196 27.84 -7.02 0.55
CA MET B 196 26.70 -7.96 0.38
C MET B 196 27.18 -9.16 -0.44
N HIS B 197 28.17 -8.95 -1.31
CA HIS B 197 28.67 -10.06 -2.17
C HIS B 197 29.29 -11.15 -1.28
N GLU B 198 30.07 -10.74 -0.26
CA GLU B 198 30.72 -11.71 0.67
C GLU B 198 29.65 -12.36 1.57
N ILE B 199 28.65 -11.61 2.02
CA ILE B 199 27.56 -12.21 2.83
C ILE B 199 26.83 -13.27 1.98
N ASP B 200 26.50 -12.94 0.72
CA ASP B 200 25.82 -13.90 -0.20
C ASP B 200 26.67 -15.17 -0.35
N ARG B 201 27.99 -15.00 -0.48
CA ARG B 201 28.93 -16.12 -0.76
C ARG B 201 29.20 -16.95 0.51
N LEU B 202 29.48 -16.30 1.64
CA LEU B 202 29.87 -17.01 2.89
C LEU B 202 28.68 -17.38 3.78
N GLY B 203 27.62 -16.57 3.79
CA GLY B 203 26.50 -16.75 4.74
C GLY B 203 26.82 -16.00 6.02
N MET B 204 25.79 -15.45 6.69
CA MET B 204 26.02 -14.62 7.90
C MET B 204 26.71 -15.42 9.02
N THR B 205 26.42 -16.72 9.18
CA THR B 205 27.09 -17.46 10.28
C THR B 205 28.60 -17.36 10.11
N LYS B 206 29.12 -17.69 8.93
CA LYS B 206 30.59 -17.65 8.70
C LYS B 206 31.10 -16.21 8.81
N VAL B 207 30.34 -15.23 8.34
CA VAL B 207 30.80 -13.81 8.42
C VAL B 207 31.03 -13.43 9.89
N ILE B 208 30.09 -13.79 10.76
CA ILE B 208 30.22 -13.41 12.21
C ILE B 208 31.33 -14.26 12.85
N GLU B 209 31.41 -15.55 12.51
CA GLU B 209 32.52 -16.37 13.08
C GLU B 209 33.87 -15.73 12.73
N GLU B 210 34.05 -15.35 11.46
CA GLU B 210 35.32 -14.72 11.00
C GLU B 210 35.52 -13.38 11.70
N THR B 211 34.45 -12.60 11.85
CA THR B 211 34.52 -11.29 12.54
C THR B 211 35.02 -11.49 13.98
N LEU B 212 34.41 -12.42 14.71
CA LEU B 212 34.82 -12.67 16.12
C LEU B 212 36.30 -13.09 16.20
N ASP B 213 36.75 -13.94 15.28
N ASP B 213 36.74 -13.96 15.29
CA ASP B 213 38.16 -14.40 15.24
CA ASP B 213 38.16 -14.40 15.24
C ASP B 213 39.07 -13.19 14.97
C ASP B 213 39.07 -13.20 14.96
N TYR B 214 38.70 -12.38 13.97
CA TYR B 214 39.50 -11.20 13.55
C TYR B 214 39.65 -10.18 14.68
N LEU B 215 38.61 -10.01 15.49
CA LEU B 215 38.62 -8.95 16.54
C LEU B 215 38.92 -9.56 17.92
N SER B 216 39.42 -10.79 17.98
CA SER B 216 39.64 -11.52 19.26
C SER B 216 40.65 -10.82 20.18
N ALA B 217 41.61 -10.05 19.66
CA ALA B 217 42.60 -9.36 20.52
C ALA B 217 42.06 -8.02 21.08
N CYS B 218 40.86 -7.59 20.67
CA CYS B 218 40.30 -6.31 21.18
C CYS B 218 39.84 -6.46 22.63
N ASP B 219 39.98 -5.40 23.45
CA ASP B 219 39.55 -5.49 24.87
C ASP B 219 38.14 -4.91 25.05
N GLY B 220 37.54 -4.42 23.98
CA GLY B 220 36.16 -3.92 23.96
C GLY B 220 35.73 -3.90 22.51
N VAL B 221 34.44 -4.06 22.24
CA VAL B 221 33.98 -3.96 20.83
C VAL B 221 32.70 -3.13 20.80
N HIS B 222 32.67 -2.14 19.93
CA HIS B 222 31.51 -1.26 19.77
C HIS B 222 30.72 -1.69 18.53
N LEU B 223 29.41 -1.88 18.67
CA LEU B 223 28.56 -2.18 17.48
C LEU B 223 27.92 -0.86 17.04
N SER B 224 28.19 -0.45 15.79
CA SER B 224 27.57 0.76 15.22
C SER B 224 26.58 0.24 14.18
N LEU B 225 25.33 0.05 14.58
CA LEU B 225 24.35 -0.57 13.65
C LEU B 225 23.45 0.48 13.05
N ASP B 226 23.55 0.62 11.73
CA ASP B 226 22.71 1.53 10.94
C ASP B 226 21.58 0.65 10.42
N LEU B 227 20.33 0.96 10.72
CA LEU B 227 19.20 0.14 10.21
C LEU B 227 19.24 0.09 8.68
N ASP B 228 19.98 0.99 8.01
CA ASP B 228 20.00 0.93 6.52
C ASP B 228 20.87 -0.26 6.06
N GLY B 229 21.56 -0.92 6.99
CA GLY B 229 22.29 -2.15 6.61
C GLY B 229 21.30 -3.21 6.18
N LEU B 230 20.10 -3.21 6.76
CA LEU B 230 19.06 -4.19 6.39
C LEU B 230 18.43 -3.77 5.05
N ASP B 231 17.92 -4.75 4.31
CA ASP B 231 17.21 -4.48 3.06
C ASP B 231 16.02 -3.53 3.32
N PRO B 232 15.72 -2.57 2.42
CA PRO B 232 14.54 -1.72 2.57
C PRO B 232 13.22 -2.51 2.67
N ASN B 233 13.19 -3.76 2.21
CA ASN B 233 11.93 -4.56 2.33
C ASN B 233 11.69 -4.84 3.80
N ASP B 234 12.76 -4.91 4.59
CA ASP B 234 12.63 -5.23 6.04
C ASP B 234 12.78 -3.97 6.89
N ALA B 235 13.52 -2.97 6.41
CA ALA B 235 13.76 -1.74 7.18
C ALA B 235 13.49 -0.56 6.24
N PRO B 236 12.23 -0.32 5.84
CA PRO B 236 11.94 0.78 4.91
C PRO B 236 12.19 2.17 5.50
N GLY B 237 12.08 2.27 6.83
CA GLY B 237 12.16 3.58 7.49
C GLY B 237 13.57 3.93 7.91
N VAL B 238 14.37 4.33 6.94
CA VAL B 238 15.80 4.72 7.17
C VAL B 238 16.07 6.02 6.40
N GLY B 239 17.15 6.72 6.79
CA GLY B 239 17.46 8.02 6.16
C GLY B 239 17.80 7.88 4.67
N THR B 240 18.57 6.85 4.32
CA THR B 240 19.06 6.67 2.93
C THR B 240 19.00 5.19 2.59
N PRO B 241 17.82 4.68 2.15
CA PRO B 241 17.69 3.27 1.81
C PRO B 241 18.49 2.88 0.56
N VAL B 242 19.07 1.68 0.61
CA VAL B 242 19.85 1.11 -0.52
C VAL B 242 19.37 -0.33 -0.76
N VAL B 243 18.97 -0.64 -1.99
CA VAL B 243 18.43 -1.99 -2.34
C VAL B 243 19.47 -3.08 -2.07
N GLY B 244 18.99 -4.29 -1.80
CA GLY B 244 19.84 -5.49 -1.71
C GLY B 244 20.61 -5.59 -0.41
N GLY B 245 19.91 -5.39 0.70
CA GLY B 245 20.55 -5.44 2.01
C GLY B 245 20.35 -6.73 2.79
N ILE B 246 20.82 -6.69 4.04
CA ILE B 246 20.77 -7.86 4.95
C ILE B 246 19.33 -8.10 5.41
N SER B 247 18.93 -9.35 5.53
CA SER B 247 17.53 -9.62 5.93
C SER B 247 17.37 -9.40 7.43
N TYR B 248 16.11 -9.25 7.86
CA TYR B 248 15.83 -9.20 9.31
C TYR B 248 16.36 -10.49 9.96
N ARG B 249 16.10 -11.64 9.34
CA ARG B 249 16.53 -12.94 9.95
C ARG B 249 18.07 -13.03 10.07
N GLU B 250 18.80 -12.61 9.03
CA GLU B 250 20.28 -12.64 9.10
C GLU B 250 20.74 -11.68 10.21
N SER B 251 20.08 -10.53 10.33
CA SER B 251 20.48 -9.53 11.36
C SER B 251 20.17 -10.07 12.76
N HIS B 252 19.03 -10.74 12.90
CA HIS B 252 18.62 -11.32 14.20
C HIS B 252 19.64 -12.41 14.58
N LEU B 253 20.02 -13.26 13.64
CA LEU B 253 21.03 -14.31 13.93
C LEU B 253 22.35 -13.65 14.34
N ALA B 254 22.78 -12.60 13.63
CA ALA B 254 24.07 -11.95 13.95
C ALA B 254 24.05 -11.37 15.37
N MET B 255 22.93 -10.74 15.76
CA MET B 255 22.88 -10.16 17.13
C MET B 255 22.98 -11.28 18.18
N GLU B 256 22.26 -12.38 17.96
CA GLU B 256 22.30 -13.54 18.87
C GLU B 256 23.74 -14.06 18.98
N MET B 257 24.44 -14.15 17.85
CA MET B 257 25.84 -14.67 17.85
C MET B 257 26.76 -13.69 18.59
N LEU B 258 26.52 -12.39 18.44
CA LEU B 258 27.39 -11.40 19.15
C LEU B 258 27.12 -11.52 20.64
N TYR B 259 25.85 -11.68 21.02
CA TYR B 259 25.57 -11.83 22.46
C TYR B 259 26.31 -13.07 23.00
N ASP B 260 26.22 -14.19 22.27
CA ASP B 260 26.86 -15.45 22.74
C ASP B 260 28.37 -15.26 22.91
N ALA B 261 28.96 -14.36 22.15
CA ALA B 261 30.43 -14.14 22.19
C ALA B 261 30.83 -13.31 23.42
N GLY B 262 29.88 -12.50 23.94
CA GLY B 262 30.10 -11.65 25.12
C GLY B 262 31.15 -10.56 24.89
N ILE B 263 31.37 -10.12 23.65
CA ILE B 263 32.41 -9.11 23.31
C ILE B 263 31.85 -7.69 23.17
N ILE B 264 30.54 -7.52 23.00
CA ILE B 264 29.99 -6.15 22.73
C ILE B 264 29.94 -5.39 24.06
N THR B 265 30.63 -4.25 24.06
CA THR B 265 30.77 -3.42 25.29
C THR B 265 30.02 -2.08 25.14
N SER B 266 29.57 -1.74 23.93
CA SER B 266 28.75 -0.51 23.69
C SER B 266 28.03 -0.67 22.37
N ALA B 267 26.98 0.11 22.14
CA ALA B 267 26.26 -0.06 20.86
C ALA B 267 25.45 1.18 20.53
N GLU B 268 25.27 1.43 19.24
CA GLU B 268 24.37 2.51 18.79
C GLU B 268 23.52 1.92 17.65
N PHE B 269 22.24 2.27 17.65
CA PHE B 269 21.22 1.87 16.64
C PHE B 269 20.77 3.19 16.01
N VAL B 270 21.08 3.38 14.73
CA VAL B 270 20.94 4.74 14.14
C VAL B 270 20.15 4.74 12.82
N GLU B 271 19.77 5.94 12.41
CA GLU B 271 19.22 6.22 11.05
C GLU B 271 17.76 5.74 10.87
N VAL B 272 17.06 5.46 11.96
CA VAL B 272 15.60 5.16 11.84
C VAL B 272 14.89 6.47 11.43
N ASN B 273 14.03 6.36 10.41
CA ASN B 273 13.33 7.51 9.77
C ASN B 273 11.84 7.19 9.61
N PRO B 274 10.98 7.69 10.49
CA PRO B 274 9.54 7.45 10.40
C PRO B 274 8.89 7.93 9.10
N ILE B 275 9.53 8.88 8.40
CA ILE B 275 8.91 9.46 7.18
C ILE B 275 8.73 8.36 6.15
N LEU B 276 9.70 7.46 6.01
CA LEU B 276 9.63 6.38 4.99
C LEU B 276 9.19 5.04 5.58
N ASP B 277 8.91 5.00 6.88
CA ASP B 277 8.57 3.72 7.54
C ASP B 277 7.09 3.35 7.34
N HIS B 278 6.76 2.11 7.66
N HIS B 278 6.77 2.10 7.65
CA HIS B 278 5.39 1.58 7.59
CA HIS B 278 5.37 1.58 7.58
C HIS B 278 4.95 1.12 8.97
C HIS B 278 4.93 1.11 8.97
N LYS B 279 4.10 1.92 9.65
CA LYS B 279 3.57 1.60 11.00
C LYS B 279 4.69 1.19 11.96
N ASN B 280 5.82 1.88 11.86
CA ASN B 280 6.98 1.72 12.76
C ASN B 280 7.63 0.34 12.61
N LYS B 281 7.51 -0.30 11.44
CA LYS B 281 8.20 -1.60 11.24
C LYS B 281 9.70 -1.48 11.57
N THR B 282 10.33 -0.37 11.19
CA THR B 282 11.79 -0.21 11.40
C THR B 282 12.08 0.10 12.87
N GLY B 283 11.24 0.90 13.52
CA GLY B 283 11.48 1.14 14.97
C GLY B 283 11.33 -0.17 15.74
N LYS B 284 10.34 -0.99 15.38
CA LYS B 284 10.12 -2.30 16.03
C LYS B 284 11.31 -3.22 15.74
N THR B 285 11.77 -3.24 14.48
CA THR B 285 12.95 -4.05 14.09
C THR B 285 14.15 -3.65 14.94
N ALA B 286 14.39 -2.34 15.15
CA ALA B 286 15.53 -1.87 15.97
C ALA B 286 15.40 -2.44 17.39
N VAL B 287 14.21 -2.39 17.98
CA VAL B 287 14.02 -2.96 19.36
C VAL B 287 14.31 -4.47 19.35
N GLU B 288 13.78 -5.22 18.38
CA GLU B 288 14.04 -6.68 18.34
C GLU B 288 15.54 -6.96 18.25
N LEU B 289 16.27 -6.19 17.45
CA LEU B 289 17.72 -6.41 17.29
C LEU B 289 18.44 -6.09 18.60
N VAL B 290 18.02 -5.03 19.29
CA VAL B 290 18.62 -4.69 20.62
C VAL B 290 18.35 -5.84 21.58
N GLU B 291 17.13 -6.35 21.59
CA GLU B 291 16.75 -7.46 22.51
C GLU B 291 17.70 -8.65 22.26
N SER B 292 17.88 -9.03 20.99
CA SER B 292 18.78 -10.16 20.68
C SER B 292 20.23 -9.85 21.08
N LEU B 293 20.68 -8.63 20.81
CA LEU B 293 22.07 -8.24 21.14
C LEU B 293 22.25 -8.35 22.65
N LEU B 294 21.18 -8.11 23.42
CA LEU B 294 21.31 -8.14 24.90
C LEU B 294 20.86 -9.49 25.49
N GLY B 295 20.72 -10.52 24.65
CA GLY B 295 20.56 -11.89 25.17
C GLY B 295 19.18 -12.48 25.11
N LYS B 296 18.20 -11.81 24.50
CA LYS B 296 16.88 -12.46 24.43
C LYS B 296 17.03 -13.67 23.49
N LYS B 297 16.50 -14.81 23.90
CA LYS B 297 16.56 -16.05 23.09
C LYS B 297 15.12 -16.47 22.75
N LEU B 298 14.95 -17.12 21.59
CA LEU B 298 13.60 -17.62 21.21
C LEU B 298 13.25 -18.82 22.10
N LEU B 299 14.26 -19.49 22.66
CA LEU B 299 14.06 -20.66 23.55
C LEU B 299 15.05 -20.61 24.70
N LYS C 6 3.44 41.61 11.18
CA LYS C 6 3.53 41.03 12.56
C LYS C 6 4.40 39.77 12.49
N THR C 7 5.39 39.66 13.37
CA THR C 7 6.34 38.51 13.38
C THR C 7 5.61 37.25 13.84
N ILE C 8 5.94 36.11 13.20
N ILE C 8 5.95 36.11 13.22
CA ILE C 8 5.35 34.80 13.58
CA ILE C 8 5.34 34.78 13.58
C ILE C 8 6.36 34.07 14.48
C ILE C 8 6.34 34.01 14.45
N SER C 9 5.93 33.69 15.69
CA SER C 9 6.79 32.95 16.65
C SER C 9 6.32 31.51 16.69
N VAL C 10 7.16 30.61 16.22
CA VAL C 10 6.82 29.16 16.16
C VAL C 10 7.35 28.49 17.43
N ILE C 11 6.45 27.79 18.13
CA ILE C 11 6.80 27.04 19.36
C ILE C 11 6.40 25.57 19.17
N GLY C 12 7.35 24.67 19.34
CA GLY C 12 7.05 23.23 19.23
C GLY C 12 6.81 22.60 20.59
N MET C 13 5.82 21.70 20.66
CA MET C 13 5.49 20.95 21.89
C MET C 13 5.51 19.46 21.58
N PRO C 14 6.67 18.80 21.73
CA PRO C 14 6.80 17.37 21.45
C PRO C 14 6.27 16.53 22.63
N MET C 15 4.97 16.65 22.87
CA MET C 15 4.28 15.99 24.00
C MET C 15 3.40 14.85 23.49
N ASP C 16 3.62 13.66 24.04
CA ASP C 16 2.85 12.43 23.68
C ASP C 16 2.58 11.72 25.00
N LEU C 17 1.62 12.24 25.77
CA LEU C 17 1.35 11.69 27.12
C LEU C 17 -0.07 11.13 27.16
N GLY C 18 -0.37 10.39 28.22
CA GLY C 18 -1.68 9.73 28.32
C GLY C 18 -1.54 8.26 28.65
N GLN C 19 -2.62 7.50 28.54
CA GLN C 19 -2.59 6.06 28.94
C GLN C 19 -1.54 5.33 28.10
N ALA C 20 -1.45 5.67 26.82
CA ALA C 20 -0.45 5.04 25.92
C ALA C 20 0.09 6.11 24.98
N ARG C 21 1.32 5.94 24.52
CA ARG C 21 1.82 6.90 23.50
C ARG C 21 1.03 6.70 22.20
N ARG C 22 0.92 7.76 21.41
CA ARG C 22 0.22 7.75 20.10
C ARG C 22 1.15 8.27 18.99
N GLY C 23 2.39 8.66 19.32
CA GLY C 23 3.39 9.09 18.32
C GLY C 23 3.33 10.58 17.98
N VAL C 24 2.46 11.35 18.64
CA VAL C 24 2.28 12.78 18.27
C VAL C 24 3.43 13.68 18.77
N ASP C 25 4.38 13.14 19.56
CA ASP C 25 5.52 13.98 20.00
C ASP C 25 6.40 14.30 18.79
N MET C 26 6.26 13.50 17.72
CA MET C 26 7.07 13.72 16.50
C MET C 26 6.39 14.70 15.54
N GLY C 27 5.17 15.16 15.85
CA GLY C 27 4.42 16.14 15.03
C GLY C 27 5.23 17.39 14.71
N PRO C 28 5.80 18.12 15.69
CA PRO C 28 6.58 19.33 15.36
C PRO C 28 7.72 19.07 14.36
N SER C 29 8.45 17.97 14.53
CA SER C 29 9.57 17.63 13.61
C SER C 29 9.03 17.38 12.19
N ALA C 30 7.94 16.63 12.08
CA ALA C 30 7.36 16.34 10.74
C ALA C 30 6.83 17.62 10.07
N ILE C 31 6.20 18.51 10.84
CA ILE C 31 5.69 19.79 10.25
C ILE C 31 6.89 20.61 9.76
N ARG C 32 7.95 20.69 10.58
CA ARG C 32 9.15 21.44 10.13
C ARG C 32 9.78 20.77 8.91
N TYR C 33 9.73 19.42 8.84
CA TYR C 33 10.31 18.64 7.72
C TYR C 33 9.61 19.05 6.42
N ALA C 34 8.36 19.50 6.53
CA ALA C 34 7.58 19.93 5.34
C ALA C 34 7.84 21.42 5.03
N HIS C 35 8.96 21.97 5.51
CA HIS C 35 9.45 23.35 5.22
C HIS C 35 8.56 24.46 5.78
N LEU C 36 7.94 24.24 6.93
CA LEU C 36 7.08 25.30 7.51
C LEU C 36 7.79 26.67 7.53
N ILE C 37 8.98 26.73 8.13
CA ILE C 37 9.66 28.05 8.31
C ILE C 37 9.96 28.72 6.95
N GLU C 38 10.53 27.97 6.00
CA GLU C 38 10.88 28.51 4.65
C GLU C 38 9.61 29.00 3.95
N ARG C 39 8.51 28.23 4.05
CA ARG C 39 7.24 28.60 3.37
C ARG C 39 6.72 29.94 3.93
N LEU C 40 6.73 30.10 5.26
CA LEU C 40 6.21 31.37 5.85
C LEU C 40 7.15 32.54 5.51
N SER C 41 8.47 32.29 5.51
N SER C 41 8.47 32.28 5.50
CA SER C 41 9.46 33.33 5.16
CA SER C 41 9.48 33.30 5.16
C SER C 41 9.26 33.78 3.71
C SER C 41 9.29 33.76 3.71
N ASP C 42 9.04 32.81 2.80
CA ASP C 42 8.81 33.10 1.36
C ASP C 42 7.55 33.94 1.17
N MET C 43 6.60 33.88 2.10
CA MET C 43 5.34 34.66 2.01
C MET C 43 5.58 36.10 2.47
N GLY C 44 6.80 36.43 2.95
CA GLY C 44 7.13 37.80 3.36
C GLY C 44 7.08 38.01 4.86
N TYR C 45 6.77 36.97 5.65
CA TYR C 45 6.71 37.15 7.12
C TYR C 45 8.10 37.07 7.76
N THR C 46 8.28 37.79 8.87
CA THR C 46 9.48 37.63 9.71
C THR C 46 9.13 36.43 10.60
N VAL C 47 9.93 35.37 10.58
CA VAL C 47 9.60 34.14 11.34
C VAL C 47 10.72 33.81 12.33
N GLU C 48 10.34 33.55 13.58
CA GLU C 48 11.34 33.13 14.59
C GLU C 48 10.93 31.73 15.07
N ASP C 49 11.80 30.75 14.86
CA ASP C 49 11.52 29.40 15.37
C ASP C 49 12.11 29.35 16.78
N LEU C 50 11.25 29.35 17.79
CA LEU C 50 11.69 29.33 19.21
C LEU C 50 12.07 27.91 19.63
N GLY C 51 11.98 26.96 18.69
CA GLY C 51 12.39 25.59 18.97
C GLY C 51 11.34 24.80 19.72
N ASP C 52 11.75 23.68 20.32
CA ASP C 52 10.81 22.82 21.06
C ASP C 52 10.95 23.02 22.55
N ILE C 53 9.82 23.05 23.23
CA ILE C 53 9.85 23.11 24.72
C ILE C 53 10.19 21.72 25.20
N PRO C 54 11.13 21.54 26.15
CA PRO C 54 11.45 20.21 26.66
C PRO C 54 10.30 19.63 27.46
N ILE C 55 9.95 18.37 27.20
CA ILE C 55 8.83 17.71 27.94
C ILE C 55 9.44 16.71 28.93
N ASN C 56 9.22 16.95 30.22
CA ASN C 56 9.75 16.11 31.35
C ASN C 56 9.40 14.63 31.13
N ARG C 57 10.39 13.74 31.23
CA ARG C 57 10.18 12.28 31.09
C ARG C 57 9.93 11.69 32.49
N GLU C 58 8.91 10.83 32.64
CA GLU C 58 8.62 10.18 33.95
C GLU C 58 7.97 8.82 33.71
N ASP C 63 -1.56 2.63 38.94
CA ASP C 63 -1.93 3.48 37.77
C ASP C 63 -2.59 4.77 38.27
N GLU C 64 -2.05 5.91 37.84
CA GLU C 64 -2.58 7.24 38.26
C GLU C 64 -3.91 7.50 37.55
N GLU C 65 -4.76 8.31 38.16
CA GLU C 65 -6.09 8.66 37.59
C GLU C 65 -5.87 9.53 36.34
N LEU C 66 -5.22 10.69 36.48
CA LEU C 66 -4.93 11.61 35.33
C LEU C 66 -3.55 11.22 34.81
N LYS C 67 -3.50 10.64 33.61
CA LYS C 67 -2.22 10.08 33.10
C LYS C 67 -1.15 11.15 32.86
N ASN C 68 0.03 10.92 33.45
CA ASN C 68 1.24 11.79 33.29
C ASN C 68 0.90 13.22 33.73
N LEU C 69 0.07 13.37 34.77
CA LEU C 69 -0.36 14.72 35.22
C LEU C 69 0.84 15.65 35.45
N ASN C 70 1.82 15.24 36.24
CA ASN C 70 2.95 16.17 36.54
C ASN C 70 3.61 16.68 35.26
N SER C 71 3.87 15.79 34.28
CA SER C 71 4.56 16.18 33.02
C SER C 71 3.65 17.06 32.15
N VAL C 72 2.35 16.76 32.11
CA VAL C 72 1.39 17.59 31.31
C VAL C 72 1.33 18.97 31.95
N LEU C 73 1.27 19.03 33.28
CA LEU C 73 1.20 20.37 33.91
C LEU C 73 2.51 21.13 33.66
N ALA C 74 3.66 20.49 33.88
CA ALA C 74 4.98 21.16 33.72
C ALA C 74 5.15 21.69 32.31
N GLY C 75 4.81 20.87 31.32
CA GLY C 75 4.94 21.31 29.91
C GLY C 75 4.05 22.49 29.60
N ASN C 76 2.79 22.42 30.04
CA ASN C 76 1.82 23.52 29.81
C ASN C 76 2.26 24.78 30.54
N GLU C 77 2.86 24.66 31.74
CA GLU C 77 3.38 25.87 32.43
C GLU C 77 4.46 26.52 31.59
N LYS C 78 5.39 25.71 31.04
CA LYS C 78 6.48 26.27 30.20
C LYS C 78 5.87 26.90 28.94
N LEU C 79 4.86 26.23 28.35
CA LEU C 79 4.26 26.74 27.10
C LEU C 79 3.53 28.05 27.37
N ALA C 80 2.75 28.12 28.45
CA ALA C 80 1.98 29.34 28.78
C ALA C 80 2.94 30.52 28.95
N GLN C 81 4.08 30.31 29.61
CA GLN C 81 5.02 31.43 29.84
C GLN C 81 5.62 31.89 28.50
N LYS C 82 5.91 30.94 27.62
CA LYS C 82 6.53 31.31 26.32
C LYS C 82 5.49 32.03 25.46
N VAL C 83 4.25 31.52 25.46
CA VAL C 83 3.16 32.15 24.63
C VAL C 83 2.86 33.54 25.17
N ASN C 84 2.82 33.66 26.50
CA ASN C 84 2.58 34.99 27.13
C ASN C 84 3.65 35.99 26.64
N LYS C 85 4.92 35.58 26.67
CA LYS C 85 6.07 36.43 26.25
C LYS C 85 5.88 36.84 24.78
N VAL C 86 5.54 35.89 23.91
CA VAL C 86 5.33 36.20 22.46
C VAL C 86 4.24 37.28 22.32
N ILE C 87 3.13 37.14 23.03
CA ILE C 87 2.03 38.14 22.92
C ILE C 87 2.49 39.50 23.48
N GLU C 88 3.22 39.50 24.61
CA GLU C 88 3.72 40.76 25.18
C GLU C 88 4.60 41.50 24.17
N GLU C 89 5.24 40.76 23.26
CA GLU C 89 6.15 41.33 22.23
C GLU C 89 5.37 41.68 20.96
N LYS C 90 4.04 41.52 20.98
CA LYS C 90 3.16 41.88 19.84
C LYS C 90 3.50 40.98 18.66
N LYS C 91 3.78 39.71 18.94
CA LYS C 91 4.09 38.68 17.91
C LYS C 91 2.95 37.65 17.87
N PHE C 92 2.78 36.97 16.73
CA PHE C 92 1.71 35.97 16.54
C PHE C 92 2.22 34.60 17.00
N PRO C 93 1.60 33.99 18.03
CA PRO C 93 2.02 32.65 18.46
C PRO C 93 1.41 31.55 17.58
N LEU C 94 2.31 30.71 17.05
CA LEU C 94 1.94 29.54 16.23
C LEU C 94 2.54 28.32 16.93
N VAL C 95 1.67 27.55 17.59
CA VAL C 95 2.16 26.38 18.37
C VAL C 95 1.97 25.10 17.56
N LEU C 96 2.97 24.22 17.61
CA LEU C 96 2.93 22.92 16.91
C LEU C 96 2.84 21.81 17.96
N GLY C 97 1.89 20.90 17.78
CA GLY C 97 1.77 19.74 18.68
C GLY C 97 2.19 18.46 17.96
N GLY C 98 2.28 17.34 18.70
CA GLY C 98 2.00 17.28 20.12
C GLY C 98 0.53 16.93 20.40
N ASP C 99 0.27 16.33 21.56
CA ASP C 99 -1.12 15.97 21.93
C ASP C 99 -1.92 17.25 22.24
N HIS C 100 -3.24 17.14 22.15
CA HIS C 100 -4.11 18.34 22.23
C HIS C 100 -4.15 18.91 23.65
N SER C 101 -3.54 18.25 24.62
CA SER C 101 -3.54 18.83 25.99
C SER C 101 -2.75 20.14 25.98
N ILE C 102 -1.92 20.37 24.94
CA ILE C 102 -1.12 21.62 24.91
C ILE C 102 -2.06 22.84 24.77
N ALA C 103 -3.33 22.64 24.38
CA ALA C 103 -4.26 23.81 24.30
C ALA C 103 -4.42 24.43 25.69
N ILE C 104 -4.22 23.63 26.74
CA ILE C 104 -4.33 24.17 28.13
C ILE C 104 -3.28 25.27 28.29
N GLY C 105 -2.03 24.96 27.94
CA GLY C 105 -0.96 25.95 28.05
C GLY C 105 -1.13 27.10 27.07
N THR C 106 -1.52 26.80 25.83
CA THR C 106 -1.65 27.88 24.83
C THR C 106 -2.72 28.88 25.30
N LEU C 107 -3.89 28.37 25.71
CA LEU C 107 -4.98 29.29 26.13
C LEU C 107 -4.61 29.98 27.44
N ALA C 108 -3.87 29.31 28.33
CA ALA C 108 -3.46 29.96 29.60
C ALA C 108 -2.56 31.18 29.30
N GLY C 109 -1.67 31.07 28.31
CA GLY C 109 -0.77 32.19 27.98
C GLY C 109 -1.46 33.25 27.15
N THR C 110 -2.59 32.91 26.52
CA THR C 110 -3.24 33.86 25.59
C THR C 110 -4.48 34.58 26.15
N ALA C 111 -5.37 33.87 26.83
CA ALA C 111 -6.72 34.40 27.15
C ALA C 111 -6.65 35.65 28.03
N LYS C 112 -5.69 35.71 28.92
CA LYS C 112 -5.56 36.87 29.83
C LYS C 112 -5.24 38.17 29.06
N HIS C 113 -4.89 38.10 27.76
CA HIS C 113 -4.55 39.32 26.99
C HIS C 113 -5.80 39.88 26.29
N TYR C 114 -6.95 39.22 26.45
CA TYR C 114 -8.20 39.64 25.74
C TYR C 114 -9.39 39.76 26.69
N ASP C 115 -10.32 40.65 26.34
N ASP C 115 -10.35 40.62 26.33
CA ASP C 115 -11.58 40.84 27.09
CA ASP C 115 -11.59 40.87 27.11
C ASP C 115 -12.45 39.60 26.91
C ASP C 115 -12.57 39.72 26.89
N ASN C 116 -12.56 39.12 25.67
N ASN C 116 -12.55 39.13 25.69
CA ASN C 116 -13.45 37.96 25.35
CA ASN C 116 -13.42 37.99 25.31
C ASN C 116 -12.81 37.14 24.22
C ASN C 116 -12.74 37.19 24.19
N LEU C 117 -11.88 36.25 24.57
CA LEU C 117 -11.18 35.41 23.56
C LEU C 117 -12.17 34.39 22.98
N GLY C 118 -12.26 34.38 21.66
CA GLY C 118 -13.04 33.32 20.98
C GLY C 118 -12.15 32.13 20.68
N VAL C 119 -12.76 30.96 20.49
CA VAL C 119 -11.97 29.74 20.17
C VAL C 119 -12.71 28.94 19.10
N ILE C 120 -12.00 28.68 18.00
CA ILE C 120 -12.50 27.78 16.95
C ILE C 120 -11.77 26.46 17.20
N TRP C 121 -12.54 25.46 17.62
CA TRP C 121 -12.02 24.12 17.99
C TRP C 121 -12.29 23.19 16.82
N TYR C 122 -11.27 23.00 15.98
CA TYR C 122 -11.38 22.24 14.71
C TYR C 122 -10.85 20.85 15.01
N ASP C 123 -11.77 19.89 15.16
CA ASP C 123 -11.39 18.58 15.74
C ASP C 123 -12.51 17.55 15.57
N ALA C 124 -12.14 16.27 15.50
CA ALA C 124 -13.10 15.16 15.48
C ALA C 124 -13.67 14.99 16.88
N HIS C 125 -12.91 15.44 17.88
CA HIS C 125 -13.25 15.27 19.31
C HIS C 125 -13.60 16.60 19.94
N GLY C 126 -14.51 16.59 20.92
CA GLY C 126 -14.83 17.82 21.64
C GLY C 126 -13.80 18.12 22.72
N ASP C 127 -13.13 17.08 23.23
CA ASP C 127 -12.09 17.29 24.29
C ASP C 127 -12.70 18.05 25.47
N LEU C 128 -13.93 17.68 25.84
CA LEU C 128 -14.70 18.32 26.95
C LEU C 128 -14.82 17.36 28.15
N ASN C 129 -13.93 16.38 28.26
CA ASN C 129 -14.01 15.39 29.36
C ASN C 129 -13.43 15.93 30.67
N THR C 130 -13.86 15.28 31.74
CA THR C 130 -13.27 15.38 33.10
C THR C 130 -12.87 13.95 33.45
N LEU C 131 -12.20 13.75 34.58
CA LEU C 131 -11.85 12.36 34.98
C LEU C 131 -13.14 11.53 35.09
N GLU C 132 -14.22 12.14 35.57
N GLU C 132 -14.21 12.15 35.59
CA GLU C 132 -15.50 11.39 35.80
CA GLU C 132 -15.53 11.51 35.81
C GLU C 132 -16.10 10.96 34.45
C GLU C 132 -16.16 11.03 34.48
N THR C 133 -15.89 11.71 33.36
CA THR C 133 -16.50 11.32 32.06
C THR C 133 -15.47 10.64 31.14
N SER C 134 -14.21 10.52 31.58
CA SER C 134 -13.16 9.95 30.71
C SER C 134 -12.91 8.48 31.01
N PRO C 135 -13.06 7.58 30.02
CA PRO C 135 -12.75 6.17 30.22
C PRO C 135 -11.24 5.86 30.19
N SER C 136 -10.38 6.89 30.15
CA SER C 136 -8.91 6.67 30.03
C SER C 136 -8.10 7.50 31.04
N GLY C 137 -8.61 8.68 31.42
CA GLY C 137 -7.82 9.60 32.25
C GLY C 137 -6.86 10.39 31.36
N ASN C 138 -7.05 10.34 30.04
CA ASN C 138 -6.16 11.09 29.11
C ASN C 138 -6.47 12.58 29.18
N ILE C 139 -5.49 13.39 29.60
CA ILE C 139 -5.70 14.86 29.71
C ILE C 139 -5.89 15.46 28.31
N HIS C 140 -5.41 14.77 27.25
CA HIS C 140 -5.58 15.34 25.88
C HIS C 140 -7.06 15.26 25.45
N GLY C 141 -7.90 14.55 26.21
CA GLY C 141 -9.35 14.54 25.92
C GLY C 141 -10.09 15.52 26.83
N MET C 142 -9.35 16.39 27.53
CA MET C 142 -9.95 17.32 28.53
C MET C 142 -9.60 18.79 28.33
N PRO C 143 -8.76 19.22 27.36
CA PRO C 143 -8.31 20.62 27.36
C PRO C 143 -9.38 21.70 27.19
N LEU C 144 -10.43 21.42 26.42
CA LEU C 144 -11.48 22.46 26.25
C LEU C 144 -12.26 22.60 27.57
N ALA C 145 -12.56 21.49 28.25
CA ALA C 145 -13.26 21.57 29.55
C ALA C 145 -12.36 22.32 30.55
N VAL C 146 -11.08 21.96 30.60
CA VAL C 146 -10.14 22.60 31.55
C VAL C 146 -10.16 24.13 31.31
N SER C 147 -10.09 24.53 30.04
CA SER C 147 -9.99 25.97 29.68
C SER C 147 -11.30 26.70 30.01
N LEU C 148 -12.42 25.96 30.06
CA LEU C 148 -13.75 26.51 30.43
C LEU C 148 -13.88 26.53 31.95
N GLY C 149 -12.84 26.10 32.66
CA GLY C 149 -12.80 26.10 34.13
C GLY C 149 -13.40 24.87 34.78
N ILE C 150 -13.48 23.76 34.06
CA ILE C 150 -14.09 22.49 34.55
C ILE C 150 -13.05 21.39 34.55
N GLY C 151 -12.68 20.89 35.73
CA GLY C 151 -11.68 19.82 35.76
C GLY C 151 -10.73 19.91 36.94
N HIS C 152 -9.59 19.25 36.82
CA HIS C 152 -8.58 19.19 37.90
C HIS C 152 -8.07 20.59 38.24
N GLU C 153 -8.03 20.92 39.54
N GLU C 153 -8.06 20.94 39.54
CA GLU C 153 -7.66 22.26 40.07
CA GLU C 153 -7.68 22.29 40.02
C GLU C 153 -6.36 22.81 39.50
C GLU C 153 -6.36 22.81 39.42
N SER C 154 -5.29 22.00 39.47
CA SER C 154 -3.97 22.53 38.98
C SER C 154 -3.99 22.85 37.49
N LEU C 155 -4.80 22.13 36.70
CA LEU C 155 -4.90 22.40 35.24
C LEU C 155 -5.81 23.61 35.01
N VAL C 156 -6.93 23.65 35.71
CA VAL C 156 -7.93 24.75 35.56
C VAL C 156 -7.31 26.09 36.01
N ASN C 157 -6.52 26.09 37.08
CA ASN C 157 -5.93 27.32 37.66
C ASN C 157 -4.53 27.63 37.08
N LEU C 158 -4.15 27.02 35.97
CA LEU C 158 -2.82 27.29 35.38
C LEU C 158 -2.63 28.80 35.15
N GLU C 159 -1.50 29.35 35.60
CA GLU C 159 -1.15 30.80 35.46
C GLU C 159 -2.01 31.67 36.39
N GLY C 160 -2.69 31.07 37.36
CA GLY C 160 -3.37 31.83 38.45
C GLY C 160 -4.69 32.50 38.08
N TYR C 161 -5.38 32.06 37.03
CA TYR C 161 -6.72 32.63 36.75
C TYR C 161 -7.59 31.54 36.11
N ALA C 162 -8.90 31.67 36.28
CA ALA C 162 -9.87 30.72 35.67
C ALA C 162 -11.25 31.39 35.65
N PRO C 163 -12.11 31.13 34.64
CA PRO C 163 -11.76 30.27 33.50
C PRO C 163 -11.02 31.06 32.42
N LYS C 164 -10.38 30.36 31.47
CA LYS C 164 -9.70 31.07 30.35
C LYS C 164 -10.75 31.56 29.37
N ILE C 165 -11.73 30.72 29.07
CA ILE C 165 -12.75 31.08 28.04
C ILE C 165 -14.16 30.79 28.56
N LYS C 166 -15.15 31.39 27.92
CA LYS C 166 -16.58 31.22 28.25
C LYS C 166 -17.21 30.30 27.20
N PRO C 167 -18.21 29.47 27.56
CA PRO C 167 -18.83 28.55 26.59
C PRO C 167 -19.47 29.25 25.38
N GLU C 168 -19.96 30.48 25.55
CA GLU C 168 -20.62 31.19 24.42
C GLU C 168 -19.57 31.69 23.40
N ASN C 169 -18.28 31.58 23.71
CA ASN C 169 -17.20 32.08 22.82
C ASN C 169 -16.50 30.93 22.11
N VAL C 170 -17.10 29.74 22.15
CA VAL C 170 -16.49 28.53 21.51
C VAL C 170 -17.34 28.07 20.32
N VAL C 171 -16.66 27.71 19.23
CA VAL C 171 -17.33 27.05 18.08
C VAL C 171 -16.53 25.78 17.80
N ILE C 172 -17.17 24.63 17.94
CA ILE C 172 -16.51 23.34 17.57
C ILE C 172 -16.89 23.03 16.12
N ILE C 173 -15.90 22.66 15.30
CA ILE C 173 -16.16 22.32 13.87
C ILE C 173 -15.52 20.96 13.57
N GLY C 174 -16.34 20.00 13.12
CA GLY C 174 -15.84 18.67 12.68
C GLY C 174 -16.12 17.56 13.66
N ALA C 175 -16.82 17.86 14.77
CA ALA C 175 -17.05 16.87 15.85
C ALA C 175 -17.75 15.62 15.32
N ARG C 176 -17.24 14.45 15.72
CA ARG C 176 -17.85 13.17 15.29
C ARG C 176 -17.51 12.07 16.31
N SER C 177 -16.91 12.44 17.43
CA SER C 177 -16.59 11.48 18.52
C SER C 177 -16.80 12.19 19.85
N LEU C 178 -18.02 12.13 20.37
CA LEU C 178 -18.41 12.78 21.66
C LEU C 178 -19.04 11.73 22.57
N ASP C 179 -18.57 11.62 23.83
CA ASP C 179 -19.16 10.65 24.78
C ASP C 179 -20.39 11.28 25.44
N GLU C 180 -21.11 10.52 26.26
CA GLU C 180 -22.39 11.01 26.82
C GLU C 180 -22.17 12.24 27.69
N GLY C 181 -21.10 12.27 28.49
CA GLY C 181 -20.87 13.44 29.36
C GLY C 181 -20.63 14.70 28.55
N GLU C 182 -19.90 14.57 27.43
CA GLU C 182 -19.60 15.72 26.54
C GLU C 182 -20.89 16.21 25.88
N ARG C 183 -21.72 15.29 25.38
CA ARG C 183 -23.01 15.65 24.74
C ARG C 183 -23.89 16.40 25.74
N LYS C 184 -23.99 15.88 26.97
CA LYS C 184 -24.83 16.52 28.01
C LYS C 184 -24.34 17.95 28.27
N TYR C 185 -23.03 18.15 28.37
CA TYR C 185 -22.49 19.51 28.65
C TYR C 185 -22.76 20.43 27.46
N ILE C 186 -22.57 19.93 26.24
CA ILE C 186 -22.81 20.78 25.04
C ILE C 186 -24.28 21.25 25.03
N LYS C 187 -25.20 20.33 25.32
CA LYS C 187 -26.65 20.67 25.28
C LYS C 187 -27.00 21.61 26.44
N GLU C 188 -26.48 21.34 27.64
CA GLU C 188 -26.82 22.18 28.82
C GLU C 188 -26.18 23.57 28.71
N SER C 189 -24.99 23.68 28.11
CA SER C 189 -24.29 24.99 28.03
C SER C 189 -24.75 25.81 26.81
N GLY C 190 -25.40 25.16 25.84
CA GLY C 190 -25.81 25.83 24.60
C GLY C 190 -24.64 26.08 23.65
N MET C 191 -23.52 25.38 23.86
CA MET C 191 -22.31 25.59 23.02
C MET C 191 -22.60 25.35 21.52
N LYS C 192 -22.02 26.18 20.66
CA LYS C 192 -22.18 26.07 19.19
C LYS C 192 -21.28 24.93 18.68
N VAL C 193 -21.89 23.91 18.08
CA VAL C 193 -21.12 22.73 17.57
C VAL C 193 -21.60 22.37 16.16
N TYR C 194 -20.67 22.38 15.21
CA TYR C 194 -20.95 21.92 13.84
C TYR C 194 -20.40 20.50 13.70
N THR C 195 -21.25 19.50 13.89
CA THR C 195 -20.82 18.10 13.68
C THR C 195 -20.69 17.90 12.16
N MET C 196 -20.19 16.73 11.76
CA MET C 196 -20.06 16.41 10.31
C MET C 196 -21.43 16.46 9.66
N HIS C 197 -22.49 16.11 10.42
CA HIS C 197 -23.86 16.20 9.87
C HIS C 197 -24.16 17.65 9.44
N GLU C 198 -23.87 18.62 10.31
CA GLU C 198 -24.16 20.05 9.96
C GLU C 198 -23.24 20.53 8.84
N ILE C 199 -21.97 20.11 8.82
CA ILE C 199 -21.08 20.49 7.68
C ILE C 199 -21.65 19.91 6.38
N ASP C 200 -22.10 18.64 6.42
CA ASP C 200 -22.67 18.00 5.20
C ASP C 200 -23.92 18.77 4.74
N ARG C 201 -24.76 19.16 5.69
CA ARG C 201 -26.05 19.83 5.36
C ARG C 201 -25.85 21.28 4.88
N LEU C 202 -24.98 22.05 5.53
CA LEU C 202 -24.82 23.51 5.24
C LEU C 202 -23.69 23.80 4.27
N GLY C 203 -22.65 22.98 4.28
CA GLY C 203 -21.45 23.28 3.47
C GLY C 203 -20.47 24.11 4.27
N MET C 204 -19.17 23.93 4.04
CA MET C 204 -18.16 24.66 4.85
C MET C 204 -18.27 26.18 4.67
N THR C 205 -18.65 26.68 3.48
CA THR C 205 -18.75 28.15 3.33
C THR C 205 -19.73 28.72 4.35
N LYS C 206 -20.92 28.13 4.46
CA LYS C 206 -21.94 28.63 5.41
C LYS C 206 -21.47 28.43 6.85
N VAL C 207 -20.84 27.30 7.13
CA VAL C 207 -20.36 27.02 8.52
C VAL C 207 -19.41 28.14 8.96
N ILE C 208 -18.44 28.49 8.13
CA ILE C 208 -17.45 29.54 8.50
C ILE C 208 -18.13 30.93 8.55
N GLU C 209 -19.02 31.23 7.60
CA GLU C 209 -19.74 32.54 7.65
C GLU C 209 -20.51 32.63 8.97
N GLU C 210 -21.20 31.55 9.36
CA GLU C 210 -21.97 31.56 10.63
C GLU C 210 -21.03 31.69 11.82
N THR C 211 -19.90 30.97 11.78
CA THR C 211 -18.89 31.02 12.86
C THR C 211 -18.38 32.46 13.02
N LEU C 212 -18.09 33.12 11.90
CA LEU C 212 -17.55 34.51 11.96
C LEU C 212 -18.60 35.43 12.57
N ASP C 213 -19.87 35.25 12.21
CA ASP C 213 -20.95 36.11 12.75
C ASP C 213 -21.09 35.83 14.26
N TYR C 214 -21.05 34.55 14.64
CA TYR C 214 -21.25 34.13 16.05
C TYR C 214 -20.16 34.69 16.96
N LEU C 215 -18.90 34.73 16.48
CA LEU C 215 -17.76 35.20 17.32
C LEU C 215 -17.42 36.68 17.06
N SER C 216 -18.32 37.44 16.42
CA SER C 216 -18.01 38.84 16.01
C SER C 216 -17.77 39.77 17.20
N ALA C 217 -18.22 39.42 18.41
CA ALA C 217 -18.05 40.30 19.60
C ALA C 217 -16.72 40.02 20.32
N CYS C 218 -16.01 38.97 19.92
CA CYS C 218 -14.70 38.62 20.54
C CYS C 218 -13.61 39.60 20.07
N ASP C 219 -12.66 39.95 20.94
CA ASP C 219 -11.57 40.90 20.58
C ASP C 219 -10.31 40.14 20.15
N GLY C 220 -10.38 38.82 20.19
CA GLY C 220 -9.31 37.93 19.71
C GLY C 220 -9.93 36.57 19.44
N VAL C 221 -9.34 35.78 18.55
CA VAL C 221 -9.87 34.42 18.28
C VAL C 221 -8.69 33.47 18.10
N HIS C 222 -8.68 32.42 18.91
CA HIS C 222 -7.65 31.37 18.83
C HIS C 222 -8.18 30.22 17.97
N LEU C 223 -7.36 29.77 17.02
CA LEU C 223 -7.73 28.58 16.23
C LEU C 223 -6.99 27.38 16.82
N SER C 224 -7.73 26.39 17.29
CA SER C 224 -7.09 25.15 17.81
C SER C 224 -7.40 24.07 16.77
N LEU C 225 -6.46 23.84 15.86
CA LEU C 225 -6.72 22.90 14.75
C LEU C 225 -6.01 21.57 15.00
N ASP C 226 -6.82 20.55 15.19
CA ASP C 226 -6.35 19.15 15.35
C ASP C 226 -6.40 18.54 13.96
N LEU C 227 -5.27 18.06 13.42
CA LEU C 227 -5.34 17.46 12.05
C LEU C 227 -6.35 16.29 12.02
N ASP C 228 -6.75 15.72 13.17
CA ASP C 228 -7.75 14.61 13.16
C ASP C 228 -9.15 15.15 12.81
N GLY C 229 -9.31 16.47 12.71
CA GLY C 229 -10.59 16.99 12.21
C GLY C 229 -10.76 16.61 10.76
N LEU C 230 -9.65 16.49 10.04
CA LEU C 230 -9.71 16.06 8.62
C LEU C 230 -9.95 14.55 8.53
N ASP C 231 -10.49 14.14 7.38
CA ASP C 231 -10.71 12.68 7.14
C ASP C 231 -9.37 11.97 7.08
N PRO C 232 -9.25 10.75 7.66
CA PRO C 232 -8.00 9.99 7.59
C PRO C 232 -7.53 9.75 6.14
N ASN C 233 -8.43 9.84 5.17
CA ASN C 233 -7.98 9.68 3.76
C ASN C 233 -7.06 10.85 3.40
N ASP C 234 -7.26 12.02 4.03
CA ASP C 234 -6.45 13.22 3.70
C ASP C 234 -5.38 13.47 4.78
N ALA C 235 -5.65 13.05 6.01
CA ALA C 235 -4.70 13.25 7.14
C ALA C 235 -4.57 11.92 7.87
N PRO C 236 -3.92 10.91 7.26
CA PRO C 236 -3.80 9.62 7.92
C PRO C 236 -2.92 9.62 9.19
N GLY C 237 -1.94 10.53 9.21
CA GLY C 237 -0.94 10.59 10.29
C GLY C 237 -1.40 11.45 11.45
N VAL C 238 -2.38 10.94 12.20
CA VAL C 238 -2.89 11.64 13.41
C VAL C 238 -2.90 10.67 14.59
N GLY C 239 -2.94 11.21 15.80
CA GLY C 239 -2.90 10.39 17.02
C GLY C 239 -4.07 9.44 17.15
N THR C 240 -5.28 9.91 16.81
CA THR C 240 -6.52 9.12 16.98
C THR C 240 -7.42 9.41 15.80
N PRO C 241 -7.22 8.68 14.69
CA PRO C 241 -8.03 8.90 13.49
C PRO C 241 -9.49 8.48 13.69
N VAL C 242 -10.39 9.24 13.06
CA VAL C 242 -11.85 8.96 13.13
C VAL C 242 -12.42 9.12 11.71
N VAL C 243 -13.03 8.05 11.21
CA VAL C 243 -13.60 7.99 9.84
C VAL C 243 -14.62 9.13 9.63
N GLY C 244 -14.78 9.57 8.36
CA GLY C 244 -15.83 10.54 7.97
C GLY C 244 -15.54 11.96 8.38
N GLY C 245 -14.34 12.46 8.06
CA GLY C 245 -13.96 13.83 8.48
C GLY C 245 -13.97 14.85 7.36
N ILE C 246 -13.52 16.05 7.69
CA ILE C 246 -13.50 17.19 6.74
C ILE C 246 -12.43 16.93 5.66
N SER C 247 -12.72 17.33 4.41
CA SER C 247 -11.70 17.12 3.35
C SER C 247 -10.57 18.15 3.49
N TYR C 248 -9.46 17.85 2.84
CA TYR C 248 -8.38 18.85 2.74
C TYR C 248 -8.92 20.10 2.06
N ARG C 249 -9.66 19.92 0.95
CA ARG C 249 -10.18 21.10 0.23
C ARG C 249 -11.11 21.94 1.14
N GLU C 250 -12.03 21.32 1.88
CA GLU C 250 -12.91 22.11 2.79
C GLU C 250 -12.04 22.84 3.82
N SER C 251 -11.00 22.18 4.32
CA SER C 251 -10.11 22.80 5.36
C SER C 251 -9.31 23.96 4.78
N HIS C 252 -8.87 23.82 3.53
CA HIS C 252 -8.08 24.86 2.83
C HIS C 252 -8.99 26.08 2.64
N LEU C 253 -10.22 25.85 2.18
CA LEU C 253 -11.21 26.96 2.00
C LEU C 253 -11.44 27.65 3.36
N ALA C 254 -11.68 26.86 4.42
CA ALA C 254 -11.92 27.43 5.76
C ALA C 254 -10.75 28.33 6.18
N MET C 255 -9.51 27.88 5.97
CA MET C 255 -8.33 28.68 6.37
C MET C 255 -8.28 29.99 5.57
N GLU C 256 -8.57 29.95 4.27
CA GLU C 256 -8.55 31.15 3.40
C GLU C 256 -9.62 32.12 3.91
N MET C 257 -10.79 31.61 4.27
CA MET C 257 -11.91 32.46 4.76
C MET C 257 -11.54 33.09 6.11
N LEU C 258 -10.86 32.34 6.98
CA LEU C 258 -10.44 32.90 8.29
C LEU C 258 -9.39 33.99 8.04
N TYR C 259 -8.47 33.77 7.10
CA TYR C 259 -7.46 34.81 6.81
C TYR C 259 -8.18 36.09 6.34
N ASP C 260 -9.11 35.96 5.41
CA ASP C 260 -9.81 37.14 4.84
C ASP C 260 -10.57 37.90 5.94
N ALA C 261 -11.07 37.18 6.96
CA ALA C 261 -11.85 37.81 8.05
C ALA C 261 -10.91 38.62 8.96
N GLY C 262 -9.62 38.24 9.02
CA GLY C 262 -8.63 38.97 9.84
C GLY C 262 -8.90 38.86 11.33
N ILE C 263 -9.53 37.78 11.80
CA ILE C 263 -9.92 37.63 13.24
C ILE C 263 -8.96 36.72 14.02
N ILE C 264 -8.14 35.92 13.33
CA ILE C 264 -7.32 34.91 14.05
C ILE C 264 -6.08 35.60 14.61
N THR C 265 -5.91 35.53 15.94
CA THR C 265 -4.81 36.24 16.65
C THR C 265 -3.82 35.24 17.27
N SER C 266 -4.12 33.95 17.20
CA SER C 266 -3.21 32.89 17.69
C SER C 266 -3.67 31.55 17.08
N ALA C 267 -2.76 30.59 16.97
CA ALA C 267 -3.17 29.30 16.39
C ALA C 267 -2.24 28.18 16.87
N GLU C 268 -2.81 26.97 16.91
CA GLU C 268 -2.04 25.74 17.21
C GLU C 268 -2.51 24.67 16.23
N PHE C 269 -1.54 23.90 15.73
CA PHE C 269 -1.75 22.79 14.76
C PHE C 269 -1.20 21.56 15.48
N VAL C 270 -2.08 20.67 15.90
CA VAL C 270 -1.69 19.57 16.83
C VAL C 270 -2.07 18.18 16.30
N GLU C 271 -1.53 17.17 16.98
CA GLU C 271 -1.90 15.74 16.82
C GLU C 271 -1.34 15.13 15.53
N VAL C 272 -0.34 15.74 14.90
CA VAL C 272 0.33 15.07 13.75
C VAL C 272 1.12 13.87 14.30
N ASN C 273 0.93 12.71 13.66
CA ASN C 273 1.52 11.43 14.09
C ASN C 273 2.22 10.76 12.91
N PRO C 274 3.55 10.89 12.78
CA PRO C 274 4.26 10.27 11.64
C PRO C 274 4.14 8.75 11.55
N ILE C 275 3.79 8.08 12.65
CA ILE C 275 3.74 6.58 12.66
C ILE C 275 2.64 6.11 11.71
N LEU C 276 1.53 6.82 11.64
CA LEU C 276 0.41 6.41 10.77
C LEU C 276 0.39 7.20 9.47
N ASP C 277 1.38 8.08 9.27
CA ASP C 277 1.38 8.96 8.07
C ASP C 277 1.92 8.23 6.84
N HIS C 278 1.65 8.80 5.67
CA HIS C 278 2.17 8.27 4.40
C HIS C 278 3.08 9.33 3.77
N LYS C 279 4.39 9.12 3.87
CA LYS C 279 5.41 10.04 3.31
C LYS C 279 5.09 11.49 3.69
N ASN C 280 4.82 11.70 4.97
CA ASN C 280 4.55 13.03 5.56
C ASN C 280 3.37 13.74 4.90
N LYS C 281 2.39 13.01 4.36
CA LYS C 281 1.18 13.66 3.78
C LYS C 281 0.55 14.62 4.79
N THR C 282 0.51 14.23 6.07
CA THR C 282 -0.18 15.03 7.11
C THR C 282 0.69 16.22 7.54
N GLY C 283 2.01 16.02 7.64
CA GLY C 283 2.89 17.15 7.96
C GLY C 283 2.81 18.20 6.85
N LYS C 284 2.76 17.76 5.60
CA LYS C 284 2.69 18.71 4.45
C LYS C 284 1.33 19.41 4.48
N THR C 285 0.27 18.66 4.80
CA THR C 285 -1.09 19.22 4.89
C THR C 285 -1.11 20.29 5.98
N ALA C 286 -0.51 20.02 7.14
CA ALA C 286 -0.47 21.05 8.20
C ALA C 286 0.20 22.34 7.67
N VAL C 287 1.35 22.21 7.00
CA VAL C 287 2.04 23.41 6.44
C VAL C 287 1.13 24.14 5.43
N GLU C 288 0.47 23.41 4.54
CA GLU C 288 -0.43 24.05 3.53
C GLU C 288 -1.56 24.82 4.25
N LEU C 289 -2.14 24.24 5.29
CA LEU C 289 -3.23 24.92 6.04
C LEU C 289 -2.70 26.16 6.77
N VAL C 290 -1.50 26.08 7.36
CA VAL C 290 -0.92 27.28 8.03
C VAL C 290 -0.69 28.37 6.97
N GLU C 291 -0.16 27.99 5.79
CA GLU C 291 0.09 28.97 4.70
C GLU C 291 -1.22 29.69 4.33
N SER C 292 -2.31 28.94 4.17
CA SER C 292 -3.63 29.54 3.81
C SER C 292 -4.12 30.44 4.94
N LEU C 293 -3.97 29.97 6.17
CA LEU C 293 -4.44 30.77 7.32
C LEU C 293 -3.70 32.11 7.38
N LEU C 294 -2.43 32.12 6.93
N LEU C 294 -2.44 32.11 6.91
CA LEU C 294 -1.58 33.35 6.98
CA LEU C 294 -1.60 33.33 6.98
C LEU C 294 -1.60 34.14 5.66
C LEU C 294 -1.56 34.08 5.64
N GLY C 295 -2.52 33.82 4.74
CA GLY C 295 -2.67 34.65 3.53
C GLY C 295 -2.26 34.10 2.19
N LYS C 296 -1.70 32.89 2.13
CA LYS C 296 -1.28 32.32 0.81
C LYS C 296 -2.52 32.17 -0.06
N LYS C 297 -2.44 32.60 -1.31
CA LYS C 297 -3.57 32.47 -2.26
C LYS C 297 -3.07 31.67 -3.47
N LEU C 298 -3.99 31.10 -4.25
CA LEU C 298 -3.63 30.31 -5.45
C LEU C 298 -3.44 31.23 -6.66
N LEU C 299 -3.98 32.45 -6.56
CA LEU C 299 -3.86 33.47 -7.63
C LEU C 299 -3.79 34.86 -6.97
N ALA D 3 -25.61 13.84 -31.15
CA ALA D 3 -24.93 12.61 -31.67
C ALA D 3 -23.84 13.01 -32.67
N MET D 4 -22.57 12.96 -32.24
CA MET D 4 -21.46 13.34 -33.16
C MET D 4 -21.22 12.17 -34.13
N ASP D 5 -21.70 12.34 -35.36
CA ASP D 5 -21.55 11.35 -36.47
C ASP D 5 -20.19 11.61 -37.14
N LYS D 6 -19.16 11.68 -36.31
CA LYS D 6 -17.79 11.94 -36.80
C LYS D 6 -16.88 10.81 -36.33
N THR D 7 -15.95 10.44 -37.21
CA THR D 7 -14.93 9.44 -36.86
C THR D 7 -13.93 10.08 -35.90
N ILE D 8 -13.53 9.31 -34.89
CA ILE D 8 -12.51 9.74 -33.90
C ILE D 8 -11.14 9.27 -34.38
N SER D 9 -10.20 10.22 -34.45
CA SER D 9 -8.80 9.95 -34.88
C SER D 9 -7.90 10.06 -33.64
N VAL D 10 -7.37 8.92 -33.18
CA VAL D 10 -6.50 8.93 -31.97
C VAL D 10 -5.04 9.08 -32.39
N ILE D 11 -4.34 10.04 -31.78
CA ILE D 11 -2.90 10.28 -32.07
C ILE D 11 -2.14 10.24 -30.75
N GLY D 12 -1.10 9.39 -30.67
CA GLY D 12 -0.29 9.32 -29.43
C GLY D 12 0.96 10.16 -29.57
N MET D 13 1.35 10.85 -28.48
CA MET D 13 2.57 11.70 -28.43
C MET D 13 3.40 11.27 -27.24
N PRO D 14 4.24 10.22 -27.39
CA PRO D 14 5.06 9.72 -26.28
C PRO D 14 6.30 10.60 -26.02
N MET D 15 6.03 11.84 -25.62
CA MET D 15 7.04 12.90 -25.40
C MET D 15 7.24 13.11 -23.90
N ASP D 16 8.48 13.03 -23.47
CA ASP D 16 8.89 13.20 -22.05
C ASP D 16 10.21 13.98 -22.06
N LEU D 17 10.11 15.30 -22.23
CA LEU D 17 11.30 16.16 -22.40
C LEU D 17 11.31 17.21 -21.28
N GLY D 18 12.39 17.98 -21.17
CA GLY D 18 12.52 18.95 -20.06
C GLY D 18 13.80 18.72 -19.30
N GLN D 19 13.95 19.37 -18.13
N GLN D 19 13.96 19.35 -18.12
CA GLN D 19 15.19 19.22 -17.33
CA GLN D 19 15.22 19.21 -17.35
C GLN D 19 15.44 17.73 -17.08
C GLN D 19 15.46 17.73 -17.00
N ALA D 20 14.41 16.99 -16.68
CA ALA D 20 14.56 15.56 -16.38
C ALA D 20 13.32 14.81 -16.86
N ARG D 21 13.48 13.52 -17.17
CA ARG D 21 12.28 12.74 -17.57
C ARG D 21 11.33 12.64 -16.36
N ARG D 22 10.03 12.53 -16.63
CA ARG D 22 8.99 12.38 -15.57
C ARG D 22 8.15 11.12 -15.82
N GLY D 23 8.39 10.38 -16.92
CA GLY D 23 7.72 9.10 -17.20
C GLY D 23 6.47 9.23 -18.07
N VAL D 24 6.15 10.45 -18.52
CA VAL D 24 4.88 10.72 -19.23
C VAL D 24 4.93 10.23 -20.68
N ASP D 25 6.10 9.78 -21.17
CA ASP D 25 6.12 9.22 -22.56
C ASP D 25 5.31 7.95 -22.60
N MET D 26 5.13 7.31 -21.44
CA MET D 26 4.38 6.04 -21.33
C MET D 26 2.86 6.30 -21.26
N GLY D 27 2.45 7.55 -21.19
CA GLY D 27 1.02 7.91 -21.06
C GLY D 27 0.15 7.30 -22.15
N PRO D 28 0.46 7.51 -23.44
CA PRO D 28 -0.37 6.95 -24.51
C PRO D 28 -0.56 5.43 -24.38
N SER D 29 0.51 4.71 -24.05
CA SER D 29 0.42 3.24 -23.91
C SER D 29 -0.52 2.87 -22.76
N ALA D 30 -0.36 3.56 -21.62
CA ALA D 30 -1.22 3.27 -20.44
C ALA D 30 -2.70 3.58 -20.73
N ILE D 31 -2.98 4.67 -21.45
CA ILE D 31 -4.38 5.01 -21.80
C ILE D 31 -4.95 3.93 -22.75
N ARG D 32 -4.16 3.51 -23.73
CA ARG D 32 -4.63 2.44 -24.64
C ARG D 32 -4.80 1.13 -23.85
N TYR D 33 -3.96 0.91 -22.83
CA TYR D 33 -4.01 -0.34 -22.01
C TYR D 33 -5.35 -0.42 -21.29
N ALA D 34 -5.93 0.75 -20.96
CA ALA D 34 -7.24 0.82 -20.29
C ALA D 34 -8.40 0.70 -21.32
N HIS D 35 -8.09 0.18 -22.52
CA HIS D 35 -9.11 -0.17 -23.56
C HIS D 35 -9.79 1.05 -24.20
N LEU D 36 -9.07 2.16 -24.33
CA LEU D 36 -9.64 3.40 -24.96
C LEU D 36 -10.38 3.08 -26.27
N ILE D 37 -9.71 2.41 -27.21
CA ILE D 37 -10.30 2.14 -28.57
C ILE D 37 -11.57 1.28 -28.46
N GLU D 38 -11.48 0.13 -27.77
CA GLU D 38 -12.64 -0.77 -27.57
C GLU D 38 -13.83 -0.03 -26.91
N ARG D 39 -13.58 0.74 -25.85
CA ARG D 39 -14.67 1.46 -25.15
C ARG D 39 -15.38 2.43 -26.10
N LEU D 40 -14.63 3.17 -26.93
CA LEU D 40 -15.26 4.15 -27.85
C LEU D 40 -16.00 3.40 -28.96
N SER D 41 -15.44 2.29 -29.40
CA SER D 41 -16.10 1.48 -30.47
C SER D 41 -17.42 0.91 -29.94
N ASP D 42 -17.42 0.43 -28.69
CA ASP D 42 -18.62 -0.15 -28.04
C ASP D 42 -19.70 0.93 -27.86
N MET D 43 -19.30 2.19 -27.77
CA MET D 43 -20.26 3.32 -27.66
C MET D 43 -20.89 3.62 -29.04
N GLY D 44 -20.37 3.00 -30.10
CA GLY D 44 -20.93 3.20 -31.46
C GLY D 44 -20.09 4.11 -32.33
N TYR D 45 -18.96 4.59 -31.82
CA TYR D 45 -18.08 5.45 -32.64
C TYR D 45 -17.21 4.64 -33.60
N THR D 46 -16.95 5.25 -34.75
CA THR D 46 -15.92 4.75 -35.67
C THR D 46 -14.61 5.38 -35.15
N VAL D 47 -13.64 4.54 -34.80
CA VAL D 47 -12.35 5.00 -34.22
C VAL D 47 -11.18 4.53 -35.07
N GLU D 48 -10.25 5.43 -35.35
CA GLU D 48 -9.03 5.04 -36.09
C GLU D 48 -7.85 5.41 -35.20
N ASP D 49 -7.04 4.43 -34.87
CA ASP D 49 -5.83 4.69 -34.06
C ASP D 49 -4.72 4.99 -35.06
N LEU D 50 -4.26 6.25 -35.12
CA LEU D 50 -3.20 6.65 -36.08
C LEU D 50 -1.82 6.33 -35.50
N GLY D 51 -1.79 5.70 -34.33
CA GLY D 51 -0.53 5.32 -33.67
C GLY D 51 0.16 6.49 -33.01
N ASP D 52 1.47 6.37 -32.85
CA ASP D 52 2.26 7.38 -32.12
C ASP D 52 3.22 8.11 -33.06
N ILE D 53 3.27 9.43 -32.91
CA ILE D 53 4.26 10.28 -33.62
C ILE D 53 5.63 9.87 -33.06
N PRO D 54 6.66 9.58 -33.87
CA PRO D 54 7.98 9.24 -33.35
C PRO D 54 8.62 10.47 -32.69
N ILE D 55 9.17 10.31 -31.49
CA ILE D 55 9.83 11.42 -30.74
C ILE D 55 11.30 11.06 -30.57
N ASN D 56 12.20 11.81 -31.22
CA ASN D 56 13.67 11.54 -31.15
C ASN D 56 14.20 11.79 -29.73
N GLU D 65 18.53 28.19 -20.90
CA GLU D 65 18.21 27.65 -22.26
C GLU D 65 16.87 26.91 -22.23
N LEU D 66 16.31 26.68 -23.42
CA LEU D 66 15.05 25.91 -23.56
C LEU D 66 15.46 24.44 -23.74
N LYS D 67 15.09 23.61 -22.76
CA LYS D 67 15.49 22.18 -22.69
C LYS D 67 14.86 21.38 -23.84
N ASN D 68 15.70 20.75 -24.66
CA ASN D 68 15.23 19.83 -25.73
C ASN D 68 14.39 20.59 -26.77
N LEU D 69 14.71 21.87 -27.00
CA LEU D 69 13.96 22.74 -27.95
C LEU D 69 13.82 22.05 -29.31
N ASN D 70 14.93 21.56 -29.89
CA ASN D 70 14.88 20.94 -31.24
C ASN D 70 13.90 19.76 -31.26
N SER D 71 13.96 18.90 -30.25
CA SER D 71 13.09 17.70 -30.18
C SER D 71 11.62 18.09 -29.96
N VAL D 72 11.38 19.09 -29.11
CA VAL D 72 10.00 19.57 -28.85
C VAL D 72 9.45 20.15 -30.17
N LEU D 73 10.27 20.95 -30.85
N LEU D 73 10.26 20.96 -30.85
CA LEU D 73 9.85 21.57 -32.14
CA LEU D 73 9.86 21.56 -32.15
C LEU D 73 9.54 20.48 -33.17
C LEU D 73 9.53 20.46 -33.16
N ALA D 74 10.43 19.50 -33.33
CA ALA D 74 10.28 18.43 -34.34
C ALA D 74 9.02 17.61 -34.08
N GLY D 75 8.79 17.21 -32.83
CA GLY D 75 7.61 16.40 -32.51
C GLY D 75 6.32 17.17 -32.71
N ASN D 76 6.33 18.46 -32.31
CA ASN D 76 5.12 19.30 -32.41
C ASN D 76 4.82 19.59 -33.88
N GLU D 77 5.85 19.70 -34.72
N GLU D 77 5.86 19.69 -34.70
CA GLU D 77 5.66 19.93 -36.17
CA GLU D 77 5.71 19.91 -36.16
C GLU D 77 4.93 18.73 -36.77
C GLU D 77 4.92 18.73 -36.73
N LYS D 78 5.38 17.50 -36.46
CA LYS D 78 4.72 16.29 -36.97
C LYS D 78 3.29 16.22 -36.41
N LEU D 79 3.12 16.54 -35.12
CA LEU D 79 1.76 16.49 -34.52
C LEU D 79 0.83 17.51 -35.20
N ALA D 80 1.31 18.74 -35.39
CA ALA D 80 0.47 19.79 -36.03
C ALA D 80 0.00 19.33 -37.41
N GLN D 81 0.92 18.75 -38.20
CA GLN D 81 0.59 18.27 -39.56
C GLN D 81 -0.47 17.16 -39.50
N LYS D 82 -0.36 16.24 -38.54
CA LYS D 82 -1.32 15.10 -38.44
C LYS D 82 -2.68 15.63 -38.00
N VAL D 83 -2.69 16.52 -36.99
CA VAL D 83 -3.96 17.08 -36.47
C VAL D 83 -4.64 17.85 -37.58
N ASN D 84 -3.86 18.61 -38.35
CA ASN D 84 -4.38 19.41 -39.49
C ASN D 84 -5.09 18.46 -40.48
N LYS D 85 -4.44 17.33 -40.80
CA LYS D 85 -5.01 16.35 -41.77
C LYS D 85 -6.33 15.80 -41.23
N VAL D 86 -6.39 15.47 -39.94
CA VAL D 86 -7.63 14.92 -39.32
C VAL D 86 -8.77 15.95 -39.42
N ILE D 87 -8.48 17.23 -39.15
CA ILE D 87 -9.53 18.28 -39.21
C ILE D 87 -9.97 18.50 -40.67
N GLU D 88 -9.02 18.44 -41.60
CA GLU D 88 -9.34 18.59 -43.04
C GLU D 88 -10.26 17.45 -43.46
N GLU D 89 -10.11 16.27 -42.88
CA GLU D 89 -10.92 15.06 -43.20
C GLU D 89 -12.27 15.11 -42.47
N LYS D 90 -12.53 16.15 -41.68
CA LYS D 90 -13.80 16.32 -40.90
C LYS D 90 -13.90 15.23 -39.81
N LYS D 91 -12.75 14.86 -39.24
CA LYS D 91 -12.71 13.87 -38.13
C LYS D 91 -12.35 14.61 -36.85
N PHE D 92 -12.63 13.98 -35.72
CA PHE D 92 -12.37 14.55 -34.38
C PHE D 92 -10.99 14.10 -33.89
N PRO D 93 -10.04 15.05 -33.69
CA PRO D 93 -8.72 14.71 -33.20
C PRO D 93 -8.70 14.54 -31.67
N LEU D 94 -8.30 13.35 -31.25
CA LEU D 94 -8.13 12.99 -29.83
C LEU D 94 -6.65 12.68 -29.64
N VAL D 95 -5.94 13.58 -28.96
CA VAL D 95 -4.46 13.42 -28.79
C VAL D 95 -4.14 12.92 -27.38
N LEU D 96 -3.24 11.94 -27.31
CA LEU D 96 -2.84 11.37 -26.00
C LEU D 96 -1.42 11.80 -25.70
N GLY D 97 -1.17 12.31 -24.47
CA GLY D 97 0.20 12.66 -24.08
C GLY D 97 0.68 11.72 -22.96
N GLY D 98 1.96 11.82 -22.57
CA GLY D 98 2.91 12.76 -23.13
C GLY D 98 2.91 14.06 -22.34
N ASP D 99 3.99 14.84 -22.43
CA ASP D 99 4.09 16.09 -21.64
C ASP D 99 3.14 17.14 -22.25
N HIS D 100 2.82 18.16 -21.46
CA HIS D 100 1.81 19.15 -21.92
C HIS D 100 2.35 20.05 -23.05
N SER D 101 3.65 20.01 -23.35
CA SER D 101 4.20 20.82 -24.47
C SER D 101 3.52 20.39 -25.78
N ILE D 102 2.85 19.24 -25.79
CA ILE D 102 2.24 18.78 -27.07
C ILE D 102 1.04 19.65 -27.44
N ALA D 103 0.52 20.44 -26.50
CA ALA D 103 -0.58 21.38 -26.84
C ALA D 103 -0.10 22.40 -27.89
N ILE D 104 1.21 22.66 -27.96
CA ILE D 104 1.74 23.62 -28.97
C ILE D 104 1.39 23.09 -30.36
N GLY D 105 1.73 21.82 -30.63
CA GLY D 105 1.41 21.22 -31.95
C GLY D 105 -0.08 21.00 -32.15
N THR D 106 -0.79 20.56 -31.11
CA THR D 106 -2.25 20.34 -31.25
C THR D 106 -2.93 21.66 -31.64
N LEU D 107 -2.61 22.75 -30.93
CA LEU D 107 -3.27 24.05 -31.23
C LEU D 107 -2.75 24.59 -32.57
N ALA D 108 -1.49 24.35 -32.92
CA ALA D 108 -0.96 24.81 -34.23
C ALA D 108 -1.73 24.12 -35.36
N GLY D 109 -2.09 22.85 -35.17
CA GLY D 109 -2.82 22.16 -36.27
C GLY D 109 -4.30 22.47 -36.27
N THR D 110 -4.84 23.02 -35.19
CA THR D 110 -6.29 23.21 -35.02
C THR D 110 -6.75 24.66 -35.20
N ALA D 111 -6.10 25.61 -34.55
CA ALA D 111 -6.59 27.01 -34.45
C ALA D 111 -6.90 27.66 -35.81
N LYS D 112 -6.07 27.42 -36.82
CA LYS D 112 -6.28 28.06 -38.14
C LYS D 112 -7.60 27.61 -38.80
N HIS D 113 -8.23 26.57 -38.26
CA HIS D 113 -9.50 26.07 -38.89
C HIS D 113 -10.71 26.77 -38.29
N TYR D 114 -10.50 27.67 -37.34
CA TYR D 114 -11.61 28.36 -36.62
C TYR D 114 -11.37 29.86 -36.63
N ASP D 115 -12.47 30.64 -36.57
CA ASP D 115 -12.37 32.11 -36.53
C ASP D 115 -12.08 32.55 -35.10
N ASN D 116 -12.64 31.84 -34.12
N ASN D 116 -12.59 31.77 -34.14
CA ASN D 116 -12.44 32.16 -32.69
CA ASN D 116 -12.51 32.16 -32.71
C ASN D 116 -12.42 30.87 -31.89
C ASN D 116 -12.43 30.88 -31.86
N LEU D 117 -11.29 30.18 -31.89
CA LEU D 117 -11.12 28.91 -31.13
C LEU D 117 -11.06 29.16 -29.62
N GLY D 118 -11.92 28.49 -28.87
CA GLY D 118 -11.88 28.57 -27.40
C GLY D 118 -10.98 27.47 -26.84
N VAL D 119 -10.43 27.67 -25.65
CA VAL D 119 -9.61 26.57 -25.06
C VAL D 119 -9.98 26.43 -23.60
N ILE D 120 -10.37 25.22 -23.20
CA ILE D 120 -10.56 24.88 -21.75
C ILE D 120 -9.28 24.17 -21.34
N TRP D 121 -8.53 24.83 -20.45
CA TRP D 121 -7.21 24.37 -19.95
C TRP D 121 -7.43 23.79 -18.56
N TYR D 122 -7.57 22.47 -18.51
CA TYR D 122 -7.95 21.73 -17.28
C TYR D 122 -6.65 21.21 -16.69
N ASP D 123 -6.16 21.86 -15.64
CA ASP D 123 -4.76 21.59 -15.24
C ASP D 123 -4.48 22.20 -13.88
N ALA D 124 -3.60 21.57 -13.11
CA ALA D 124 -3.15 22.18 -11.84
C ALA D 124 -2.29 23.42 -12.13
N HIS D 125 -1.66 23.42 -13.31
CA HIS D 125 -0.70 24.46 -13.77
C HIS D 125 -1.31 25.35 -14.86
N GLY D 126 -0.90 26.63 -14.89
CA GLY D 126 -1.37 27.52 -15.97
C GLY D 126 -0.54 27.30 -17.23
N ASP D 127 0.72 26.85 -17.08
CA ASP D 127 1.61 26.62 -18.24
C ASP D 127 1.71 27.91 -19.06
N LEU D 128 1.77 29.05 -18.36
CA LEU D 128 1.83 30.40 -18.97
C LEU D 128 3.24 30.97 -18.83
N ASN D 129 4.25 30.11 -18.68
CA ASN D 129 5.65 30.61 -18.49
C ASN D 129 6.36 30.92 -19.80
N THR D 130 7.39 31.74 -19.68
CA THR D 130 8.40 32.01 -20.74
C THR D 130 9.74 31.62 -20.11
N LEU D 131 10.84 31.70 -20.85
CA LEU D 131 12.15 31.35 -20.23
C LEU D 131 12.40 32.31 -19.06
N GLU D 132 11.94 33.56 -19.18
CA GLU D 132 12.16 34.62 -18.16
C GLU D 132 11.40 34.32 -16.86
N THR D 133 10.25 33.66 -16.92
CA THR D 133 9.44 33.42 -15.69
C THR D 133 9.58 31.99 -15.19
N SER D 134 10.20 31.09 -15.97
CA SER D 134 10.26 29.66 -15.60
C SER D 134 11.44 29.33 -14.69
N PRO D 135 11.18 28.77 -13.50
CA PRO D 135 12.26 28.32 -12.62
C PRO D 135 13.05 27.13 -13.20
N SER D 136 12.52 26.46 -14.25
CA SER D 136 13.15 25.24 -14.82
C SER D 136 13.58 25.40 -16.29
N GLY D 137 12.89 26.22 -17.08
CA GLY D 137 13.18 26.28 -18.52
C GLY D 137 12.44 25.17 -19.26
N ASN D 138 11.57 24.44 -18.55
CA ASN D 138 10.79 23.34 -19.17
C ASN D 138 9.75 23.90 -20.14
N ILE D 139 9.80 23.45 -21.40
CA ILE D 139 8.81 23.94 -22.40
C ILE D 139 7.43 23.40 -22.03
N HIS D 140 7.34 22.30 -21.28
CA HIS D 140 5.98 21.79 -20.95
C HIS D 140 5.27 22.72 -19.96
N GLY D 141 6.00 23.68 -19.39
CA GLY D 141 5.39 24.70 -18.51
C GLY D 141 5.14 25.99 -19.26
N MET D 142 5.21 25.96 -20.61
CA MET D 142 5.06 27.17 -21.46
C MET D 142 4.04 27.02 -22.59
N PRO D 143 3.33 25.89 -22.82
CA PRO D 143 2.52 25.78 -24.05
C PRO D 143 1.35 26.78 -24.19
N LEU D 144 0.72 27.16 -23.08
CA LEU D 144 -0.42 28.10 -23.22
C LEU D 144 0.13 29.47 -23.62
N ALA D 145 1.23 29.90 -22.99
CA ALA D 145 1.85 31.19 -23.35
C ALA D 145 2.26 31.18 -24.83
N VAL D 146 2.95 30.12 -25.25
CA VAL D 146 3.41 29.98 -26.66
C VAL D 146 2.20 30.12 -27.59
N SER D 147 1.12 29.40 -27.30
CA SER D 147 -0.10 29.42 -28.14
C SER D 147 -0.75 30.82 -28.16
N LEU D 148 -0.56 31.61 -27.10
CA LEU D 148 -1.08 33.01 -27.04
C LEU D 148 -0.11 33.96 -27.77
N GLY D 149 0.96 33.44 -28.36
CA GLY D 149 1.95 34.25 -29.10
C GLY D 149 3.05 34.83 -28.22
N ILE D 150 3.25 34.26 -27.02
CA ILE D 150 4.26 34.78 -26.07
C ILE D 150 5.32 33.70 -25.79
N GLY D 151 6.56 33.91 -26.25
CA GLY D 151 7.62 32.93 -25.98
C GLY D 151 8.63 32.85 -27.11
N HIS D 152 9.38 31.75 -27.14
CA HIS D 152 10.44 31.54 -28.17
C HIS D 152 9.80 31.62 -29.57
N GLU D 153 10.47 32.35 -30.47
CA GLU D 153 9.95 32.62 -31.83
C GLU D 153 9.60 31.33 -32.58
N SER D 154 10.49 30.33 -32.58
CA SER D 154 10.23 29.09 -33.36
C SER D 154 9.00 28.32 -32.82
N LEU D 155 8.71 28.41 -31.52
CA LEU D 155 7.54 27.73 -30.92
C LEU D 155 6.28 28.53 -31.21
N VAL D 156 6.37 29.85 -31.05
CA VAL D 156 5.23 30.78 -31.30
C VAL D 156 4.81 30.72 -32.79
N ASN D 157 5.78 30.60 -33.70
CA ASN D 157 5.51 30.66 -35.16
C ASN D 157 5.32 29.29 -35.79
N LEU D 158 5.15 28.24 -34.98
CA LEU D 158 4.95 26.88 -35.53
C LEU D 158 3.79 26.90 -36.55
N GLU D 159 4.03 26.34 -37.75
CA GLU D 159 3.03 26.23 -38.85
C GLU D 159 2.82 27.59 -39.54
N GLY D 160 3.68 28.58 -39.26
CA GLY D 160 3.68 29.85 -40.01
C GLY D 160 2.59 30.83 -39.65
N TYR D 161 2.01 30.75 -38.45
CA TYR D 161 1.01 31.78 -38.05
C TYR D 161 1.06 31.95 -36.54
N ALA D 162 0.65 33.13 -36.08
CA ALA D 162 0.63 33.43 -34.62
C ALA D 162 -0.20 34.69 -34.40
N PRO D 163 -0.91 34.82 -33.27
CA PRO D 163 -0.99 33.76 -32.25
C PRO D 163 -2.06 32.72 -32.62
N LYS D 164 -2.02 31.56 -31.98
CA LYS D 164 -3.05 30.52 -32.25
C LYS D 164 -4.36 30.93 -31.59
N ILE D 165 -4.29 31.39 -30.35
CA ILE D 165 -5.51 31.72 -29.57
C ILE D 165 -5.37 33.10 -28.92
N LYS D 166 -6.51 33.67 -28.57
CA LYS D 166 -6.62 34.99 -27.92
C LYS D 166 -6.90 34.77 -26.45
N PRO D 167 -6.34 35.59 -25.55
CA PRO D 167 -6.52 35.39 -24.11
C PRO D 167 -7.98 35.43 -23.68
N GLU D 168 -8.84 36.15 -24.40
CA GLU D 168 -10.27 36.21 -23.95
C GLU D 168 -11.01 34.92 -24.29
N ASN D 169 -10.38 33.99 -25.03
CA ASN D 169 -10.99 32.72 -25.46
C ASN D 169 -10.45 31.56 -24.62
N VAL D 170 -9.77 31.86 -23.51
CA VAL D 170 -9.19 30.79 -22.65
C VAL D 170 -9.94 30.71 -21.32
N VAL D 171 -10.19 29.50 -20.85
CA VAL D 171 -10.71 29.31 -19.46
C VAL D 171 -9.82 28.25 -18.83
N ILE D 172 -9.13 28.63 -17.75
CA ILE D 172 -8.29 27.66 -17.00
C ILE D 172 -9.15 27.11 -15.87
N ILE D 173 -9.16 25.78 -15.73
CA ILE D 173 -9.95 25.14 -14.65
C ILE D 173 -9.04 24.21 -13.83
N GLY D 174 -8.99 24.44 -12.51
CA GLY D 174 -8.22 23.56 -11.60
C GLY D 174 -6.88 24.13 -11.13
N ALA D 175 -6.55 25.35 -11.54
CA ALA D 175 -5.23 25.96 -11.22
C ALA D 175 -4.94 25.98 -9.72
N ARG D 176 -3.72 25.62 -9.36
CA ARG D 176 -3.28 25.67 -7.94
C ARG D 176 -1.76 25.74 -7.86
N SER D 177 -1.09 25.96 -9.00
CA SER D 177 0.38 26.08 -9.00
C SER D 177 0.76 27.15 -10.03
N LEU D 178 0.61 28.41 -9.66
CA LEU D 178 0.90 29.57 -10.56
C LEU D 178 2.06 30.39 -9.98
N ASP D 179 3.12 30.59 -10.76
CA ASP D 179 4.26 31.41 -10.24
C ASP D 179 3.91 32.91 -10.39
N GLU D 180 4.78 33.80 -9.87
N GLU D 180 4.80 33.76 -9.85
CA GLU D 180 4.40 35.24 -9.88
CA GLU D 180 4.65 35.24 -9.85
C GLU D 180 4.28 35.77 -11.31
C GLU D 180 4.35 35.77 -11.26
N GLY D 181 5.14 35.36 -12.25
CA GLY D 181 4.99 35.82 -13.64
C GLY D 181 3.65 35.41 -14.24
N GLU D 182 3.22 34.18 -13.98
CA GLU D 182 1.92 33.67 -14.52
C GLU D 182 0.76 34.47 -13.89
N ARG D 183 0.84 34.71 -12.58
CA ARG D 183 -0.23 35.47 -11.89
C ARG D 183 -0.32 36.89 -12.46
N LYS D 184 0.83 37.55 -12.66
CA LYS D 184 0.85 38.93 -13.19
C LYS D 184 0.16 38.96 -14.55
N TYR D 185 0.51 38.01 -15.43
CA TYR D 185 -0.08 37.94 -16.80
C TYR D 185 -1.58 37.68 -16.73
N ILE D 186 -2.01 36.78 -15.84
CA ILE D 186 -3.47 36.44 -15.74
C ILE D 186 -4.24 37.71 -15.34
N LYS D 187 -3.73 38.44 -14.36
CA LYS D 187 -4.40 39.68 -13.87
C LYS D 187 -4.38 40.78 -14.93
N GLU D 188 -3.24 40.98 -15.60
CA GLU D 188 -3.09 42.04 -16.63
C GLU D 188 -3.94 41.74 -17.86
N SER D 189 -3.98 40.48 -18.28
CA SER D 189 -4.75 40.08 -19.49
C SER D 189 -6.24 39.95 -19.20
N GLY D 190 -6.62 39.75 -17.93
CA GLY D 190 -8.04 39.55 -17.56
C GLY D 190 -8.50 38.14 -17.91
N MET D 191 -7.55 37.22 -18.06
CA MET D 191 -7.90 35.82 -18.43
C MET D 191 -8.82 35.19 -17.39
N LYS D 192 -9.79 34.40 -17.85
CA LYS D 192 -10.74 33.70 -16.95
C LYS D 192 -10.05 32.46 -16.34
N VAL D 193 -9.92 32.46 -15.01
CA VAL D 193 -9.24 31.33 -14.32
C VAL D 193 -10.08 30.89 -13.13
N TYR D 194 -10.38 29.59 -13.09
CA TYR D 194 -11.10 29.00 -11.93
C TYR D 194 -10.07 28.20 -11.15
N THR D 195 -9.46 28.84 -10.16
CA THR D 195 -8.54 28.08 -9.29
C THR D 195 -9.36 27.12 -8.43
N MET D 196 -8.68 26.26 -7.68
CA MET D 196 -9.38 25.30 -6.79
C MET D 196 -10.23 26.09 -5.78
N HIS D 197 -9.81 27.30 -5.46
CA HIS D 197 -10.61 28.12 -4.52
C HIS D 197 -11.99 28.41 -5.12
N GLU D 198 -12.04 28.75 -6.42
N GLU D 198 -12.04 28.80 -6.40
CA GLU D 198 -13.34 29.10 -7.04
CA GLU D 198 -13.36 29.09 -7.06
C GLU D 198 -14.17 27.82 -7.21
C GLU D 198 -14.17 27.80 -7.18
N ILE D 199 -13.51 26.68 -7.47
CA ILE D 199 -14.25 25.40 -7.63
C ILE D 199 -14.85 25.04 -6.26
N ASP D 200 -14.09 25.27 -5.18
CA ASP D 200 -14.59 25.00 -3.81
C ASP D 200 -15.80 25.89 -3.52
N ARG D 201 -15.74 27.16 -3.90
CA ARG D 201 -16.81 28.12 -3.55
C ARG D 201 -18.04 27.98 -4.45
N LEU D 202 -17.84 27.74 -5.74
CA LEU D 202 -18.96 27.72 -6.73
C LEU D 202 -19.51 26.30 -6.95
N GLY D 203 -18.66 25.27 -6.87
CA GLY D 203 -19.09 23.92 -7.25
C GLY D 203 -18.82 23.71 -8.74
N MET D 204 -18.56 22.48 -9.17
CA MET D 204 -18.19 22.25 -10.59
C MET D 204 -19.37 22.56 -11.53
N THR D 205 -20.59 22.26 -11.14
CA THR D 205 -21.75 22.54 -12.05
C THR D 205 -21.70 24.01 -12.47
N LYS D 206 -21.58 24.91 -11.49
CA LYS D 206 -21.60 26.35 -11.78
C LYS D 206 -20.34 26.75 -12.58
N VAL D 207 -19.18 26.16 -12.27
CA VAL D 207 -17.93 26.49 -13.01
C VAL D 207 -18.14 26.15 -14.48
N ILE D 208 -18.70 24.99 -14.77
CA ILE D 208 -18.88 24.58 -16.20
C ILE D 208 -19.98 25.44 -16.85
N GLU D 209 -21.08 25.72 -16.15
CA GLU D 209 -22.16 26.58 -16.72
C GLU D 209 -21.56 27.96 -17.08
N GLU D 210 -20.74 28.50 -16.19
CA GLU D 210 -20.12 29.83 -16.44
C GLU D 210 -19.14 29.74 -17.61
N THR D 211 -18.39 28.62 -17.71
CA THR D 211 -17.42 28.41 -18.79
C THR D 211 -18.16 28.38 -20.13
N LEU D 212 -19.26 27.64 -20.17
CA LEU D 212 -20.08 27.54 -21.42
C LEU D 212 -20.62 28.92 -21.81
N ASP D 213 -21.12 29.71 -20.85
CA ASP D 213 -21.63 31.08 -21.13
C ASP D 213 -20.48 31.92 -21.70
N TYR D 214 -19.34 31.87 -21.02
CA TYR D 214 -18.14 32.70 -21.36
C TYR D 214 -17.60 32.40 -22.76
N LEU D 215 -17.63 31.13 -23.20
CA LEU D 215 -17.07 30.74 -24.52
C LEU D 215 -18.16 30.55 -25.58
N SER D 216 -19.39 31.04 -25.34
CA SER D 216 -20.51 30.79 -26.29
C SER D 216 -20.28 31.41 -27.68
N ALA D 217 -19.40 32.40 -27.81
CA ALA D 217 -19.21 33.05 -29.13
C ALA D 217 -18.11 32.33 -29.93
N CYS D 218 -17.43 31.33 -29.34
CA CYS D 218 -16.37 30.59 -30.07
C CYS D 218 -17.00 29.64 -31.10
N ASP D 219 -16.37 29.50 -32.27
CA ASP D 219 -16.90 28.60 -33.33
C ASP D 219 -16.31 27.19 -33.17
N GLY D 220 -15.43 27.01 -32.19
CA GLY D 220 -14.84 25.71 -31.87
C GLY D 220 -14.24 25.78 -30.47
N VAL D 221 -14.18 24.66 -29.76
CA VAL D 221 -13.56 24.68 -28.41
C VAL D 221 -12.66 23.46 -28.27
N HIS D 222 -11.41 23.72 -27.91
CA HIS D 222 -10.41 22.63 -27.68
C HIS D 222 -10.32 22.34 -26.19
N LEU D 223 -10.43 21.06 -25.79
CA LEU D 223 -10.20 20.72 -24.36
C LEU D 223 -8.77 20.20 -24.20
N SER D 224 -7.99 20.87 -23.35
CA SER D 224 -6.61 20.42 -23.05
C SER D 224 -6.65 19.93 -21.61
N LEU D 225 -6.85 18.62 -21.44
CA LEU D 225 -7.02 18.06 -20.08
C LEU D 225 -5.74 17.36 -19.64
N ASP D 226 -5.17 17.94 -18.59
CA ASP D 226 -3.97 17.39 -17.95
C ASP D 226 -4.51 16.59 -16.76
N LEU D 227 -4.19 15.31 -16.69
CA LEU D 227 -4.72 14.48 -15.59
C LEU D 227 -4.26 15.06 -14.25
N ASP D 228 -3.20 15.88 -14.23
CA ASP D 228 -2.74 16.46 -12.93
C ASP D 228 -3.76 17.50 -12.45
N GLY D 229 -4.76 17.84 -13.27
CA GLY D 229 -5.82 18.72 -12.75
C GLY D 229 -6.59 17.99 -11.64
N LEU D 230 -6.65 16.66 -11.71
CA LEU D 230 -7.35 15.86 -10.67
C LEU D 230 -6.44 15.72 -9.45
N ASP D 231 -7.07 15.55 -8.30
CA ASP D 231 -6.33 15.35 -7.06
C ASP D 231 -5.46 14.11 -7.20
N PRO D 232 -4.23 14.11 -6.64
CA PRO D 232 -3.36 12.93 -6.68
C PRO D 232 -4.00 11.70 -6.01
N ASN D 233 -4.98 11.89 -5.12
CA ASN D 233 -5.71 10.74 -4.52
C ASN D 233 -6.45 9.97 -5.63
N ASP D 234 -6.94 10.70 -6.63
CA ASP D 234 -7.74 10.11 -7.74
C ASP D 234 -6.88 9.86 -8.99
N ALA D 235 -5.85 10.68 -9.19
CA ALA D 235 -4.96 10.55 -10.37
C ALA D 235 -3.50 10.61 -9.90
N PRO D 236 -3.01 9.59 -9.18
CA PRO D 236 -1.64 9.59 -8.67
C PRO D 236 -0.56 9.51 -9.76
N GLY D 237 -0.92 8.92 -10.91
CA GLY D 237 0.01 8.65 -12.02
C GLY D 237 0.09 9.83 -12.98
N VAL D 238 0.75 10.90 -12.56
CA VAL D 238 0.89 12.11 -13.40
C VAL D 238 2.35 12.56 -13.35
N GLY D 239 2.77 13.40 -14.28
CA GLY D 239 4.16 13.86 -14.34
C GLY D 239 4.56 14.69 -13.12
N THR D 240 3.68 15.63 -12.72
CA THR D 240 3.97 16.58 -11.60
C THR D 240 2.72 16.73 -10.74
N PRO D 241 2.49 15.82 -9.78
CA PRO D 241 1.30 15.88 -8.95
C PRO D 241 1.32 17.09 -8.01
N VAL D 242 0.14 17.66 -7.78
CA VAL D 242 -0.06 18.83 -6.88
C VAL D 242 -1.27 18.54 -5.97
N VAL D 243 -1.05 18.55 -4.66
CA VAL D 243 -2.16 18.25 -3.68
C VAL D 243 -3.37 19.18 -3.89
N GLY D 244 -4.55 18.71 -3.47
CA GLY D 244 -5.80 19.48 -3.45
C GLY D 244 -6.39 19.75 -4.80
N GLY D 245 -6.63 18.68 -5.57
CA GLY D 245 -7.16 18.82 -6.93
C GLY D 245 -8.62 18.46 -7.07
N ILE D 246 -9.06 18.46 -8.32
CA ILE D 246 -10.47 18.14 -8.66
C ILE D 246 -10.72 16.65 -8.46
N SER D 247 -11.90 16.30 -7.96
CA SER D 247 -12.18 14.87 -7.74
C SER D 247 -12.54 14.16 -9.05
N TYR D 248 -12.52 12.84 -9.01
CA TYR D 248 -13.00 12.03 -10.16
C TYR D 248 -14.46 12.40 -10.48
N ARG D 249 -15.32 12.42 -9.46
CA ARG D 249 -16.77 12.72 -9.70
C ARG D 249 -16.96 14.12 -10.30
N GLU D 250 -16.26 15.12 -9.79
CA GLU D 250 -16.38 16.48 -10.36
C GLU D 250 -15.93 16.46 -11.83
N SER D 251 -14.88 15.69 -12.14
CA SER D 251 -14.33 15.65 -13.52
C SER D 251 -15.30 14.89 -14.42
N HIS D 252 -15.89 13.82 -13.90
CA HIS D 252 -16.88 13.00 -14.66
C HIS D 252 -18.08 13.89 -14.98
N LEU D 253 -18.55 14.65 -13.99
CA LEU D 253 -19.71 15.55 -14.24
C LEU D 253 -19.33 16.60 -15.28
N ALA D 254 -18.14 17.20 -15.15
CA ALA D 254 -17.72 18.25 -16.10
C ALA D 254 -17.71 17.69 -17.52
N MET D 255 -17.22 16.46 -17.71
CA MET D 255 -17.17 15.91 -19.09
C MET D 255 -18.59 15.66 -19.63
N GLU D 256 -19.47 15.12 -18.80
CA GLU D 256 -20.88 14.91 -19.21
C GLU D 256 -21.52 16.25 -19.61
N MET D 257 -21.24 17.32 -18.88
CA MET D 257 -21.84 18.65 -19.19
C MET D 257 -21.23 19.20 -20.49
N LEU D 258 -19.93 18.98 -20.70
CA LEU D 258 -19.32 19.46 -21.97
C LEU D 258 -19.95 18.68 -23.12
N TYR D 259 -20.19 17.37 -22.93
CA TYR D 259 -20.80 16.58 -24.03
C TYR D 259 -22.18 17.17 -24.36
N ASP D 260 -22.98 17.40 -23.32
CA ASP D 260 -24.37 17.93 -23.48
C ASP D 260 -24.39 19.28 -24.22
N ALA D 261 -23.38 20.13 -24.01
CA ALA D 261 -23.30 21.45 -24.64
C ALA D 261 -22.97 21.31 -26.14
N GLY D 262 -22.29 20.22 -26.52
CA GLY D 262 -21.92 19.94 -27.92
C GLY D 262 -20.91 20.92 -28.50
N ILE D 263 -20.09 21.56 -27.65
CA ILE D 263 -19.12 22.61 -28.09
C ILE D 263 -17.70 22.07 -28.30
N ILE D 264 -17.37 20.87 -27.79
CA ILE D 264 -15.96 20.41 -27.88
C ILE D 264 -15.69 19.85 -29.28
N THR D 265 -14.69 20.43 -29.97
CA THR D 265 -14.33 20.08 -31.37
C THR D 265 -12.97 19.37 -31.46
N SER D 266 -12.20 19.34 -30.37
CA SER D 266 -10.91 18.60 -30.33
C SER D 266 -10.54 18.40 -28.86
N ALA D 267 -9.64 17.46 -28.58
CA ALA D 267 -9.27 17.26 -27.15
C ALA D 267 -7.94 16.54 -27.06
N GLU D 268 -7.24 16.79 -25.96
CA GLU D 268 -5.99 16.08 -25.66
C GLU D 268 -6.05 15.73 -24.17
N PHE D 269 -5.64 14.51 -23.85
CA PHE D 269 -5.54 13.98 -22.47
C PHE D 269 -4.07 13.73 -22.25
N VAL D 270 -3.44 14.48 -21.34
CA VAL D 270 -1.96 14.45 -21.27
C VAL D 270 -1.44 14.19 -19.86
N GLU D 271 -0.12 13.98 -19.78
CA GLU D 271 0.66 13.89 -18.51
C GLU D 271 0.37 12.63 -17.70
N VAL D 272 -0.20 11.59 -18.31
CA VAL D 272 -0.31 10.29 -17.58
C VAL D 272 1.10 9.71 -17.41
N ASN D 273 1.41 9.25 -16.20
CA ASN D 273 2.75 8.75 -15.81
C ASN D 273 2.61 7.46 -15.03
N PRO D 274 2.80 6.29 -15.67
CA PRO D 274 2.72 5.00 -15.00
C PRO D 274 3.67 4.83 -13.80
N ILE D 275 4.80 5.54 -13.82
CA ILE D 275 5.79 5.38 -12.70
C ILE D 275 5.13 5.67 -11.34
N LEU D 276 4.31 6.70 -11.26
CA LEU D 276 3.68 7.06 -9.94
C LEU D 276 2.25 6.51 -9.83
N ASP D 277 1.78 5.78 -10.84
CA ASP D 277 0.37 5.31 -10.84
C ASP D 277 0.20 4.05 -9.97
N HIS D 278 -1.06 3.71 -9.68
CA HIS D 278 -1.41 2.48 -8.92
C HIS D 278 -2.31 1.62 -9.82
N LYS D 279 -1.74 0.55 -10.39
CA LYS D 279 -2.43 -0.43 -11.27
C LYS D 279 -3.26 0.31 -12.33
N ASN D 280 -2.66 1.33 -12.96
CA ASN D 280 -3.24 2.10 -14.08
C ASN D 280 -4.53 2.84 -13.67
N LYS D 281 -4.68 3.18 -12.39
CA LYS D 281 -5.87 3.98 -11.98
C LYS D 281 -5.98 5.26 -12.82
N THR D 282 -4.86 5.90 -13.16
CA THR D 282 -4.91 7.18 -13.91
C THR D 282 -5.17 6.92 -15.40
N GLY D 283 -4.59 5.87 -15.97
CA GLY D 283 -4.92 5.56 -17.38
C GLY D 283 -6.40 5.21 -17.49
N LYS D 284 -6.93 4.45 -16.53
CA LYS D 284 -8.37 4.08 -16.55
C LYS D 284 -9.21 5.35 -16.40
N THR D 285 -8.79 6.24 -15.49
CA THR D 285 -9.54 7.52 -15.28
C THR D 285 -9.58 8.30 -16.60
N ALA D 286 -8.45 8.42 -17.30
CA ALA D 286 -8.40 9.13 -18.60
C ALA D 286 -9.45 8.53 -19.56
N VAL D 287 -9.51 7.20 -19.66
CA VAL D 287 -10.48 6.55 -20.59
C VAL D 287 -11.93 6.88 -20.14
N GLU D 288 -12.22 6.78 -18.85
N GLU D 288 -12.21 6.80 -18.85
CA GLU D 288 -13.58 7.08 -18.32
CA GLU D 288 -13.57 7.06 -18.32
C GLU D 288 -13.96 8.52 -18.66
C GLU D 288 -13.96 8.53 -18.61
N LEU D 289 -13.02 9.47 -18.52
CA LEU D 289 -13.32 10.90 -18.81
C LEU D 289 -13.55 11.06 -20.31
N VAL D 290 -12.76 10.37 -21.13
CA VAL D 290 -12.96 10.45 -22.61
C VAL D 290 -14.36 9.90 -22.93
N GLU D 291 -14.72 8.77 -22.33
CA GLU D 291 -16.06 8.16 -22.60
C GLU D 291 -17.17 9.17 -22.27
N SER D 292 -17.06 9.83 -21.12
CA SER D 292 -18.12 10.80 -20.74
C SER D 292 -18.11 11.99 -21.70
N LEU D 293 -16.92 12.44 -22.08
CA LEU D 293 -16.81 13.61 -22.97
C LEU D 293 -17.46 13.29 -24.31
N LEU D 294 -17.40 12.01 -24.70
N LEU D 294 -17.42 12.01 -24.70
CA LEU D 294 -17.96 11.58 -26.01
CA LEU D 294 -17.97 11.60 -26.01
C LEU D 294 -19.41 11.06 -25.88
C LEU D 294 -19.39 11.03 -25.88
N GLY D 295 -20.03 11.22 -24.71
CA GLY D 295 -21.47 10.92 -24.59
C GLY D 295 -21.88 9.69 -23.81
N LYS D 296 -20.96 8.98 -23.18
CA LYS D 296 -21.39 7.82 -22.37
C LYS D 296 -22.24 8.34 -21.20
N LYS D 297 -23.39 7.71 -20.97
CA LYS D 297 -24.30 8.10 -19.85
C LYS D 297 -24.47 6.89 -18.92
N LEU D 298 -24.81 7.14 -17.65
CA LEU D 298 -25.01 6.02 -16.69
C LEU D 298 -26.41 5.41 -16.87
N LEU D 299 -27.29 6.13 -17.57
CA LEU D 299 -28.68 5.67 -17.83
C LEU D 299 -29.11 6.19 -19.20
N ASP E 5 -3.45 -42.80 -3.56
CA ASP E 5 -4.73 -43.53 -3.88
C ASP E 5 -5.83 -43.14 -2.90
N LYS E 6 -5.47 -42.83 -1.64
CA LYS E 6 -6.49 -42.49 -0.62
C LYS E 6 -7.30 -41.26 -1.06
N THR E 7 -8.60 -41.32 -0.81
CA THR E 7 -9.49 -40.16 -1.03
C THR E 7 -9.06 -39.08 -0.05
N ILE E 8 -9.15 -37.80 -0.44
CA ILE E 8 -8.86 -36.69 0.51
C ILE E 8 -10.21 -36.20 1.06
N SER E 9 -10.38 -36.21 2.39
CA SER E 9 -11.60 -35.75 3.07
C SER E 9 -11.31 -34.38 3.69
N VAL E 10 -11.94 -33.34 3.16
CA VAL E 10 -11.72 -31.95 3.63
C VAL E 10 -12.78 -31.59 4.67
N ILE E 11 -12.32 -31.13 5.83
CA ILE E 11 -13.24 -30.70 6.92
C ILE E 11 -12.88 -29.26 7.28
N GLY E 12 -13.85 -28.35 7.26
CA GLY E 12 -13.65 -26.96 7.67
C GLY E 12 -14.06 -26.75 9.12
N MET E 13 -13.28 -25.95 9.85
CA MET E 13 -13.55 -25.62 11.27
C MET E 13 -13.52 -24.11 11.40
N PRO E 14 -14.67 -23.43 11.15
CA PRO E 14 -14.72 -21.96 11.23
C PRO E 14 -14.78 -21.50 12.69
N MET E 15 -13.75 -21.84 13.47
CA MET E 15 -13.67 -21.51 14.91
C MET E 15 -12.79 -20.27 15.15
N ASP E 16 -13.34 -19.27 15.84
CA ASP E 16 -12.61 -18.01 16.17
C ASP E 16 -13.00 -17.63 17.60
N LEU E 17 -12.39 -18.32 18.55
CA LEU E 17 -12.78 -18.16 19.98
C LEU E 17 -11.56 -17.66 20.77
N GLY E 18 -11.78 -17.26 22.03
CA GLY E 18 -10.69 -16.71 22.84
C GLY E 18 -11.12 -15.40 23.48
N GLN E 19 -10.16 -14.63 23.98
CA GLN E 19 -10.47 -13.35 24.67
C GLN E 19 -11.17 -12.41 23.66
N ALA E 20 -10.77 -12.49 22.39
CA ALA E 20 -11.35 -11.63 21.34
C ALA E 20 -11.27 -12.36 20.01
N ARG E 21 -12.19 -12.04 19.10
CA ARG E 21 -12.12 -12.63 17.74
C ARG E 21 -10.86 -12.11 17.03
N ARG E 22 -10.32 -12.93 16.12
CA ARG E 22 -9.10 -12.56 15.34
C ARG E 22 -9.41 -12.71 13.84
N GLY E 23 -10.59 -13.21 13.49
CA GLY E 23 -11.02 -13.31 12.06
C GLY E 23 -10.74 -14.65 11.41
N VAL E 24 -10.20 -15.60 12.16
CA VAL E 24 -9.77 -16.92 11.60
C VAL E 24 -10.95 -17.86 11.30
N ASP E 25 -12.16 -17.53 11.73
CA ASP E 25 -13.33 -18.38 11.35
C ASP E 25 -13.52 -18.32 9.83
N MET E 26 -13.02 -17.26 9.19
CA MET E 26 -13.17 -17.09 7.71
C MET E 26 -12.06 -17.86 6.97
N GLY E 27 -11.11 -18.45 7.68
CA GLY E 27 -10.00 -19.20 7.07
C GLY E 27 -10.45 -20.26 6.06
N PRO E 28 -11.34 -21.20 6.44
CA PRO E 28 -11.80 -22.23 5.52
C PRO E 28 -12.40 -21.66 4.22
N SER E 29 -13.26 -20.63 4.34
CA SER E 29 -13.85 -20.01 3.14
C SER E 29 -12.75 -19.43 2.25
N ALA E 30 -11.76 -18.74 2.82
CA ALA E 30 -10.67 -18.13 2.02
C ALA E 30 -9.81 -19.20 1.33
N ILE E 31 -9.56 -20.32 2.00
CA ILE E 31 -8.75 -21.42 1.42
C ILE E 31 -9.55 -22.01 0.25
N ARG E 32 -10.83 -22.26 0.45
CA ARG E 32 -11.69 -22.80 -0.65
C ARG E 32 -11.75 -21.80 -1.81
N TYR E 33 -11.77 -20.50 -1.49
CA TYR E 33 -11.82 -19.40 -2.49
C TYR E 33 -10.60 -19.50 -3.44
N ALA E 34 -9.48 -20.02 -2.93
CA ALA E 34 -8.23 -20.20 -3.69
C ALA E 34 -8.25 -21.53 -4.46
N HIS E 35 -9.44 -22.13 -4.63
CA HIS E 35 -9.67 -23.34 -5.48
C HIS E 35 -9.06 -24.61 -4.90
N LEU E 36 -9.01 -24.76 -3.57
CA LEU E 36 -8.42 -25.99 -2.98
C LEU E 36 -8.99 -27.26 -3.62
N ILE E 37 -10.32 -27.38 -3.68
CA ILE E 37 -10.94 -28.65 -4.16
C ILE E 37 -10.56 -28.94 -5.62
N GLU E 38 -10.74 -27.96 -6.50
CA GLU E 38 -10.39 -28.14 -7.94
C GLU E 38 -8.89 -28.49 -8.07
N ARG E 39 -8.01 -27.77 -7.38
CA ARG E 39 -6.56 -28.06 -7.48
C ARG E 39 -6.27 -29.50 -7.07
N LEU E 40 -6.89 -30.00 -6.00
CA LEU E 40 -6.59 -31.41 -5.60
C LEU E 40 -7.21 -32.40 -6.59
N SER E 41 -8.38 -32.07 -7.12
CA SER E 41 -9.04 -32.96 -8.13
C SER E 41 -8.17 -33.00 -9.39
N ASP E 42 -7.64 -31.85 -9.79
CA ASP E 42 -6.79 -31.73 -11.01
C ASP E 42 -5.53 -32.58 -10.85
N MET E 43 -5.09 -32.83 -9.62
CA MET E 43 -3.89 -33.66 -9.34
C MET E 43 -4.25 -35.14 -9.41
N GLY E 44 -5.53 -35.48 -9.57
CA GLY E 44 -5.97 -36.87 -9.72
C GLY E 44 -6.54 -37.47 -8.43
N TYR E 45 -6.66 -36.70 -7.37
CA TYR E 45 -7.24 -37.29 -6.14
C TYR E 45 -8.76 -37.32 -6.19
N THR E 46 -9.35 -38.29 -5.50
CA THR E 46 -10.82 -38.26 -5.23
C THR E 46 -10.95 -37.31 -4.04
N VAL E 47 -11.72 -36.22 -4.17
CA VAL E 47 -11.80 -35.23 -3.06
C VAL E 47 -13.25 -35.14 -2.57
N GLU E 48 -13.46 -35.27 -1.27
CA GLU E 48 -14.83 -35.11 -0.72
C GLU E 48 -14.78 -33.93 0.25
N ASP E 49 -15.54 -32.88 -0.06
CA ASP E 49 -15.59 -31.70 0.84
C ASP E 49 -16.72 -32.01 1.82
N LEU E 50 -16.37 -32.32 3.07
CA LEU E 50 -17.39 -32.66 4.08
C LEU E 50 -18.02 -31.39 4.66
N GLY E 51 -17.64 -30.23 4.12
CA GLY E 51 -18.22 -28.95 4.56
C GLY E 51 -17.63 -28.48 5.87
N ASP E 52 -18.36 -27.58 6.53
CA ASP E 52 -17.89 -26.97 7.81
C ASP E 52 -18.66 -27.53 9.00
N ILE E 53 -17.93 -27.80 10.06
CA ILE E 53 -18.58 -28.23 11.32
C ILE E 53 -19.15 -26.96 11.95
N PRO E 54 -20.44 -26.96 12.36
CA PRO E 54 -21.04 -25.77 12.97
C PRO E 54 -20.36 -25.45 14.31
N ILE E 55 -20.07 -24.16 14.54
CA ILE E 55 -19.38 -23.66 15.77
C ILE E 55 -20.24 -22.55 16.36
N ASN E 56 -20.43 -22.57 17.68
CA ASN E 56 -21.22 -21.52 18.39
C ASN E 56 -20.51 -20.17 18.27
N GLU E 65 -12.16 -17.76 33.10
CA GLU E 65 -10.73 -18.17 33.02
C GLU E 65 -10.45 -18.74 31.62
N LEU E 66 -10.91 -19.97 31.34
CA LEU E 66 -10.73 -20.55 29.99
C LEU E 66 -11.84 -19.99 29.10
N LYS E 67 -11.44 -19.13 28.16
CA LYS E 67 -12.37 -18.41 27.25
C LYS E 67 -13.09 -19.39 26.33
N ASN E 68 -14.43 -19.36 26.35
CA ASN E 68 -15.28 -20.16 25.43
C ASN E 68 -15.02 -21.66 25.57
N LEU E 69 -14.71 -22.14 26.77
CA LEU E 69 -14.41 -23.58 26.98
C LEU E 69 -15.51 -24.48 26.40
N ASN E 70 -16.78 -24.22 26.70
CA ASN E 70 -17.88 -25.10 26.22
C ASN E 70 -17.92 -25.13 24.69
N SER E 71 -17.78 -23.97 24.03
CA SER E 71 -17.84 -23.92 22.55
C SER E 71 -16.61 -24.61 21.94
N VAL E 72 -15.46 -24.46 22.57
CA VAL E 72 -14.21 -25.08 22.08
C VAL E 72 -14.36 -26.60 22.22
N LEU E 73 -14.89 -27.05 23.37
CA LEU E 73 -15.08 -28.50 23.65
C LEU E 73 -16.09 -29.10 22.66
N ALA E 74 -17.22 -28.44 22.43
CA ALA E 74 -18.28 -28.99 21.56
C ALA E 74 -17.81 -29.08 20.11
N GLY E 75 -17.13 -28.04 19.61
CA GLY E 75 -16.66 -28.07 18.22
C GLY E 75 -15.59 -29.15 18.04
N ASN E 76 -14.70 -29.27 19.03
CA ASN E 76 -13.60 -30.27 18.94
C ASN E 76 -14.15 -31.68 19.06
N GLU E 77 -15.24 -31.85 19.81
CA GLU E 77 -15.89 -33.18 19.92
C GLU E 77 -16.39 -33.58 18.53
N LYS E 78 -17.09 -32.66 17.85
CA LYS E 78 -17.66 -32.93 16.50
C LYS E 78 -16.51 -33.21 15.53
N LEU E 79 -15.45 -32.40 15.60
CA LEU E 79 -14.28 -32.61 14.69
C LEU E 79 -13.64 -33.98 14.95
N ALA E 80 -13.41 -34.33 16.22
CA ALA E 80 -12.78 -35.63 16.56
C ALA E 80 -13.59 -36.79 15.97
N GLN E 81 -14.92 -36.72 16.12
CA GLN E 81 -15.78 -37.80 15.62
C GLN E 81 -15.71 -37.88 14.09
N LYS E 82 -15.63 -36.72 13.43
CA LYS E 82 -15.62 -36.74 11.93
C LYS E 82 -14.26 -37.23 11.45
N VAL E 83 -13.17 -36.78 12.08
CA VAL E 83 -11.82 -37.22 11.68
C VAL E 83 -11.69 -38.73 11.93
N ASN E 84 -12.20 -39.21 13.07
CA ASN E 84 -12.16 -40.66 13.39
C ASN E 84 -12.83 -41.45 12.25
N LYS E 85 -14.02 -41.03 11.81
CA LYS E 85 -14.78 -41.73 10.74
C LYS E 85 -13.96 -41.73 9.45
N VAL E 86 -13.36 -40.60 9.09
CA VAL E 86 -12.52 -40.50 7.86
C VAL E 86 -11.39 -41.55 7.95
N ILE E 87 -10.71 -41.65 9.09
CA ILE E 87 -9.56 -42.61 9.21
C ILE E 87 -10.10 -44.05 9.14
N GLU E 88 -11.21 -44.33 9.83
CA GLU E 88 -11.84 -45.68 9.80
C GLU E 88 -12.16 -46.07 8.35
N GLU E 89 -12.47 -45.08 7.50
CA GLU E 89 -12.83 -45.32 6.07
C GLU E 89 -11.59 -45.32 5.17
N LYS E 90 -10.38 -45.29 5.77
CA LYS E 90 -9.11 -45.35 5.01
C LYS E 90 -8.98 -44.13 4.09
N LYS E 91 -9.44 -42.97 4.56
CA LYS E 91 -9.31 -41.71 3.79
C LYS E 91 -8.33 -40.79 4.52
N PHE E 92 -7.77 -39.82 3.80
CA PHE E 92 -6.82 -38.85 4.38
C PHE E 92 -7.57 -37.63 4.90
N PRO E 93 -7.50 -37.33 6.22
CA PRO E 93 -8.17 -36.16 6.77
C PRO E 93 -7.34 -34.89 6.58
N LEU E 94 -7.96 -33.89 5.94
CA LEU E 94 -7.36 -32.56 5.71
C LEU E 94 -8.29 -31.53 6.35
N VAL E 95 -7.87 -30.99 7.49
CA VAL E 95 -8.69 -30.03 8.26
C VAL E 95 -8.24 -28.59 8.01
N LEU E 96 -9.21 -27.71 7.78
CA LEU E 96 -8.94 -26.27 7.52
C LEU E 96 -9.40 -25.48 8.74
N GLY E 97 -8.53 -24.61 9.25
CA GLY E 97 -8.90 -23.74 10.38
C GLY E 97 -9.01 -22.28 9.92
N GLY E 98 -9.48 -21.39 10.79
CA GLY E 98 -9.88 -21.73 12.15
C GLY E 98 -8.73 -21.57 13.13
N ASP E 99 -9.06 -21.33 14.40
CA ASP E 99 -7.97 -21.12 15.42
C ASP E 99 -7.25 -22.46 15.67
N HIS E 100 -6.02 -22.40 16.19
CA HIS E 100 -5.21 -23.63 16.34
C HIS E 100 -5.76 -24.56 17.44
N SER E 101 -6.76 -24.12 18.20
CA SER E 101 -7.34 -25.01 19.23
C SER E 101 -7.96 -26.25 18.56
N ILE E 102 -8.23 -26.19 17.24
CA ILE E 102 -8.85 -27.35 16.53
C ILE E 102 -7.87 -28.53 16.48
N ALA E 103 -6.57 -28.31 16.73
CA ALA E 103 -5.65 -29.46 16.78
C ALA E 103 -6.08 -30.43 17.90
N ILE E 104 -6.77 -29.92 18.92
CA ILE E 104 -7.24 -30.79 20.05
C ILE E 104 -8.17 -31.86 19.46
N GLY E 105 -9.14 -31.43 18.64
CA GLY E 105 -10.11 -32.34 18.00
C GLY E 105 -9.46 -33.20 16.94
N THR E 106 -8.58 -32.62 16.12
CA THR E 106 -7.93 -33.41 15.05
C THR E 106 -7.07 -34.53 15.68
N LEU E 107 -6.24 -34.20 16.67
CA LEU E 107 -5.40 -35.25 17.29
C LEU E 107 -6.26 -36.27 18.07
N ALA E 108 -7.34 -35.81 18.72
CA ALA E 108 -8.23 -36.75 19.45
C ALA E 108 -8.83 -37.78 18.47
N GLY E 109 -9.18 -37.36 17.26
CA GLY E 109 -9.79 -38.30 16.28
C GLY E 109 -8.74 -39.15 15.57
N THR E 110 -7.46 -38.78 15.67
CA THR E 110 -6.39 -39.45 14.88
C THR E 110 -5.47 -40.36 15.71
N ALA E 111 -5.00 -39.88 16.87
CA ALA E 111 -3.92 -40.55 17.64
C ALA E 111 -4.26 -42.00 18.00
N LYS E 112 -5.50 -42.29 18.39
CA LYS E 112 -5.87 -43.66 18.81
C LYS E 112 -5.71 -44.67 17.66
N HIS E 113 -5.52 -44.21 16.42
CA HIS E 113 -5.36 -45.12 15.25
C HIS E 113 -3.90 -45.51 15.03
N TYR E 114 -2.99 -44.96 15.83
CA TYR E 114 -1.55 -45.22 15.68
C TYR E 114 -0.93 -45.63 17.01
N ASP E 115 0.08 -46.49 16.96
CA ASP E 115 0.80 -46.91 18.19
C ASP E 115 1.78 -45.81 18.59
N ASN E 116 2.27 -45.06 17.61
CA ASN E 116 3.35 -44.08 17.88
C ASN E 116 3.20 -42.89 16.93
N LEU E 117 2.19 -42.04 17.14
CA LEU E 117 1.92 -40.90 16.21
C LEU E 117 2.96 -39.80 16.40
N GLY E 118 3.58 -39.39 15.29
CA GLY E 118 4.50 -38.24 15.28
C GLY E 118 3.71 -36.98 14.99
N VAL E 119 4.21 -35.82 15.41
CA VAL E 119 3.52 -34.53 15.11
C VAL E 119 4.56 -33.49 14.71
N ILE E 120 4.37 -32.91 13.53
CA ILE E 120 5.21 -31.76 13.08
C ILE E 120 4.34 -30.52 13.32
N TRP E 121 4.76 -29.72 14.28
CA TRP E 121 4.04 -28.51 14.72
C TRP E 121 4.74 -27.32 14.06
N TYR E 122 4.20 -26.89 12.92
CA TYR E 122 4.80 -25.83 12.08
C TYR E 122 4.11 -24.52 12.43
N ASP E 123 4.77 -23.70 13.25
CA ASP E 123 4.07 -22.54 13.87
C ASP E 123 5.08 -21.57 14.51
N ALA E 124 4.72 -20.29 14.60
CA ALA E 124 5.55 -19.29 15.30
C ALA E 124 5.41 -19.52 16.81
N HIS E 125 4.30 -20.14 17.21
CA HIS E 125 3.96 -20.38 18.64
C HIS E 125 4.13 -21.86 19.01
N GLY E 126 4.52 -22.14 20.25
CA GLY E 126 4.60 -23.54 20.70
C GLY E 126 3.23 -24.06 21.11
N ASP E 127 2.34 -23.15 21.52
CA ASP E 127 0.96 -23.54 21.94
C ASP E 127 1.06 -24.62 23.03
N LEU E 128 1.99 -24.43 23.97
CA LEU E 128 2.25 -25.35 25.11
C LEU E 128 1.80 -24.72 26.42
N ASN E 129 0.85 -23.78 26.37
CA ASN E 129 0.39 -23.13 27.61
C ASN E 129 -0.67 -23.94 28.34
N THR E 130 -0.78 -23.61 29.62
CA THR E 130 -1.88 -24.05 30.51
C THR E 130 -2.49 -22.74 30.99
N LEU E 131 -3.60 -22.79 31.72
CA LEU E 131 -4.15 -21.52 32.27
C LEU E 131 -3.09 -20.85 33.16
N GLU E 132 -2.28 -21.65 33.85
CA GLU E 132 -1.24 -21.09 34.79
C GLU E 132 -0.15 -20.34 34.03
N THR E 133 0.18 -20.75 32.80
CA THR E 133 1.30 -20.08 32.05
C THR E 133 0.78 -19.08 31.02
N SER E 134 -0.53 -19.10 30.73
CA SER E 134 -1.09 -18.26 29.64
C SER E 134 -1.38 -16.85 30.13
N PRO E 135 -0.85 -15.82 29.44
CA PRO E 135 -1.16 -14.43 29.78
C PRO E 135 -2.55 -14.02 29.28
N SER E 136 -3.30 -14.95 28.64
CA SER E 136 -4.62 -14.61 28.04
C SER E 136 -5.74 -15.59 28.43
N GLY E 137 -5.39 -16.86 28.73
CA GLY E 137 -6.41 -17.89 28.96
C GLY E 137 -6.95 -18.42 27.62
N ASN E 138 -6.33 -17.99 26.51
CA ASN E 138 -6.78 -18.44 25.16
C ASN E 138 -6.48 -19.92 24.98
N ILE E 139 -7.51 -20.71 24.71
CA ILE E 139 -7.29 -22.17 24.48
C ILE E 139 -6.50 -22.39 23.19
N HIS E 140 -6.54 -21.46 22.23
CA HIS E 140 -5.77 -21.68 20.97
C HIS E 140 -4.27 -21.59 21.24
N GLY E 141 -3.85 -21.17 22.45
CA GLY E 141 -2.43 -21.14 22.81
C GLY E 141 -2.07 -22.35 23.68
N MET E 142 -2.97 -23.33 23.75
CA MET E 142 -2.80 -24.52 24.62
C MET E 142 -2.91 -25.86 23.88
N PRO E 143 -3.27 -25.98 22.59
CA PRO E 143 -3.55 -27.30 22.02
C PRO E 143 -2.41 -28.33 22.06
N LEU E 144 -1.15 -27.92 21.94
CA LEU E 144 -0.07 -28.94 21.97
C LEU E 144 0.04 -29.48 23.41
N ALA E 145 0.02 -28.61 24.42
CA ALA E 145 0.08 -29.09 25.83
C ALA E 145 -1.10 -30.05 26.10
N VAL E 146 -2.30 -29.66 25.70
CA VAL E 146 -3.52 -30.50 25.92
C VAL E 146 -3.29 -31.87 25.28
N SER E 147 -2.83 -31.88 24.02
CA SER E 147 -2.62 -33.18 23.32
C SER E 147 -1.53 -34.03 23.99
N LEU E 148 -0.59 -33.39 24.71
CA LEU E 148 0.48 -34.10 25.47
C LEU E 148 -0.04 -34.52 26.86
N GLY E 149 -1.31 -34.25 27.17
CA GLY E 149 -1.94 -34.65 28.44
C GLY E 149 -1.82 -33.63 29.56
N ILE E 150 -1.44 -32.39 29.22
CA ILE E 150 -1.23 -31.30 30.23
C ILE E 150 -2.26 -30.19 30.04
N GLY E 151 -3.11 -29.99 31.05
CA GLY E 151 -4.10 -28.90 30.94
C GLY E 151 -5.44 -29.25 31.54
N HIS E 152 -6.47 -28.54 31.12
CA HIS E 152 -7.86 -28.73 31.62
C HIS E 152 -8.30 -30.17 31.32
N GLU E 153 -8.80 -30.87 32.33
CA GLU E 153 -9.17 -32.31 32.21
C GLU E 153 -10.15 -32.56 31.06
N SER E 154 -11.19 -31.73 30.87
CA SER E 154 -12.17 -32.03 29.79
C SER E 154 -11.53 -31.95 28.39
N LEU E 155 -10.56 -31.04 28.21
CA LEU E 155 -9.85 -30.95 26.90
C LEU E 155 -8.84 -32.09 26.77
N VAL E 156 -8.10 -32.39 27.84
CA VAL E 156 -7.06 -33.46 27.81
C VAL E 156 -7.70 -34.83 27.57
N ASN E 157 -8.91 -35.05 28.09
CA ASN E 157 -9.54 -36.39 28.03
C ASN E 157 -10.58 -36.47 26.91
N LEU E 158 -10.50 -35.56 25.93
CA LEU E 158 -11.48 -35.60 24.82
C LEU E 158 -11.42 -36.98 24.16
N GLU E 159 -12.58 -37.58 23.89
CA GLU E 159 -12.71 -38.92 23.26
C GLU E 159 -12.26 -40.06 24.21
N GLY E 160 -12.03 -39.79 25.50
CA GLY E 160 -11.83 -40.88 26.47
C GLY E 160 -10.44 -41.50 26.54
N TYR E 161 -9.41 -40.78 26.13
CA TYR E 161 -8.03 -41.33 26.27
C TYR E 161 -7.07 -40.14 26.35
N ALA E 162 -5.91 -40.39 26.95
CA ALA E 162 -4.87 -39.36 27.12
C ALA E 162 -3.60 -40.06 27.57
N PRO E 163 -2.40 -39.56 27.19
CA PRO E 163 -2.27 -38.42 26.28
C PRO E 163 -2.44 -38.84 24.82
N LYS E 164 -2.70 -37.89 23.94
CA LYS E 164 -2.82 -38.25 22.50
C LYS E 164 -1.42 -38.54 21.97
N ILE E 165 -0.45 -37.70 22.35
CA ILE E 165 0.94 -37.84 21.83
C ILE E 165 1.97 -37.79 22.98
N LYS E 166 3.16 -38.31 22.69
CA LYS E 166 4.29 -38.30 23.65
C LYS E 166 5.22 -37.16 23.25
N PRO E 167 5.87 -36.45 24.20
CA PRO E 167 6.75 -35.33 23.87
C PRO E 167 7.94 -35.72 22.98
N GLU E 168 8.39 -36.97 23.07
CA GLU E 168 9.55 -37.42 22.23
C GLU E 168 9.12 -37.61 20.78
N ASN E 169 7.82 -37.52 20.48
CA ASN E 169 7.33 -37.70 19.09
C ASN E 169 6.88 -36.36 18.48
N VAL E 170 7.28 -35.24 19.08
CA VAL E 170 6.92 -33.90 18.57
C VAL E 170 8.14 -33.20 18.00
N VAL E 171 7.97 -32.54 16.85
CA VAL E 171 9.01 -31.62 16.34
C VAL E 171 8.32 -30.29 16.07
N ILE E 172 8.75 -29.23 16.74
CA ILE E 172 8.22 -27.86 16.48
C ILE E 172 9.16 -27.19 15.49
N ILE E 173 8.61 -26.62 14.41
CA ILE E 173 9.43 -25.91 13.40
C ILE E 173 8.89 -24.49 13.23
N GLY E 174 9.76 -23.50 13.45
CA GLY E 174 9.42 -22.08 13.21
C GLY E 174 9.18 -21.29 14.48
N ALA E 175 9.35 -21.90 15.64
CA ALA E 175 9.05 -21.23 16.94
C ALA E 175 9.80 -19.91 17.09
N ARG E 176 9.07 -18.88 17.54
CA ARG E 176 9.71 -17.57 17.78
C ARG E 176 8.88 -16.78 18.80
N SER E 177 7.88 -17.40 19.40
CA SER E 177 7.05 -16.76 20.46
C SER E 177 6.73 -17.81 21.52
N LEU E 178 7.63 -17.98 22.49
CA LEU E 178 7.48 -18.96 23.59
C LEU E 178 7.61 -18.20 24.90
N ASP E 179 6.67 -18.41 25.82
CA ASP E 179 6.72 -17.73 27.14
C ASP E 179 7.57 -18.59 28.08
N GLU E 180 7.80 -18.09 29.29
CA GLU E 180 8.69 -18.74 30.29
C GLU E 180 8.21 -20.17 30.61
N GLY E 181 6.92 -20.38 30.80
CA GLY E 181 6.39 -21.72 31.14
C GLY E 181 6.61 -22.71 30.01
N GLU E 182 6.46 -22.25 28.78
CA GLU E 182 6.62 -23.13 27.59
C GLU E 182 8.10 -23.50 27.46
N ARG E 183 8.99 -22.52 27.62
CA ARG E 183 10.45 -22.79 27.51
C ARG E 183 10.88 -23.79 28.59
N LYS E 184 10.39 -23.60 29.82
CA LYS E 184 10.75 -24.51 30.93
C LYS E 184 10.33 -25.94 30.55
N TYR E 185 9.11 -26.09 30.01
CA TYR E 185 8.61 -27.45 29.66
C TYR E 185 9.43 -28.08 28.51
N ILE E 186 9.73 -27.30 27.48
CA ILE E 186 10.55 -27.82 26.35
C ILE E 186 11.89 -28.33 26.86
N LYS E 187 12.56 -27.57 27.73
CA LYS E 187 13.88 -27.97 28.25
C LYS E 187 13.74 -29.22 29.14
N GLU E 188 12.76 -29.22 30.05
CA GLU E 188 12.56 -30.37 30.98
C GLU E 188 12.13 -31.63 30.21
N SER E 189 11.30 -31.48 29.18
CA SER E 189 10.80 -32.65 28.40
C SER E 189 11.80 -33.14 27.36
N GLY E 190 12.80 -32.31 27.02
CA GLY E 190 13.76 -32.67 25.95
C GLY E 190 13.09 -32.61 24.58
N MET E 191 11.98 -31.88 24.46
CA MET E 191 11.25 -31.79 23.17
C MET E 191 12.13 -31.19 22.07
N LYS E 192 12.02 -31.75 20.86
CA LYS E 192 12.81 -31.30 19.68
C LYS E 192 12.18 -30.01 19.14
N VAL E 193 12.94 -28.92 19.16
CA VAL E 193 12.38 -27.62 18.67
C VAL E 193 13.39 -26.93 17.74
N TYR E 194 12.93 -26.62 16.54
CA TYR E 194 13.74 -25.81 15.61
C TYR E 194 13.20 -24.38 15.63
N THR E 195 13.84 -23.52 16.43
CA THR E 195 13.43 -22.10 16.43
C THR E 195 13.93 -21.47 15.13
N MET E 196 13.56 -20.22 14.86
CA MET E 196 14.07 -19.54 13.64
C MET E 196 15.61 -19.51 13.68
N HIS E 197 16.19 -19.44 14.88
CA HIS E 197 17.67 -19.43 15.01
C HIS E 197 18.27 -20.69 14.34
N GLU E 198 17.74 -21.88 14.65
N GLU E 198 17.74 -21.87 14.67
CA GLU E 198 18.32 -23.13 14.06
CA GLU E 198 18.24 -23.16 14.10
C GLU E 198 17.96 -23.23 12.57
C GLU E 198 17.96 -23.22 12.59
N ILE E 199 16.79 -22.72 12.15
CA ILE E 199 16.46 -22.74 10.71
C ILE E 199 17.49 -21.86 9.97
N ASP E 200 17.78 -20.68 10.53
CA ASP E 200 18.78 -19.75 9.94
C ASP E 200 20.14 -20.47 9.89
N ARG E 201 20.54 -21.10 11.00
CA ARG E 201 21.88 -21.73 11.08
C ARG E 201 21.99 -22.99 10.21
N LEU E 202 20.98 -23.87 10.20
CA LEU E 202 21.07 -25.18 9.49
C LEU E 202 20.51 -25.15 8.06
N GLY E 203 19.52 -24.31 7.80
CA GLY E 203 18.84 -24.31 6.48
C GLY E 203 17.65 -25.25 6.53
N MET E 204 16.56 -24.93 5.81
CA MET E 204 15.34 -25.79 5.89
C MET E 204 15.60 -27.22 5.39
N THR E 205 16.44 -27.43 4.35
CA THR E 205 16.69 -28.83 3.90
C THR E 205 17.16 -29.70 5.08
N LYS E 206 18.15 -29.22 5.84
CA LYS E 206 18.72 -30.02 6.95
C LYS E 206 17.71 -30.12 8.10
N VAL E 207 16.93 -29.07 8.34
CA VAL E 207 15.91 -29.14 9.42
C VAL E 207 14.92 -30.27 9.08
N ILE E 208 14.46 -30.34 7.83
CA ILE E 208 13.44 -31.37 7.46
C ILE E 208 14.10 -32.75 7.46
N GLU E 209 15.34 -32.89 6.95
CA GLU E 209 16.03 -34.21 6.99
C GLU E 209 16.14 -34.65 8.45
N GLU E 210 16.52 -33.74 9.34
CA GLU E 210 16.66 -34.11 10.79
C GLU E 210 15.30 -34.45 11.38
N THR E 211 14.25 -33.76 10.94
CA THR E 211 12.87 -34.03 11.45
C THR E 211 12.43 -35.41 11.00
N LEU E 212 12.74 -35.76 9.76
N LEU E 212 12.60 -35.72 9.72
CA LEU E 212 12.41 -37.11 9.22
CA LEU E 212 12.20 -37.03 9.16
C LEU E 212 13.26 -38.14 9.96
C LEU E 212 12.91 -38.14 9.94
N ASP E 213 14.53 -37.83 10.25
N ASP E 213 14.22 -37.98 10.16
CA ASP E 213 15.37 -38.78 11.03
CA ASP E 213 15.06 -38.98 10.89
C ASP E 213 14.67 -39.04 12.36
C ASP E 213 14.63 -39.04 12.36
N TYR E 214 14.46 -37.96 13.11
N TYR E 214 14.26 -37.90 12.95
CA TYR E 214 13.87 -37.96 14.48
CA TYR E 214 13.87 -37.89 14.37
C TYR E 214 12.55 -38.77 14.54
C TYR E 214 12.54 -38.62 14.58
N LEU E 215 11.63 -38.55 13.60
CA LEU E 215 10.30 -39.22 13.67
C LEU E 215 10.28 -40.55 12.89
N SER E 216 11.45 -41.15 12.59
CA SER E 216 11.50 -42.33 11.70
C SER E 216 10.79 -43.56 12.28
N ALA E 217 10.66 -43.70 13.60
CA ALA E 217 10.03 -44.90 14.20
C ALA E 217 8.51 -44.70 14.38
N CYS E 218 7.98 -43.51 14.08
CA CYS E 218 6.53 -43.25 14.19
C CYS E 218 5.78 -44.03 13.11
N ASP E 219 4.56 -44.52 13.42
CA ASP E 219 3.78 -45.32 12.43
C ASP E 219 2.78 -44.42 11.69
N GLY E 220 2.75 -43.15 12.08
CA GLY E 220 1.93 -42.14 11.41
C GLY E 220 2.46 -40.77 11.80
N VAL E 221 2.29 -39.77 10.93
CA VAL E 221 2.76 -38.41 11.31
C VAL E 221 1.70 -37.41 10.89
N HIS E 222 1.32 -36.58 11.85
CA HIS E 222 0.35 -35.49 11.65
C HIS E 222 1.08 -34.17 11.43
N LEU E 223 0.71 -33.47 10.38
CA LEU E 223 1.28 -32.11 10.16
C LEU E 223 0.28 -31.08 10.67
N SER E 224 0.66 -30.29 11.66
CA SER E 224 -0.23 -29.22 12.16
C SER E 224 0.41 -27.92 11.67
N LEU E 225 -0.03 -27.44 10.50
CA LEU E 225 0.62 -26.23 9.94
C LEU E 225 -0.21 -24.97 10.18
N ASP E 226 0.38 -24.09 10.97
CA ASP E 226 -0.19 -22.75 11.24
C ASP E 226 0.41 -21.80 10.20
N LEU E 227 -0.43 -21.11 9.44
CA LEU E 227 0.15 -20.19 8.41
C LEU E 227 1.01 -19.12 9.10
N ASP E 228 0.84 -18.91 10.42
CA ASP E 228 1.66 -17.87 11.10
C ASP E 228 3.10 -18.36 11.24
N GLY E 229 3.37 -19.62 10.92
CA GLY E 229 4.79 -20.07 10.92
C GLY E 229 5.56 -19.30 9.87
N LEU E 230 4.88 -18.92 8.78
CA LEU E 230 5.55 -18.16 7.70
C LEU E 230 5.70 -16.70 8.13
N ASP E 231 6.66 -16.03 7.53
CA ASP E 231 6.86 -14.60 7.81
C ASP E 231 5.61 -13.82 7.40
N PRO E 232 5.19 -12.79 8.15
CA PRO E 232 4.05 -11.97 7.75
C PRO E 232 4.17 -11.36 6.33
N ASN E 233 5.40 -11.20 5.84
N ASN E 233 5.40 -11.23 5.82
CA ASN E 233 5.54 -10.67 4.46
CA ASN E 233 5.60 -10.66 4.45
C ASN E 233 4.89 -11.66 3.48
C ASN E 233 5.09 -11.66 3.40
N ASP E 234 5.07 -12.95 3.73
CA ASP E 234 4.56 -14.02 2.83
C ASP E 234 3.16 -14.49 3.23
N ALA E 235 2.81 -14.39 4.51
CA ALA E 235 1.50 -14.84 5.02
C ALA E 235 0.95 -13.76 5.92
N PRO E 236 0.59 -12.58 5.38
CA PRO E 236 0.12 -11.48 6.22
C PRO E 236 -1.22 -11.80 6.89
N GLY E 237 -2.03 -12.63 6.26
CA GLY E 237 -3.39 -12.94 6.74
C GLY E 237 -3.42 -14.07 7.73
N VAL E 238 -2.95 -13.81 8.95
CA VAL E 238 -3.00 -14.83 10.04
C VAL E 238 -3.61 -14.20 11.30
N GLY E 239 -4.07 -15.03 12.23
CA GLY E 239 -4.71 -14.53 13.44
C GLY E 239 -3.76 -13.74 14.33
N THR E 240 -2.51 -14.20 14.49
CA THR E 240 -1.51 -13.54 15.35
C THR E 240 -0.16 -13.53 14.66
N PRO E 241 0.09 -12.54 13.78
CA PRO E 241 1.35 -12.46 13.05
C PRO E 241 2.55 -12.17 13.97
N VAL E 242 3.67 -12.82 13.69
CA VAL E 242 4.96 -12.65 14.43
C VAL E 242 6.08 -12.45 13.41
N VAL E 243 6.82 -11.34 13.56
CA VAL E 243 7.92 -10.99 12.62
C VAL E 243 9.01 -12.06 12.62
N GLY E 244 9.69 -12.21 11.46
CA GLY E 244 10.88 -13.05 11.32
C GLY E 244 10.56 -14.52 11.17
N GLY E 245 9.71 -14.85 10.21
CA GLY E 245 9.26 -16.24 10.01
C GLY E 245 9.83 -16.90 8.77
N ILE E 246 9.35 -18.11 8.54
CA ILE E 246 9.79 -18.98 7.42
C ILE E 246 9.27 -18.37 6.12
N SER E 247 10.08 -18.44 5.06
CA SER E 247 9.68 -17.92 3.76
C SER E 247 8.70 -18.87 3.04
N TYR E 248 8.04 -18.34 2.02
CA TYR E 248 7.19 -19.22 1.17
C TYR E 248 8.09 -20.30 0.56
N ARG E 249 9.26 -19.91 0.02
CA ARG E 249 10.16 -20.90 -0.64
C ARG E 249 10.58 -22.01 0.34
N GLU E 250 10.94 -21.64 1.57
CA GLU E 250 11.34 -22.68 2.55
C GLU E 250 10.15 -23.60 2.87
N SER E 251 8.95 -23.03 2.95
CA SER E 251 7.74 -23.81 3.30
C SER E 251 7.39 -24.73 2.13
N HIS E 252 7.53 -24.20 0.92
CA HIS E 252 7.23 -24.98 -0.32
C HIS E 252 8.19 -26.18 -0.38
N LEU E 253 9.49 -25.93 -0.23
CA LEU E 253 10.49 -27.02 -0.19
C LEU E 253 10.14 -28.02 0.94
N ALA E 254 9.81 -27.54 2.15
CA ALA E 254 9.49 -28.47 3.25
C ALA E 254 8.32 -29.39 2.86
N MET E 255 7.27 -28.83 2.23
CA MET E 255 6.09 -29.66 1.87
C MET E 255 6.49 -30.70 0.81
N GLU E 256 7.32 -30.31 -0.18
CA GLU E 256 7.82 -31.23 -1.22
C GLU E 256 8.62 -32.36 -0.55
N MET E 257 9.46 -32.02 0.41
CA MET E 257 10.30 -33.05 1.10
C MET E 257 9.40 -34.00 1.91
N LEU E 258 8.36 -33.47 2.55
CA LEU E 258 7.44 -34.33 3.36
C LEU E 258 6.68 -35.26 2.42
N TYR E 259 6.28 -34.78 1.24
CA TYR E 259 5.58 -35.66 0.29
C TYR E 259 6.49 -36.82 -0.11
N ASP E 260 7.73 -36.48 -0.47
CA ASP E 260 8.73 -37.46 -0.95
C ASP E 260 9.00 -38.53 0.13
N ALA E 261 8.95 -38.16 1.40
CA ALA E 261 9.21 -39.11 2.52
C ALA E 261 8.03 -40.09 2.70
N GLY E 262 6.83 -39.67 2.30
CA GLY E 262 5.60 -40.50 2.38
C GLY E 262 5.17 -40.78 3.82
N ILE E 263 5.52 -39.91 4.77
CA ILE E 263 5.22 -40.16 6.21
C ILE E 263 3.95 -39.43 6.68
N ILE E 264 3.44 -38.44 5.92
CA ILE E 264 2.30 -37.63 6.47
C ILE E 264 0.98 -38.37 6.25
N THR E 265 0.27 -38.65 7.33
CA THR E 265 -0.97 -39.46 7.29
C THR E 265 -2.21 -38.61 7.63
N SER E 266 -2.01 -37.36 8.03
CA SER E 266 -3.11 -36.40 8.34
C SER E 266 -2.52 -35.00 8.35
N ALA E 267 -3.36 -33.99 8.08
CA ALA E 267 -2.82 -32.62 8.14
C ALA E 267 -3.92 -31.61 8.41
N GLU E 268 -3.54 -30.51 9.05
CA GLU E 268 -4.46 -29.36 9.22
C GLU E 268 -3.70 -28.09 8.87
N PHE E 269 -4.38 -27.16 8.21
CA PHE E 269 -3.85 -25.84 7.78
C PHE E 269 -4.74 -24.80 8.47
N VAL E 270 -4.16 -24.10 9.44
CA VAL E 270 -4.99 -23.25 10.33
C VAL E 270 -4.52 -21.80 10.39
N GLU E 271 -5.38 -21.00 11.03
CA GLU E 271 -5.11 -19.58 11.42
C GLU E 271 -5.11 -18.64 10.22
N VAL E 272 -5.67 -19.04 9.07
CA VAL E 272 -5.82 -18.06 7.96
C VAL E 272 -6.85 -17.01 8.39
N ASN E 273 -6.49 -15.73 8.24
CA ASN E 273 -7.30 -14.57 8.69
C ASN E 273 -7.45 -13.57 7.55
N PRO E 274 -8.58 -13.60 6.81
CA PRO E 274 -8.78 -12.67 5.71
C PRO E 274 -8.73 -11.19 6.11
N ILE E 275 -9.02 -10.85 7.37
CA ILE E 275 -9.01 -9.43 7.83
C ILE E 275 -7.62 -8.79 7.58
N LEU E 276 -6.52 -9.51 7.86
CA LEU E 276 -5.16 -8.92 7.68
C LEU E 276 -4.51 -9.37 6.36
N ASP E 277 -5.22 -10.14 5.54
CA ASP E 277 -4.61 -10.67 4.29
C ASP E 277 -4.61 -9.59 3.20
N HIS E 278 -3.88 -9.85 2.11
CA HIS E 278 -3.80 -8.95 0.93
C HIS E 278 -4.25 -9.75 -0.29
N LYS E 279 -5.49 -9.52 -0.74
CA LYS E 279 -6.09 -10.19 -1.92
C LYS E 279 -5.88 -11.72 -1.83
N ASN E 280 -6.12 -12.27 -0.64
CA ASN E 280 -6.09 -13.74 -0.37
C ASN E 280 -4.71 -14.34 -0.61
N LYS E 281 -3.65 -13.56 -0.41
CA LYS E 281 -2.26 -14.09 -0.58
C LYS E 281 -2.08 -15.30 0.35
N THR E 282 -2.63 -15.23 1.56
CA THR E 282 -2.43 -16.30 2.55
C THR E 282 -3.32 -17.51 2.21
N GLY E 283 -4.55 -17.28 1.75
CA GLY E 283 -5.42 -18.40 1.31
C GLY E 283 -4.78 -19.15 0.14
N LYS E 284 -4.24 -18.40 -0.83
CA LYS E 284 -3.55 -18.98 -2.01
C LYS E 284 -2.31 -19.74 -1.55
N THR E 285 -1.56 -19.19 -0.61
CA THR E 285 -0.33 -19.87 -0.10
C THR E 285 -0.72 -21.20 0.55
N ALA E 286 -1.80 -21.19 1.34
CA ALA E 286 -2.25 -22.42 2.03
C ALA E 286 -2.54 -23.49 0.98
N VAL E 287 -3.20 -23.09 -0.10
CA VAL E 287 -3.53 -24.09 -1.15
C VAL E 287 -2.25 -24.59 -1.82
N GLU E 288 -1.32 -23.67 -2.16
N GLU E 288 -1.32 -23.67 -2.12
CA GLU E 288 -0.05 -24.10 -2.81
CA GLU E 288 -0.05 -24.07 -2.80
C GLU E 288 0.68 -25.08 -1.89
C GLU E 288 0.72 -25.04 -1.90
N LEU E 289 0.71 -24.82 -0.58
CA LEU E 289 1.43 -25.71 0.35
C LEU E 289 0.72 -27.07 0.45
N VAL E 290 -0.61 -27.09 0.41
CA VAL E 290 -1.36 -28.38 0.45
C VAL E 290 -1.05 -29.14 -0.84
N GLU E 291 -1.03 -28.44 -1.97
CA GLU E 291 -0.74 -29.10 -3.27
C GLU E 291 0.64 -29.76 -3.18
N SER E 292 1.66 -29.03 -2.71
CA SER E 292 3.03 -29.60 -2.61
C SER E 292 3.05 -30.79 -1.64
N LEU E 293 2.40 -30.65 -0.48
CA LEU E 293 2.33 -31.76 0.52
C LEU E 293 1.71 -33.01 -0.11
N LEU E 294 0.78 -32.84 -1.06
CA LEU E 294 0.08 -33.99 -1.70
C LEU E 294 0.71 -34.36 -3.05
N GLY E 295 1.94 -33.90 -3.33
CA GLY E 295 2.69 -34.42 -4.50
C GLY E 295 2.83 -33.50 -5.71
N LYS E 296 2.28 -32.29 -5.68
CA LYS E 296 2.44 -31.38 -6.84
C LYS E 296 3.93 -31.04 -7.00
N LYS E 297 4.43 -31.06 -8.23
CA LYS E 297 5.86 -30.76 -8.50
C LYS E 297 5.94 -29.61 -9.52
N LEU E 298 7.04 -28.86 -9.49
CA LEU E 298 7.27 -27.75 -10.47
C LEU E 298 7.67 -28.34 -11.82
N LEU E 299 8.20 -29.57 -11.84
CA LEU E 299 8.61 -30.24 -13.10
C LEU E 299 8.30 -31.73 -12.98
N ASP F 5 -38.65 1.15 20.54
CA ASP F 5 -37.84 0.11 21.24
C ASP F 5 -38.20 -1.27 20.66
N LYS F 6 -38.15 -1.40 19.34
CA LYS F 6 -38.48 -2.67 18.63
C LYS F 6 -37.21 -3.54 18.61
N THR F 7 -37.33 -4.81 18.99
CA THR F 7 -36.19 -5.77 18.97
C THR F 7 -35.60 -5.84 17.55
N ILE F 8 -34.27 -5.91 17.44
CA ILE F 8 -33.60 -6.10 16.11
C ILE F 8 -33.26 -7.58 15.99
N SER F 9 -33.71 -8.20 14.90
CA SER F 9 -33.45 -9.63 14.63
C SER F 9 -32.41 -9.72 13.51
N VAL F 10 -31.20 -10.13 13.85
CA VAL F 10 -30.10 -10.19 12.86
C VAL F 10 -30.07 -11.58 12.22
N ILE F 11 -30.05 -11.62 10.89
CA ILE F 11 -29.97 -12.89 10.13
C ILE F 11 -28.77 -12.81 9.19
N GLY F 12 -27.85 -13.77 9.27
CA GLY F 12 -26.70 -13.79 8.34
C GLY F 12 -26.97 -14.70 7.16
N MET F 13 -26.55 -14.26 5.96
CA MET F 13 -26.70 -15.04 4.72
C MET F 13 -25.33 -15.17 4.05
N PRO F 14 -24.52 -16.18 4.45
CA PRO F 14 -23.19 -16.37 3.87
C PRO F 14 -23.29 -17.03 2.48
N MET F 15 -23.90 -16.30 1.55
CA MET F 15 -24.14 -16.78 0.17
C MET F 15 -23.17 -16.11 -0.81
N ASP F 16 -22.46 -16.94 -1.58
CA ASP F 16 -21.49 -16.45 -2.59
C ASP F 16 -21.64 -17.35 -3.82
N LEU F 17 -22.68 -17.12 -4.60
CA LEU F 17 -22.99 -18.01 -5.75
C LEU F 17 -22.91 -17.21 -7.06
N GLY F 18 -22.94 -17.91 -8.18
CA GLY F 18 -22.80 -17.23 -9.48
C GLY F 18 -21.75 -17.95 -10.33
N GLN F 19 -21.35 -17.33 -11.44
CA GLN F 19 -20.38 -17.96 -12.38
C GLN F 19 -19.08 -18.24 -11.61
N ALA F 20 -18.71 -17.34 -10.70
CA ALA F 20 -17.49 -17.53 -9.89
C ALA F 20 -17.73 -16.93 -8.50
N ARG F 21 -17.00 -17.41 -7.51
CA ARG F 21 -17.11 -16.83 -6.16
C ARG F 21 -16.49 -15.43 -6.18
N ARG F 22 -16.96 -14.55 -5.30
CA ARG F 22 -16.46 -13.16 -5.19
C ARG F 22 -16.06 -12.87 -3.73
N GLY F 23 -16.23 -13.85 -2.83
CA GLY F 23 -15.80 -13.72 -1.42
C GLY F 23 -16.85 -13.13 -0.48
N VAL F 24 -18.06 -12.83 -0.97
CA VAL F 24 -19.11 -12.16 -0.18
C VAL F 24 -19.77 -13.09 0.85
N ASP F 25 -19.47 -14.39 0.84
CA ASP F 25 -20.05 -15.32 1.86
C ASP F 25 -19.44 -14.98 3.22
N MET F 26 -18.27 -14.32 3.21
CA MET F 26 -17.58 -13.94 4.47
C MET F 26 -18.11 -12.60 5.00
N GLY F 27 -19.01 -11.94 4.26
CA GLY F 27 -19.56 -10.62 4.67
C GLY F 27 -20.17 -10.64 6.07
N PRO F 28 -21.12 -11.55 6.38
CA PRO F 28 -21.72 -11.57 7.72
C PRO F 28 -20.68 -11.67 8.85
N SER F 29 -19.69 -12.56 8.70
CA SER F 29 -18.63 -12.70 9.74
C SER F 29 -17.86 -11.37 9.91
N ALA F 30 -17.51 -10.71 8.81
CA ALA F 30 -16.76 -9.42 8.85
C ALA F 30 -17.59 -8.32 9.53
N ILE F 31 -18.88 -8.24 9.20
CA ILE F 31 -19.77 -7.22 9.85
C ILE F 31 -19.85 -7.52 11.36
N ARG F 32 -20.02 -8.78 11.74
CA ARG F 32 -20.07 -9.13 13.19
C ARG F 32 -18.71 -8.84 13.84
N TYR F 33 -17.61 -9.00 13.09
CA TYR F 33 -16.24 -8.76 13.60
C TYR F 33 -16.08 -7.28 13.99
N ALA F 34 -16.82 -6.40 13.31
CA ALA F 34 -16.81 -4.94 13.58
C ALA F 34 -17.79 -4.62 14.72
N HIS F 35 -18.20 -5.64 15.49
CA HIS F 35 -19.01 -5.48 16.74
C HIS F 35 -20.45 -5.01 16.49
N LEU F 36 -21.09 -5.44 15.40
CA LEU F 36 -22.49 -5.02 15.12
C LEU F 36 -23.41 -5.27 16.31
N ILE F 37 -23.37 -6.47 16.90
CA ILE F 37 -24.33 -6.82 17.99
C ILE F 37 -24.11 -5.91 19.20
N GLU F 38 -22.86 -5.76 19.64
CA GLU F 38 -22.54 -4.92 20.83
C GLU F 38 -22.92 -3.47 20.57
N ARG F 39 -22.66 -2.96 19.35
CA ARG F 39 -22.97 -1.55 19.03
C ARG F 39 -24.48 -1.33 19.12
N LEU F 40 -25.27 -2.28 18.61
CA LEU F 40 -26.75 -2.10 18.65
C LEU F 40 -27.25 -2.24 20.09
N SER F 41 -26.68 -3.15 20.88
CA SER F 41 -27.09 -3.30 22.31
C SER F 41 -26.77 -2.02 23.06
N ASP F 42 -25.59 -1.44 22.80
CA ASP F 42 -25.14 -0.20 23.49
C ASP F 42 -26.11 0.94 23.18
N MET F 43 -26.78 0.89 22.03
CA MET F 43 -27.75 1.95 21.63
C MET F 43 -29.09 1.74 22.35
N GLY F 44 -29.22 0.67 23.14
CA GLY F 44 -30.46 0.43 23.92
C GLY F 44 -31.41 -0.55 23.26
N TYR F 45 -31.02 -1.14 22.13
CA TYR F 45 -31.92 -2.12 21.47
C TYR F 45 -31.78 -3.52 22.09
N THR F 46 -32.89 -4.26 22.09
CA THR F 46 -32.82 -5.72 22.38
C THR F 46 -32.39 -6.36 21.06
N VAL F 47 -31.27 -7.08 21.04
CA VAL F 47 -30.76 -7.64 19.75
C VAL F 47 -30.79 -9.17 19.83
N GLU F 48 -31.35 -9.80 18.81
N GLU F 48 -31.37 -9.83 18.82
CA GLU F 48 -31.42 -11.29 18.73
CA GLU F 48 -31.37 -11.32 18.82
C GLU F 48 -30.62 -11.70 17.50
C GLU F 48 -30.67 -11.78 17.54
N ASP F 49 -29.49 -12.39 17.70
CA ASP F 49 -28.67 -12.87 16.56
C ASP F 49 -29.21 -14.26 16.21
N LEU F 50 -29.96 -14.35 15.12
CA LEU F 50 -30.55 -15.65 14.72
C LEU F 50 -29.48 -16.50 14.02
N GLY F 51 -28.25 -15.98 13.93
CA GLY F 51 -27.15 -16.74 13.34
C GLY F 51 -27.17 -16.72 11.83
N ASP F 52 -26.46 -17.66 11.22
CA ASP F 52 -26.35 -17.73 9.74
C ASP F 52 -27.18 -18.87 9.21
N ILE F 53 -27.88 -18.60 8.12
CA ILE F 53 -28.66 -19.65 7.44
C ILE F 53 -27.63 -20.49 6.67
N PRO F 54 -27.73 -21.84 6.75
CA PRO F 54 -26.79 -22.71 6.02
C PRO F 54 -27.01 -22.58 4.51
N ILE F 55 -25.93 -22.44 3.74
CA ILE F 55 -25.99 -22.27 2.25
C ILE F 55 -25.12 -23.36 1.60
N ASN F 56 -25.64 -24.02 0.57
CA ASN F 56 -24.87 -25.05 -0.19
C ASN F 56 -23.82 -24.34 -1.05
N ARG F 57 -22.58 -24.84 -1.04
CA ARG F 57 -21.47 -24.23 -1.82
C ARG F 57 -21.64 -24.57 -3.31
N GLU F 58 -20.97 -23.81 -4.19
CA GLU F 58 -21.07 -24.05 -5.66
C GLU F 58 -20.64 -25.48 -5.98
N GLU F 65 -27.37 -22.52 -17.20
CA GLU F 65 -27.73 -21.14 -17.62
C GLU F 65 -27.82 -20.25 -16.37
N LEU F 66 -28.84 -20.45 -15.52
CA LEU F 66 -28.92 -19.68 -14.25
C LEU F 66 -27.96 -20.37 -13.28
N LYS F 67 -26.87 -19.68 -12.96
CA LYS F 67 -25.78 -20.25 -12.11
C LYS F 67 -26.28 -20.54 -10.70
N ASN F 68 -26.10 -21.78 -10.25
CA ASN F 68 -26.42 -22.21 -8.86
C ASN F 68 -27.90 -21.97 -8.52
N LEU F 69 -28.80 -22.15 -9.48
CA LEU F 69 -30.26 -21.91 -9.24
C LEU F 69 -30.74 -22.64 -7.98
N ASN F 70 -30.46 -23.94 -7.86
CA ASN F 70 -30.96 -24.77 -6.72
C ASN F 70 -30.44 -24.24 -5.38
N SER F 71 -29.17 -23.86 -5.31
CA SER F 71 -28.62 -23.35 -4.02
C SER F 71 -29.17 -21.94 -3.73
N VAL F 72 -29.36 -21.13 -4.77
CA VAL F 72 -29.93 -19.77 -4.55
C VAL F 72 -31.37 -19.92 -4.05
N LEU F 73 -32.13 -20.81 -4.67
N LEU F 73 -32.14 -20.80 -4.69
CA LEU F 73 -33.55 -21.01 -4.29
CA LEU F 73 -33.55 -21.03 -4.28
C LEU F 73 -33.62 -21.54 -2.85
C LEU F 73 -33.60 -21.52 -2.84
N ALA F 74 -32.81 -22.56 -2.53
CA ALA F 74 -32.82 -23.17 -1.18
C ALA F 74 -32.46 -22.16 -0.09
N GLY F 75 -31.40 -21.38 -0.27
CA GLY F 75 -31.04 -20.38 0.76
C GLY F 75 -32.11 -19.31 0.92
N ASN F 76 -32.67 -18.83 -0.20
CA ASN F 76 -33.73 -17.78 -0.17
C ASN F 76 -35.02 -18.33 0.46
N GLU F 77 -35.34 -19.62 0.27
CA GLU F 77 -36.56 -20.18 0.93
C GLU F 77 -36.38 -20.10 2.44
N LYS F 78 -35.20 -20.48 2.93
CA LYS F 78 -34.91 -20.51 4.38
C LYS F 78 -34.94 -19.06 4.90
N LEU F 79 -34.34 -18.14 4.15
CA LEU F 79 -34.31 -16.73 4.57
C LEU F 79 -35.74 -16.15 4.61
N ALA F 80 -36.51 -16.37 3.55
CA ALA F 80 -37.89 -15.81 3.44
C ALA F 80 -38.74 -16.22 4.64
N GLN F 81 -38.77 -17.51 4.97
CA GLN F 81 -39.67 -17.94 6.08
C GLN F 81 -39.09 -17.42 7.42
N LYS F 82 -37.78 -17.23 7.53
CA LYS F 82 -37.19 -16.69 8.79
C LYS F 82 -37.56 -15.18 8.94
N VAL F 83 -37.45 -14.42 7.85
CA VAL F 83 -37.84 -12.98 7.84
C VAL F 83 -39.34 -12.87 8.14
N ASN F 84 -40.15 -13.75 7.56
CA ASN F 84 -41.61 -13.75 7.78
C ASN F 84 -41.90 -13.87 9.29
N LYS F 85 -41.24 -14.81 9.95
CA LYS F 85 -41.46 -15.04 11.41
C LYS F 85 -41.07 -13.78 12.18
N VAL F 86 -39.92 -13.19 11.85
CA VAL F 86 -39.45 -11.95 12.55
C VAL F 86 -40.53 -10.86 12.47
N ILE F 87 -41.11 -10.66 11.29
CA ILE F 87 -42.16 -9.62 11.08
C ILE F 87 -43.44 -10.03 11.83
N GLU F 88 -43.82 -11.31 11.79
CA GLU F 88 -45.04 -11.79 12.50
C GLU F 88 -44.88 -11.50 14.01
N GLU F 89 -43.63 -11.47 14.49
CA GLU F 89 -43.33 -11.20 15.94
C GLU F 89 -43.12 -9.70 16.17
N LYS F 90 -43.39 -8.85 15.18
CA LYS F 90 -43.27 -7.38 15.35
C LYS F 90 -41.81 -7.00 15.65
N LYS F 91 -40.85 -7.68 15.03
CA LYS F 91 -39.41 -7.40 15.22
C LYS F 91 -38.86 -6.83 13.90
N PHE F 92 -37.76 -6.10 13.99
CA PHE F 92 -37.12 -5.47 12.80
C PHE F 92 -36.12 -6.44 12.18
N PRO F 93 -36.32 -6.91 10.94
CA PRO F 93 -35.38 -7.82 10.31
C PRO F 93 -34.18 -7.06 9.74
N LEU F 94 -32.98 -7.45 10.17
CA LEU F 94 -31.71 -6.88 9.66
C LEU F 94 -30.92 -8.03 9.05
N VAL F 95 -30.90 -8.09 7.72
CA VAL F 95 -30.22 -9.23 7.03
C VAL F 95 -28.81 -8.80 6.58
N LEU F 96 -27.84 -9.68 6.82
CA LEU F 96 -26.44 -9.40 6.42
C LEU F 96 -26.07 -10.32 5.25
N GLY F 97 -25.54 -9.74 4.18
CA GLY F 97 -25.10 -10.51 3.00
C GLY F 97 -23.58 -10.54 2.94
N GLY F 98 -23.01 -11.36 2.05
CA GLY F 98 -23.78 -12.22 1.16
C GLY F 98 -24.07 -11.55 -0.18
N ASP F 99 -24.31 -12.34 -1.22
CA ASP F 99 -24.54 -11.73 -2.55
C ASP F 99 -25.94 -11.11 -2.55
N HIS F 100 -26.15 -10.16 -3.47
CA HIS F 100 -27.43 -9.40 -3.49
C HIS F 100 -28.61 -10.29 -3.89
N SER F 101 -28.36 -11.55 -4.29
CA SER F 101 -29.50 -12.43 -4.64
C SER F 101 -30.37 -12.68 -3.41
N ILE F 102 -29.81 -12.47 -2.20
CA ILE F 102 -30.60 -12.69 -0.95
C ILE F 102 -31.78 -11.70 -0.85
N ALA F 103 -31.79 -10.62 -1.63
CA ALA F 103 -32.95 -9.71 -1.61
C ALA F 103 -34.22 -10.46 -2.07
N ILE F 104 -34.06 -11.49 -2.91
CA ILE F 104 -35.23 -12.31 -3.35
C ILE F 104 -35.92 -12.88 -2.10
N GLY F 105 -35.15 -13.48 -1.19
CA GLY F 105 -35.72 -14.07 0.04
C GLY F 105 -36.19 -13.00 1.00
N THR F 106 -35.41 -11.92 1.18
CA THR F 106 -35.82 -10.86 2.13
C THR F 106 -37.17 -10.27 1.69
N LEU F 107 -37.30 -9.94 0.40
CA LEU F 107 -38.59 -9.35 -0.06
C LEU F 107 -39.71 -10.40 -0.06
N ALA F 108 -39.39 -11.68 -0.31
CA ALA F 108 -40.45 -12.70 -0.29
C ALA F 108 -41.04 -12.80 1.12
N GLY F 109 -40.19 -12.72 2.14
CA GLY F 109 -40.68 -12.83 3.52
C GLY F 109 -41.32 -11.54 4.05
N THR F 110 -41.08 -10.40 3.38
CA THR F 110 -41.54 -9.07 3.88
C THR F 110 -42.75 -8.51 3.13
N ALA F 111 -42.70 -8.52 1.80
CA ALA F 111 -43.69 -7.81 0.94
C ALA F 111 -45.16 -8.17 1.24
N LYS F 112 -45.44 -9.45 1.50
CA LYS F 112 -46.83 -9.91 1.75
C LYS F 112 -47.41 -9.30 3.04
N HIS F 113 -46.60 -8.66 3.86
CA HIS F 113 -47.07 -8.02 5.11
C HIS F 113 -47.47 -6.57 4.86
N TYR F 114 -47.32 -6.08 3.63
CA TYR F 114 -47.64 -4.66 3.33
C TYR F 114 -48.52 -4.55 2.10
N ASP F 115 -49.34 -3.50 2.05
CA ASP F 115 -50.22 -3.24 0.90
C ASP F 115 -49.39 -2.62 -0.23
N ASN F 116 -48.43 -1.76 0.14
N ASN F 116 -48.38 -1.81 0.18
CA ASN F 116 -47.56 -1.06 -0.84
CA ASN F 116 -47.60 -1.03 -0.80
C ASN F 116 -46.17 -0.89 -0.25
C ASN F 116 -46.17 -0.87 -0.28
N LEU F 117 -45.37 -1.96 -0.30
CA LEU F 117 -43.97 -1.92 0.21
C LEU F 117 -43.08 -1.09 -0.69
N GLY F 118 -42.42 -0.11 -0.10
CA GLY F 118 -41.44 0.71 -0.82
C GLY F 118 -40.08 0.04 -0.77
N VAL F 119 -39.25 0.29 -1.78
CA VAL F 119 -37.88 -0.29 -1.75
C VAL F 119 -36.89 0.80 -2.15
N ILE F 120 -35.92 1.03 -1.27
CA ILE F 120 -34.77 1.93 -1.59
C ILE F 120 -33.62 0.98 -1.92
N TRP F 121 -33.27 0.94 -3.21
CA TRP F 121 -32.20 0.06 -3.75
C TRP F 121 -30.93 0.91 -3.87
N TYR F 122 -30.07 0.82 -2.86
CA TYR F 122 -28.85 1.65 -2.72
C TYR F 122 -27.70 0.81 -3.25
N ASP F 123 -27.30 1.05 -4.49
CA ASP F 123 -26.41 0.10 -5.17
C ASP F 123 -25.77 0.74 -6.41
N ALA F 124 -24.58 0.27 -6.77
CA ALA F 124 -23.96 0.72 -8.03
C ALA F 124 -24.69 0.03 -9.19
N HIS F 125 -25.33 -1.12 -8.91
CA HIS F 125 -26.02 -1.94 -9.94
C HIS F 125 -27.54 -1.87 -9.77
N GLY F 126 -28.26 -1.93 -10.88
CA GLY F 126 -29.73 -1.97 -10.79
C GLY F 126 -30.22 -3.37 -10.45
N ASP F 127 -29.47 -4.40 -10.85
CA ASP F 127 -29.86 -5.80 -10.57
C ASP F 127 -31.26 -6.05 -11.11
N LEU F 128 -31.51 -5.54 -12.32
CA LEU F 128 -32.78 -5.65 -13.08
C LEU F 128 -32.63 -6.62 -14.25
N ASN F 129 -31.62 -7.49 -14.22
CA ASN F 129 -31.43 -8.42 -15.36
C ASN F 129 -32.35 -9.64 -15.30
N THR F 130 -32.50 -10.24 -16.49
CA THR F 130 -33.09 -11.58 -16.69
C THR F 130 -31.98 -12.41 -17.36
N LEU F 131 -32.20 -13.70 -17.58
CA LEU F 131 -31.18 -14.49 -18.29
C LEU F 131 -30.96 -13.88 -19.68
N GLU F 132 -32.02 -13.30 -20.28
CA GLU F 132 -31.95 -12.72 -21.64
C GLU F 132 -31.10 -11.45 -21.69
N THR F 133 -31.00 -10.69 -20.58
CA THR F 133 -30.23 -9.42 -20.60
C THR F 133 -28.89 -9.59 -19.86
N SER F 134 -28.73 -10.67 -19.10
CA SER F 134 -27.51 -10.89 -18.28
C SER F 134 -26.39 -11.51 -19.10
N PRO F 135 -25.21 -10.83 -19.18
CA PRO F 135 -24.05 -11.40 -19.87
C PRO F 135 -23.35 -12.49 -19.05
N SER F 136 -23.91 -12.90 -17.90
CA SER F 136 -23.25 -13.89 -17.00
C SER F 136 -24.20 -15.00 -16.52
N GLY F 137 -25.49 -14.71 -16.41
CA GLY F 137 -26.43 -15.68 -15.84
C GLY F 137 -26.38 -15.62 -14.31
N ASN F 138 -25.68 -14.61 -13.76
CA ASN F 138 -25.57 -14.45 -12.28
C ASN F 138 -26.93 -14.03 -11.71
N ILE F 139 -27.44 -14.78 -10.74
CA ILE F 139 -28.77 -14.44 -10.17
C ILE F 139 -28.63 -13.19 -9.27
N HIS F 140 -27.43 -12.91 -8.75
CA HIS F 140 -27.25 -11.71 -7.88
C HIS F 140 -27.37 -10.42 -8.71
N GLY F 141 -27.42 -10.52 -10.05
CA GLY F 141 -27.66 -9.34 -10.89
C GLY F 141 -29.12 -9.30 -11.35
N MET F 142 -29.99 -10.07 -10.69
CA MET F 142 -31.40 -10.19 -11.12
C MET F 142 -32.40 -10.01 -10.00
N PRO F 143 -32.03 -9.83 -8.71
CA PRO F 143 -33.05 -9.83 -7.66
C PRO F 143 -34.14 -8.76 -7.71
N LEU F 144 -33.80 -7.56 -8.19
CA LEU F 144 -34.85 -6.52 -8.26
C LEU F 144 -35.86 -6.91 -9.36
N ALA F 145 -35.37 -7.38 -10.51
CA ALA F 145 -36.31 -7.81 -11.57
C ALA F 145 -37.16 -8.98 -11.04
N VAL F 146 -36.52 -9.95 -10.40
CA VAL F 146 -37.26 -11.13 -9.86
C VAL F 146 -38.37 -10.65 -8.91
N SER F 147 -38.03 -9.71 -8.02
CA SER F 147 -38.98 -9.19 -7.01
C SER F 147 -40.12 -8.39 -7.66
N LEU F 148 -39.89 -7.85 -8.88
CA LEU F 148 -40.94 -7.11 -9.62
C LEU F 148 -41.77 -8.09 -10.46
N GLY F 149 -41.46 -9.40 -10.38
CA GLY F 149 -42.24 -10.43 -11.08
C GLY F 149 -41.70 -10.77 -12.45
N ILE F 150 -40.46 -10.37 -12.75
CA ILE F 150 -39.84 -10.59 -14.08
C ILE F 150 -38.63 -11.52 -13.95
N GLY F 151 -38.70 -12.72 -14.52
CA GLY F 151 -37.57 -13.65 -14.44
C GLY F 151 -38.00 -15.09 -14.35
N HIS F 152 -37.09 -15.94 -13.86
CA HIS F 152 -37.35 -17.40 -13.75
C HIS F 152 -38.53 -17.67 -12.81
N GLU F 153 -39.46 -18.51 -13.26
CA GLU F 153 -40.71 -18.85 -12.53
C GLU F 153 -40.44 -19.19 -11.07
N SER F 154 -39.50 -20.10 -10.80
CA SER F 154 -39.25 -20.56 -9.41
C SER F 154 -38.73 -19.41 -8.53
N LEU F 155 -37.98 -18.47 -9.12
CA LEU F 155 -37.46 -17.33 -8.31
C LEU F 155 -38.59 -16.30 -8.06
N VAL F 156 -39.32 -15.98 -9.12
CA VAL F 156 -40.44 -14.98 -9.10
C VAL F 156 -41.57 -15.43 -8.16
N ASN F 157 -41.86 -16.74 -8.12
CA ASN F 157 -42.99 -17.30 -7.32
C ASN F 157 -42.52 -17.84 -5.97
N LEU F 158 -41.34 -17.42 -5.50
CA LEU F 158 -40.88 -17.90 -4.18
C LEU F 158 -41.94 -17.55 -3.12
N GLU F 159 -42.27 -18.52 -2.27
CA GLU F 159 -43.27 -18.37 -1.16
C GLU F 159 -44.70 -18.30 -1.71
N GLY F 160 -44.90 -18.60 -3.00
CA GLY F 160 -46.26 -18.78 -3.56
C GLY F 160 -47.01 -17.51 -3.91
N TYR F 161 -46.33 -16.40 -4.15
CA TYR F 161 -47.05 -15.16 -4.58
C TYR F 161 -46.11 -14.30 -5.41
N ALA F 162 -46.68 -13.50 -6.31
CA ALA F 162 -45.89 -12.60 -7.20
C ALA F 162 -46.83 -11.56 -7.79
N PRO F 163 -46.35 -10.32 -8.07
CA PRO F 163 -44.98 -9.93 -7.76
C PRO F 163 -44.87 -9.47 -6.30
N LYS F 164 -43.64 -9.41 -5.77
CA LYS F 164 -43.48 -8.91 -4.38
C LYS F 164 -43.68 -7.40 -4.34
N ILE F 165 -43.13 -6.67 -5.31
CA ILE F 165 -43.16 -5.18 -5.31
C ILE F 165 -43.59 -4.65 -6.68
N LYS F 166 -44.02 -3.39 -6.70
CA LYS F 166 -44.46 -2.68 -7.92
C LYS F 166 -43.38 -1.69 -8.32
N PRO F 167 -43.19 -1.45 -9.63
CA PRO F 167 -42.13 -0.55 -10.10
C PRO F 167 -42.25 0.89 -9.60
N GLU F 168 -43.49 1.38 -9.37
CA GLU F 168 -43.70 2.77 -8.90
C GLU F 168 -43.28 2.91 -7.44
N ASN F 169 -42.98 1.81 -6.75
CA ASN F 169 -42.60 1.88 -5.31
C ASN F 169 -41.11 1.66 -5.10
N VAL F 170 -40.31 1.71 -6.19
CA VAL F 170 -38.85 1.50 -6.09
C VAL F 170 -38.13 2.82 -6.35
N VAL F 171 -37.08 3.07 -5.57
CA VAL F 171 -36.16 4.21 -5.83
C VAL F 171 -34.75 3.63 -5.83
N ILE F 172 -34.06 3.72 -6.95
CA ILE F 172 -32.65 3.26 -7.01
C ILE F 172 -31.75 4.48 -6.74
N ILE F 173 -30.75 4.30 -5.86
CA ILE F 173 -29.80 5.40 -5.51
C ILE F 173 -28.36 4.90 -5.66
N GLY F 174 -27.58 5.58 -6.50
CA GLY F 174 -26.13 5.29 -6.68
C GLY F 174 -25.79 4.54 -7.96
N ALA F 175 -26.79 4.27 -8.80
CA ALA F 175 -26.58 3.47 -10.03
C ALA F 175 -25.48 4.05 -10.93
N ARG F 176 -24.64 3.17 -11.48
CA ARG F 176 -23.54 3.59 -12.37
C ARG F 176 -23.07 2.41 -13.22
N SER F 177 -23.81 1.30 -13.17
CA SER F 177 -23.52 0.09 -13.98
C SER F 177 -24.85 -0.56 -14.38
N LEU F 178 -25.45 -0.05 -15.46
CA LEU F 178 -26.74 -0.54 -16.00
C LEU F 178 -26.53 -0.99 -17.45
N ASP F 179 -26.92 -2.21 -17.80
CA ASP F 179 -26.75 -2.69 -19.19
C ASP F 179 -27.94 -2.20 -20.04
N GLU F 180 -27.89 -2.41 -21.35
CA GLU F 180 -28.96 -1.88 -22.25
C GLU F 180 -30.34 -2.39 -21.83
N GLY F 181 -30.48 -3.68 -21.50
CA GLY F 181 -31.79 -4.24 -21.11
C GLY F 181 -32.35 -3.56 -19.86
N GLU F 182 -31.49 -3.32 -18.89
CA GLU F 182 -31.90 -2.64 -17.63
C GLU F 182 -32.32 -1.20 -17.93
N ARG F 183 -31.54 -0.47 -18.73
CA ARG F 183 -31.90 0.94 -19.09
C ARG F 183 -33.26 0.96 -19.80
N LYS F 184 -33.46 0.06 -20.77
CA LYS F 184 -34.74 -0.01 -21.52
C LYS F 184 -35.90 -0.19 -20.52
N TYR F 185 -35.76 -1.11 -19.57
CA TYR F 185 -36.85 -1.37 -18.59
C TYR F 185 -37.08 -0.16 -17.70
N ILE F 186 -36.02 0.50 -17.26
CA ILE F 186 -36.15 1.69 -16.38
C ILE F 186 -36.96 2.78 -17.11
N LYS F 187 -36.62 3.05 -18.37
CA LYS F 187 -37.31 4.09 -19.17
C LYS F 187 -38.77 3.69 -19.46
N GLU F 188 -39.02 2.42 -19.78
CA GLU F 188 -40.40 1.96 -20.13
C GLU F 188 -41.29 1.88 -18.89
N SER F 189 -40.74 1.49 -17.74
CA SER F 189 -41.53 1.35 -16.48
C SER F 189 -41.69 2.70 -15.77
N GLY F 190 -40.87 3.70 -16.10
CA GLY F 190 -40.90 5.03 -15.45
C GLY F 190 -40.30 4.94 -14.05
N MET F 191 -39.47 3.93 -13.82
CA MET F 191 -38.87 3.74 -12.47
C MET F 191 -38.01 4.95 -12.05
N LYS F 192 -38.08 5.29 -10.76
CA LYS F 192 -37.32 6.43 -10.21
C LYS F 192 -35.87 5.98 -9.97
N VAL F 193 -34.92 6.62 -10.65
CA VAL F 193 -33.50 6.21 -10.48
C VAL F 193 -32.63 7.46 -10.32
N TYR F 194 -31.84 7.48 -9.26
CA TYR F 194 -30.85 8.55 -9.03
C TYR F 194 -29.47 7.96 -9.33
N THR F 195 -29.01 8.12 -10.57
CA THR F 195 -27.65 7.67 -10.90
C THR F 195 -26.65 8.60 -10.19
N MET F 196 -25.38 8.27 -10.28
CA MET F 196 -24.35 9.15 -9.69
C MET F 196 -24.43 10.55 -10.33
N HIS F 197 -24.87 10.64 -11.59
CA HIS F 197 -24.97 11.98 -12.22
C HIS F 197 -25.99 12.84 -11.44
N GLU F 198 -27.14 12.27 -11.09
CA GLU F 198 -28.18 13.04 -10.34
C GLU F 198 -27.66 13.35 -8.92
N ILE F 199 -26.95 12.41 -8.31
CA ILE F 199 -26.43 12.71 -6.94
C ILE F 199 -25.44 13.88 -7.03
N ASP F 200 -24.55 13.87 -8.04
CA ASP F 200 -23.56 14.95 -8.25
C ASP F 200 -24.29 16.29 -8.45
N ARG F 201 -25.37 16.29 -9.23
CA ARG F 201 -26.09 17.53 -9.59
C ARG F 201 -27.00 18.00 -8.44
N LEU F 202 -27.78 17.12 -7.81
CA LEU F 202 -28.76 17.53 -6.76
C LEU F 202 -28.17 17.55 -5.34
N GLY F 203 -27.19 16.68 -5.06
CA GLY F 203 -26.69 16.54 -3.68
C GLY F 203 -27.50 15.49 -2.93
N MET F 204 -26.89 14.75 -1.98
CA MET F 204 -27.63 13.66 -1.29
C MET F 204 -28.83 14.20 -0.49
N THR F 205 -28.74 15.38 0.13
CA THR F 205 -29.89 15.91 0.91
C THR F 205 -31.15 15.95 0.03
N LYS F 206 -31.05 16.55 -1.15
CA LYS F 206 -32.21 16.68 -2.05
C LYS F 206 -32.64 15.28 -2.54
N VAL F 207 -31.70 14.41 -2.87
CA VAL F 207 -32.04 13.05 -3.34
C VAL F 207 -32.89 12.35 -2.26
N ILE F 208 -32.48 12.44 -1.00
CA ILE F 208 -33.26 11.73 0.06
C ILE F 208 -34.59 12.44 0.31
N GLU F 209 -34.62 13.77 0.28
CA GLU F 209 -35.91 14.48 0.47
C GLU F 209 -36.89 14.06 -0.64
N GLU F 210 -36.41 13.99 -1.89
CA GLU F 210 -37.28 13.61 -3.02
C GLU F 210 -37.72 12.13 -2.87
N THR F 211 -36.81 11.28 -2.43
CA THR F 211 -37.11 9.84 -2.22
C THR F 211 -38.23 9.68 -1.18
N LEU F 212 -38.12 10.39 -0.06
CA LEU F 212 -39.15 10.31 1.02
C LEU F 212 -40.51 10.78 0.51
N ASP F 213 -40.51 11.84 -0.31
N ASP F 213 -40.54 11.87 -0.28
CA ASP F 213 -41.75 12.41 -0.89
CA ASP F 213 -41.82 12.38 -0.85
C ASP F 213 -42.37 11.38 -1.84
C ASP F 213 -42.39 11.35 -1.83
N TYR F 214 -41.54 10.81 -2.72
CA TYR F 214 -41.98 9.84 -3.75
C TYR F 214 -42.56 8.56 -3.12
N LEU F 215 -42.03 8.13 -1.97
CA LEU F 215 -42.48 6.87 -1.32
C LEU F 215 -43.43 7.15 -0.15
N SER F 216 -43.95 8.39 -0.05
CA SER F 216 -44.78 8.80 1.11
C SER F 216 -46.06 7.95 1.26
N ALA F 217 -46.57 7.36 0.17
CA ALA F 217 -47.84 6.59 0.25
C ALA F 217 -47.56 5.11 0.63
N CYS F 218 -46.30 4.71 0.71
CA CYS F 218 -45.97 3.31 1.06
C CYS F 218 -46.27 3.06 2.55
N ASP F 219 -46.73 1.84 2.91
CA ASP F 219 -47.09 1.52 4.32
C ASP F 219 -45.88 0.88 5.00
N GLY F 220 -44.83 0.63 4.22
CA GLY F 220 -43.56 0.09 4.72
C GLY F 220 -42.50 0.38 3.70
N VAL F 221 -41.24 0.44 4.13
CA VAL F 221 -40.12 0.71 3.19
C VAL F 221 -38.95 -0.20 3.58
N HIS F 222 -38.48 -0.96 2.60
CA HIS F 222 -37.32 -1.85 2.78
C HIS F 222 -36.08 -1.16 2.21
N LEU F 223 -35.00 -1.12 2.99
CA LEU F 223 -33.72 -0.58 2.50
C LEU F 223 -32.85 -1.77 2.08
N SER F 224 -32.51 -1.84 0.80
CA SER F 224 -31.59 -2.91 0.31
C SER F 224 -30.27 -2.21 0.03
N LEU F 225 -29.34 -2.21 1.01
CA LEU F 225 -28.09 -1.43 0.81
C LEU F 225 -26.91 -2.35 0.48
N ASP F 226 -26.45 -2.20 -0.75
CA ASP F 226 -25.26 -2.91 -1.27
C ASP F 226 -24.07 -1.99 -0.94
N LEU F 227 -23.06 -2.49 -0.23
CA LEU F 227 -21.93 -1.60 0.11
C LEU F 227 -21.22 -1.13 -1.17
N ASP F 228 -21.46 -1.79 -2.33
CA ASP F 228 -20.80 -1.34 -3.58
C ASP F 228 -21.45 -0.04 -4.07
N GLY F 229 -22.51 0.42 -3.42
CA GLY F 229 -23.05 1.74 -3.80
C GLY F 229 -22.04 2.80 -3.40
N LEU F 230 -21.26 2.52 -2.36
CA LEU F 230 -20.24 3.49 -1.94
C LEU F 230 -19.04 3.40 -2.87
N ASP F 231 -18.28 4.50 -2.95
CA ASP F 231 -17.05 4.52 -3.77
C ASP F 231 -16.07 3.47 -3.25
N PRO F 232 -15.33 2.73 -4.12
CA PRO F 232 -14.33 1.76 -3.67
C PRO F 232 -13.27 2.35 -2.72
N ASN F 233 -13.06 3.67 -2.75
CA ASN F 233 -12.10 4.31 -1.80
C ASN F 233 -12.64 4.20 -0.36
N ASP F 234 -13.97 4.26 -0.20
CA ASP F 234 -14.64 4.22 1.13
C ASP F 234 -15.07 2.78 1.47
N ALA F 235 -15.38 1.97 0.46
CA ALA F 235 -15.86 0.58 0.67
C ALA F 235 -15.12 -0.31 -0.32
N PRO F 236 -13.80 -0.52 -0.15
CA PRO F 236 -13.05 -1.34 -1.09
C PRO F 236 -13.46 -2.82 -1.06
N GLY F 237 -13.92 -3.28 0.09
CA GLY F 237 -14.25 -4.70 0.29
C GLY F 237 -15.65 -5.05 -0.14
N VAL F 238 -15.89 -5.13 -1.46
CA VAL F 238 -17.23 -5.48 -2.02
C VAL F 238 -17.05 -6.53 -3.12
N GLY F 239 -18.12 -7.26 -3.45
CA GLY F 239 -18.05 -8.34 -4.46
C GLY F 239 -17.69 -7.82 -5.84
N THR F 240 -18.27 -6.67 -6.23
CA THR F 240 -18.04 -6.11 -7.59
C THR F 240 -17.88 -4.60 -7.47
N PRO F 241 -16.67 -4.09 -7.19
CA PRO F 241 -16.46 -2.66 -7.07
C PRO F 241 -16.63 -1.91 -8.41
N VAL F 242 -17.20 -0.71 -8.32
CA VAL F 242 -17.40 0.16 -9.52
C VAL F 242 -16.92 1.55 -9.12
N VAL F 243 -16.00 2.12 -9.90
CA VAL F 243 -15.43 3.46 -9.60
C VAL F 243 -16.52 4.54 -9.57
N GLY F 244 -16.23 5.65 -8.87
CA GLY F 244 -17.07 6.87 -8.84
C GLY F 244 -18.39 6.68 -8.11
N GLY F 245 -18.32 6.24 -6.86
CA GLY F 245 -19.51 5.97 -6.05
C GLY F 245 -19.77 7.02 -4.96
N ILE F 246 -20.75 6.72 -4.14
CA ILE F 246 -21.23 7.61 -3.05
C ILE F 246 -20.17 7.62 -1.94
N SER F 247 -19.97 8.77 -1.31
CA SER F 247 -18.95 8.85 -0.24
C SER F 247 -19.49 8.29 1.08
N TYR F 248 -18.58 8.03 2.01
CA TYR F 248 -19.01 7.62 3.36
C TYR F 248 -19.88 8.73 3.98
N ARG F 249 -19.45 9.98 3.85
CA ARG F 249 -20.23 11.09 4.47
C ARG F 249 -21.63 11.20 3.86
N GLU F 250 -21.74 11.04 2.55
CA GLU F 250 -23.06 11.09 1.88
C GLU F 250 -23.94 9.94 2.38
N SER F 251 -23.34 8.75 2.51
CA SER F 251 -24.08 7.56 2.97
C SER F 251 -24.53 7.72 4.43
N HIS F 252 -23.63 8.25 5.27
CA HIS F 252 -23.90 8.48 6.70
C HIS F 252 -25.07 9.46 6.84
N LEU F 253 -25.01 10.54 6.07
CA LEU F 253 -26.10 11.56 6.08
C LEU F 253 -27.41 10.89 5.63
N ALA F 254 -27.36 10.08 4.58
CA ALA F 254 -28.58 9.43 4.06
C ALA F 254 -29.20 8.55 5.15
N MET F 255 -28.37 7.81 5.90
CA MET F 255 -28.89 6.88 6.92
C MET F 255 -29.53 7.69 8.06
N GLU F 256 -28.90 8.81 8.43
CA GLU F 256 -29.43 9.70 9.48
C GLU F 256 -30.78 10.26 9.05
N MET F 257 -30.91 10.68 7.78
CA MET F 257 -32.18 11.27 7.27
C MET F 257 -33.28 10.18 7.21
N LEU F 258 -32.90 8.95 6.86
CA LEU F 258 -33.88 7.83 6.80
C LEU F 258 -34.35 7.52 8.22
N TYR F 259 -33.43 7.52 9.20
CA TYR F 259 -33.88 7.28 10.59
C TYR F 259 -34.87 8.35 11.03
N ASP F 260 -34.54 9.62 10.77
CA ASP F 260 -35.41 10.75 11.19
C ASP F 260 -36.80 10.63 10.56
N ALA F 261 -36.88 10.11 9.33
CA ALA F 261 -38.18 9.98 8.65
C ALA F 261 -39.02 8.85 9.27
N GLY F 262 -38.38 7.88 9.93
CA GLY F 262 -39.06 6.74 10.57
C GLY F 262 -39.82 5.85 9.59
N ILE F 263 -39.39 5.80 8.32
CA ILE F 263 -40.11 5.00 7.28
C ILE F 263 -39.50 3.61 7.06
N ILE F 264 -38.25 3.36 7.50
CA ILE F 264 -37.60 2.05 7.22
C ILE F 264 -38.13 0.99 8.19
N THR F 265 -38.72 -0.07 7.64
CA THR F 265 -39.34 -1.17 8.41
C THR F 265 -38.53 -2.46 8.27
N SER F 266 -37.56 -2.50 7.36
CA SER F 266 -36.68 -3.69 7.18
C SER F 266 -35.40 -3.26 6.44
N ALA F 267 -34.28 -3.97 6.65
CA ALA F 267 -33.07 -3.59 5.91
C ALA F 267 -32.13 -4.78 5.71
N GLU F 268 -31.36 -4.72 4.62
CA GLU F 268 -30.29 -5.72 4.39
C GLU F 268 -29.06 -4.92 3.97
N PHE F 269 -27.90 -5.35 4.48
CA PHE F 269 -26.56 -4.78 4.20
C PHE F 269 -25.78 -5.91 3.54
N VAL F 270 -25.54 -5.76 2.23
CA VAL F 270 -25.00 -6.92 1.46
C VAL F 270 -23.71 -6.60 0.71
N GLU F 271 -23.12 -7.68 0.18
CA GLU F 271 -21.96 -7.66 -0.74
C GLU F 271 -20.65 -7.25 -0.06
N VAL F 272 -20.57 -7.35 1.27
CA VAL F 272 -19.26 -7.11 1.94
C VAL F 272 -18.33 -8.28 1.57
N ASN F 273 -17.12 -7.94 1.11
CA ASN F 273 -16.12 -8.94 0.63
C ASN F 273 -14.76 -8.69 1.30
N PRO F 274 -14.42 -9.47 2.35
CA PRO F 274 -13.13 -9.32 3.03
C PRO F 274 -11.92 -9.49 2.10
N ILE F 275 -12.03 -10.26 1.00
CA ILE F 275 -10.88 -10.49 0.08
C ILE F 275 -10.31 -9.16 -0.44
N LEU F 276 -11.17 -8.19 -0.82
CA LEU F 276 -10.69 -6.89 -1.36
C LEU F 276 -10.69 -5.79 -0.30
N ASP F 277 -11.05 -6.13 0.94
CA ASP F 277 -11.15 -5.08 1.99
C ASP F 277 -9.76 -4.74 2.55
N HIS F 278 -9.70 -3.61 3.26
CA HIS F 278 -8.46 -3.15 3.93
C HIS F 278 -8.74 -3.08 5.43
N LYS F 279 -8.24 -4.06 6.19
CA LYS F 279 -8.42 -4.14 7.67
C LYS F 279 -9.89 -3.92 8.06
N ASN F 280 -10.80 -4.57 7.35
CA ASN F 280 -12.26 -4.55 7.65
C ASN F 280 -12.83 -3.13 7.57
N LYS F 281 -12.24 -2.25 6.75
CA LYS F 281 -12.80 -0.89 6.57
C LYS F 281 -14.28 -0.97 6.12
N THR F 282 -14.58 -1.93 5.25
CA THR F 282 -15.97 -2.04 4.71
C THR F 282 -16.89 -2.67 5.75
N GLY F 283 -16.40 -3.65 6.54
CA GLY F 283 -17.25 -4.23 7.59
C GLY F 283 -17.57 -3.17 8.63
N LYS F 284 -16.56 -2.37 9.01
CA LYS F 284 -16.73 -1.27 10.00
C LYS F 284 -17.72 -0.24 9.45
N THR F 285 -17.58 0.11 8.17
CA THR F 285 -18.49 1.06 7.51
C THR F 285 -19.92 0.53 7.54
N ALA F 286 -20.10 -0.76 7.27
CA ALA F 286 -21.46 -1.36 7.31
C ALA F 286 -22.04 -1.15 8.71
N VAL F 287 -21.26 -1.42 9.76
CA VAL F 287 -21.80 -1.26 11.14
C VAL F 287 -22.15 0.21 11.41
N GLU F 288 -21.27 1.15 11.03
N GLU F 288 -21.27 1.14 11.00
CA GLU F 288 -21.54 2.60 11.23
CA GLU F 288 -21.49 2.59 11.22
C GLU F 288 -22.84 2.99 10.52
C GLU F 288 -22.76 3.05 10.49
N LEU F 289 -23.02 2.52 9.29
CA LEU F 289 -24.26 2.87 8.54
C LEU F 289 -25.48 2.23 9.20
N VAL F 290 -25.36 1.00 9.71
CA VAL F 290 -26.51 0.39 10.45
C VAL F 290 -26.82 1.23 11.70
N GLU F 291 -25.77 1.61 12.45
CA GLU F 291 -25.96 2.42 13.67
C GLU F 291 -26.74 3.70 13.34
N SER F 292 -26.33 4.39 12.27
CA SER F 292 -26.98 5.66 11.86
C SER F 292 -28.43 5.40 11.43
N LEU F 293 -28.66 4.31 10.68
CA LEU F 293 -30.03 3.98 10.23
C LEU F 293 -30.91 3.71 11.45
N LEU F 294 -30.31 3.21 12.55
CA LEU F 294 -31.11 2.83 13.74
C LEU F 294 -31.07 3.94 14.80
N GLY F 295 -30.60 5.14 14.45
CA GLY F 295 -30.76 6.31 15.32
C GLY F 295 -29.52 6.86 15.99
N LYS F 296 -28.35 6.27 15.75
CA LYS F 296 -27.12 6.82 16.38
C LYS F 296 -26.90 8.25 15.85
N LYS F 297 -26.59 9.19 16.73
CA LYS F 297 -26.31 10.60 16.32
C LYS F 297 -24.89 10.96 16.78
N LEU F 298 -24.27 11.92 16.09
CA LEU F 298 -22.92 12.41 16.48
C LEU F 298 -23.02 13.30 17.73
N LEU F 299 -24.21 13.87 18.01
CA LEU F 299 -24.42 14.75 19.20
C LEU F 299 -25.81 14.50 19.77
#